data_8EJH
#
_entry.id   8EJH
#
loop_
_entity.id
_entity.type
_entity.pdbx_description
1 polymer 'Glycoprotein G1'
2 polymer 'Glycoprotein G2'
3 polymer '12.1F Fab heavy chain'
4 polymer '12.1F Fab light chain'
5 branched beta-D-mannopyranose-(1-4)-2-acetamido-2-deoxy-beta-D-glucopyranose-(1-4)-2-acetamido-2-deoxy-beta-D-glucopyranose
6 branched alpha-D-mannopyranose-(1-3)-alpha-D-mannopyranose-(1-6)-beta-D-mannopyranose-(1-4)-2-acetamido-2-deoxy-beta-D-glucopyranose-(1-4)-2-acetamido-2-deoxy-beta-D-glucopyranose
7 branched 2-acetamido-2-deoxy-beta-D-glucopyranose-(1-4)-2-acetamido-2-deoxy-beta-D-glucopyranose
8 branched alpha-D-mannopyranose-(1-2)-alpha-D-mannopyranose-(1-3)-[alpha-D-mannopyranose-(1-3)-alpha-D-mannopyranose-(1-6)]beta-D-mannopyranose-(1-4)-2-acetamido-2-deoxy-beta-D-glucopyranose-(1-4)-2-acetamido-2-deoxy-beta-D-glucopyranose
9 non-polymer 2-acetamido-2-deoxy-beta-D-glucopyranose
10 non-polymer alpha-D-mannopyranose
#
loop_
_entity_poly.entity_id
_entity_poly.type
_entity_poly.pdbx_seq_one_letter_code
_entity_poly.pdbx_strand_id
1 'polypeptide(L)'
;MGQIVTFFQEVPHVIEEVMNIVLIALSVLAVLKGLYNFATCGLVGLVTFLLLCGRSCTTSLYKGVYELQTLELNMETLNM
TMPLSCTKNNSHHYIMVGNETGLELTLTNTSIINHKFCNLSDAHKKNLYDHALMSIISTFHLSIPNFNQYEAMSCDFNGG
KISVQYNLSHSYAGDAANHCGTVANGVLQTFMRMAWGGSYIALDSGCGNWDCIMTSYQYLIIQNTTWEDHCQFSRPSPIG
YLGLLSQRTRDIYISRRRR
;
C,B,A
2 'polypeptide(L)'
;GTFTWTLSDSEGKDTPGGYCLTRWMLIEAELKCFGNTAVAKCNEKHDEEFCDMLRLFDFNKQAIQRLKAPAQMSIQLINK
AVNALINDQLIMKNHLRDIMCIPYCNYSKYWYLNHTTTGRTSLPKCWLVSNGSYLNETHFSDDIEQQADNMITEMLQKEY
MERQGGSGGSGGSGGSGGSEKAAKAEEAARKMEELFKKHKIVAVLRANSVEEAIEKAVAVFAGGVHLIEITFTVPDADTV
IKALSVLKEKGAIIGAGTVTSVEQCRKAVESGAEFIVSPHLDEEISQFCKEKGVFYMPGVMTPTELVKAMKLGHDILKLF
PGEVVGPEFVKAMKGPFPNVKFVPTGGVDLDNVCEWFDAGVLAVGVGDALVEGDPDEVREKAKEFVEKIRGCTEGSLEWS
HPQFEK
;
c,b,a
3 'polypeptide(L)'
;QVQLQESGAGLLKPSETLSLSCTVDGESFNGFFWTWIRQPPGKGLEWIGEINHLASTGYNPSLKSRVTISVDTSKNQFSL
KLTSVTAADTAVYYCARGYSYGFAWPNYHYLDVWGKGTTVTVSS
;
H,J,h
4 'polypeptide(L)'
;ETTLTQSPATLSLSPGERATLSCRASQSVSSYLAWYQHKPGQAPRLLIYGASKRATGIPSRFSGSGSGTDFSLTISSLEP
EDFAVYYCQHRSDWRTTFGQGTRLEIKK
;
L,K,l
#
loop_
_chem_comp.id
_chem_comp.type
_chem_comp.name
_chem_comp.formula
BMA D-saccharide, beta linking beta-D-mannopyranose 'C6 H12 O6'
MAN D-saccharide, alpha linking alpha-D-mannopyranose 'C6 H12 O6'
NAG D-saccharide, beta linking 2-acetamido-2-deoxy-beta-D-glucopyranose 'C8 H15 N O6'
#
# COMPACT_ATOMS: atom_id res chain seq x y z
N THR A 59 -15.37 -47.00 17.10
CA THR A 59 -15.29 -46.16 18.27
C THR A 59 -16.75 -45.85 18.66
N SER A 60 -17.32 -44.78 18.07
CA SER A 60 -18.72 -44.32 18.23
C SER A 60 -19.66 -44.97 17.22
N LEU A 61 -19.09 -45.64 16.23
CA LEU A 61 -19.81 -46.34 15.19
C LEU A 61 -21.01 -45.61 14.59
N TYR A 62 -20.75 -44.58 13.85
CA TYR A 62 -21.84 -43.85 13.26
C TYR A 62 -22.43 -44.76 12.21
N LYS A 63 -23.76 -44.84 12.20
CA LYS A 63 -24.52 -45.71 11.28
C LYS A 63 -24.20 -47.20 11.49
N GLY A 64 -23.47 -47.51 12.56
CA GLY A 64 -23.09 -48.88 12.89
C GLY A 64 -21.86 -49.33 12.11
N VAL A 65 -21.34 -48.49 11.20
CA VAL A 65 -20.21 -48.88 10.37
C VAL A 65 -19.03 -47.92 10.35
N TYR A 66 -19.15 -46.70 10.87
CA TYR A 66 -18.03 -45.78 10.77
C TYR A 66 -17.39 -45.42 12.08
N GLU A 67 -16.11 -45.74 12.19
CA GLU A 67 -15.42 -45.38 13.40
C GLU A 67 -15.10 -43.92 13.29
N LEU A 68 -15.18 -43.21 14.38
CA LEU A 68 -14.82 -41.84 14.35
C LEU A 68 -13.40 -41.75 14.84
N GLN A 69 -12.54 -41.26 13.97
CA GLN A 69 -11.11 -41.20 14.18
C GLN A 69 -10.56 -39.79 14.04
N THR A 70 -9.41 -39.52 14.64
CA THR A 70 -8.82 -38.19 14.50
C THR A 70 -7.38 -38.13 14.06
N LEU A 71 -7.05 -36.98 13.49
CA LEU A 71 -5.70 -36.58 13.13
C LEU A 71 -5.37 -35.33 13.88
N GLU A 72 -4.11 -35.13 14.21
CA GLU A 72 -3.69 -33.83 14.70
C GLU A 72 -2.45 -33.50 13.92
N LEU A 73 -2.37 -32.31 13.36
CA LEU A 73 -1.23 -32.02 12.51
C LEU A 73 -0.03 -31.50 13.27
N ASN A 74 1.14 -32.01 12.89
CA ASN A 74 2.37 -31.61 13.53
C ASN A 74 2.93 -30.37 12.91
N MET A 75 2.31 -29.24 13.20
CA MET A 75 2.70 -27.99 12.58
C MET A 75 3.96 -27.42 13.20
N GLU A 76 5.02 -28.17 13.06
CA GLU A 76 6.32 -27.85 13.57
C GLU A 76 7.24 -28.04 12.42
N THR A 77 6.84 -28.96 11.53
CA THR A 77 7.73 -29.33 10.43
C THR A 77 7.71 -28.27 9.35
N LEU A 78 6.79 -27.35 9.52
CA LEU A 78 6.58 -26.20 8.67
C LEU A 78 7.59 -25.04 8.92
N ASN A 79 8.40 -25.08 10.03
CA ASN A 79 9.32 -24.02 10.47
C ASN A 79 10.38 -23.63 9.41
N MET A 80 10.75 -24.57 8.51
CA MET A 80 11.73 -24.40 7.45
C MET A 80 11.25 -23.43 6.37
N THR A 81 9.92 -23.29 6.23
CA THR A 81 9.37 -22.44 5.19
C THR A 81 8.55 -21.25 5.70
N MET A 82 7.85 -21.39 6.83
CA MET A 82 6.97 -20.32 7.26
C MET A 82 7.05 -20.09 8.78
N PRO A 83 6.88 -18.85 9.29
CA PRO A 83 6.90 -18.54 10.70
C PRO A 83 5.81 -19.24 11.46
N LEU A 84 6.11 -19.63 12.69
CA LEU A 84 5.14 -20.28 13.55
C LEU A 84 4.99 -19.50 14.84
N SER A 85 3.76 -19.27 15.30
CA SER A 85 3.61 -18.58 16.57
C SER A 85 2.93 -19.45 17.63
N CYS A 86 3.18 -19.14 18.94
CA CYS A 86 2.59 -19.83 20.09
C CYS A 86 2.61 -18.94 21.34
N THR A 87 1.95 -19.40 22.40
CA THR A 87 1.82 -18.53 23.60
C THR A 87 2.38 -19.20 24.87
N LYS A 88 3.11 -18.43 25.69
CA LYS A 88 3.57 -18.96 26.99
C LYS A 88 2.77 -18.21 28.07
N ASN A 89 2.00 -18.93 28.89
CA ASN A 89 1.10 -18.27 29.89
C ASN A 89 0.27 -17.21 29.15
N ASN A 90 0.17 -15.99 29.70
CA ASN A 90 -0.56 -14.90 28.99
C ASN A 90 0.36 -13.71 28.73
N SER A 91 1.53 -13.65 29.39
CA SER A 91 2.41 -12.46 29.27
C SER A 91 3.47 -12.66 28.19
N HIS A 92 3.52 -13.83 27.54
CA HIS A 92 4.61 -14.10 26.57
C HIS A 92 4.07 -14.80 25.31
N HIS A 93 4.37 -14.23 24.14
CA HIS A 93 3.94 -14.83 22.86
C HIS A 93 5.14 -14.88 21.92
N TYR A 94 5.36 -15.99 21.23
CA TYR A 94 6.55 -16.11 20.43
C TYR A 94 6.29 -16.35 18.97
N ILE A 95 7.19 -15.83 18.14
CA ILE A 95 7.16 -16.13 16.71
C ILE A 95 8.52 -16.67 16.31
N MET A 96 8.58 -17.89 15.82
CA MET A 96 9.86 -18.44 15.43
C MET A 96 10.01 -18.37 13.92
N VAL A 97 11.23 -18.12 13.45
CA VAL A 97 11.54 -18.04 12.03
C VAL A 97 12.55 -19.07 11.60
N GLY A 98 12.48 -20.21 12.25
CA GLY A 98 13.37 -21.31 12.00
C GLY A 98 13.73 -21.91 13.34
N ASN A 99 14.78 -22.73 13.39
CA ASN A 99 15.27 -23.43 14.59
C ASN A 99 16.42 -22.67 15.31
N GLU A 100 16.69 -21.39 14.91
CA GLU A 100 17.76 -20.52 15.44
C GLU A 100 17.24 -19.30 16.19
N THR A 101 16.42 -18.46 15.54
CA THR A 101 15.94 -17.22 16.16
C THR A 101 14.46 -16.96 15.98
N GLY A 102 14.01 -15.86 16.58
CA GLY A 102 12.61 -15.42 16.52
C GLY A 102 12.33 -14.18 17.35
N LEU A 103 11.05 -13.84 17.49
CA LEU A 103 10.60 -12.68 18.26
C LEU A 103 9.82 -13.07 19.51
N GLU A 104 9.94 -12.26 20.54
CA GLU A 104 9.15 -12.38 21.75
C GLU A 104 8.20 -11.22 21.77
N LEU A 105 6.96 -11.47 22.12
CA LEU A 105 5.99 -10.42 22.21
C LEU A 105 5.47 -10.47 23.60
N THR A 106 5.63 -9.40 24.34
CA THR A 106 5.15 -9.50 25.69
C THR A 106 4.21 -8.40 26.05
N LEU A 107 3.30 -8.74 26.93
CA LEU A 107 2.44 -7.72 27.49
C LEU A 107 2.97 -7.43 28.86
N THR A 108 3.42 -6.21 29.06
CA THR A 108 4.06 -5.83 30.30
C THR A 108 3.49 -4.52 30.86
N ASN A 109 3.80 -4.24 32.15
CA ASN A 109 3.48 -2.99 32.86
C ASN A 109 4.74 -2.15 33.17
N THR A 110 5.84 -2.40 32.43
CA THR A 110 7.13 -1.72 32.46
C THR A 110 7.50 -1.42 31.04
N SER A 111 8.50 -0.58 30.88
CA SER A 111 8.95 -0.25 29.56
C SER A 111 10.44 -0.31 29.53
N ILE A 112 11.00 -0.45 28.35
CA ILE A 112 12.42 -0.49 28.19
C ILE A 112 12.86 0.85 27.65
N ILE A 113 12.13 1.33 26.67
CA ILE A 113 12.46 2.56 25.99
C ILE A 113 11.63 3.71 26.59
N ASN A 114 12.31 4.76 27.05
CA ASN A 114 11.68 5.91 27.68
C ASN A 114 11.69 7.17 26.82
N HIS A 115 11.67 6.99 25.53
CA HIS A 115 11.66 8.10 24.60
C HIS A 115 10.70 7.81 23.46
N LYS A 116 10.58 8.77 22.55
CA LYS A 116 9.66 8.72 21.42
C LYS A 116 10.28 8.52 20.03
N PHE A 117 11.52 8.04 19.97
CA PHE A 117 12.11 7.85 18.65
C PHE A 117 12.04 6.40 18.18
N CYS A 118 11.86 6.21 16.86
CA CYS A 118 11.96 4.93 16.15
C CYS A 118 12.74 5.21 14.86
N ASN A 119 14.04 5.00 14.91
CA ASN A 119 14.89 5.46 13.81
C ASN A 119 14.98 4.43 12.69
N LEU A 120 13.87 4.33 11.92
CA LEU A 120 13.70 3.42 10.78
C LEU A 120 14.60 3.79 9.62
N SER A 121 14.87 5.07 9.44
CA SER A 121 15.71 5.43 8.31
C SER A 121 17.11 4.87 8.54
N ASP A 122 17.60 4.99 9.77
CA ASP A 122 18.95 4.50 10.07
C ASP A 122 18.95 2.99 10.09
N ALA A 123 17.81 2.42 10.51
CA ALA A 123 17.66 0.99 10.56
C ALA A 123 17.90 0.41 9.19
N HIS A 124 17.49 1.12 8.14
CA HIS A 124 17.68 0.63 6.79
C HIS A 124 18.96 1.14 6.10
N LYS A 125 19.51 2.27 6.54
CA LYS A 125 20.78 2.73 5.95
C LYS A 125 21.84 1.67 6.24
N LYS A 126 21.78 1.15 7.45
CA LYS A 126 22.67 0.10 7.86
C LYS A 126 21.91 -1.18 7.61
N ASN A 127 22.57 -2.31 7.46
CA ASN A 127 21.78 -3.52 7.30
C ASN A 127 22.31 -4.60 8.21
N LEU A 128 22.12 -4.39 9.49
CA LEU A 128 22.63 -5.28 10.50
C LEU A 128 21.55 -6.19 11.06
N TYR A 129 20.33 -6.03 10.57
CA TYR A 129 19.20 -6.77 11.11
C TYR A 129 18.86 -8.02 10.32
N ASP A 130 18.24 -8.99 10.97
CA ASP A 130 17.74 -10.16 10.26
C ASP A 130 16.58 -9.76 9.38
N HIS A 131 16.61 -10.17 8.13
CA HIS A 131 15.57 -9.75 7.21
C HIS A 131 14.20 -10.34 7.55
N ALA A 132 14.14 -11.59 8.04
CA ALA A 132 12.84 -12.17 8.32
C ALA A 132 12.25 -11.50 9.52
N LEU A 133 13.11 -11.17 10.47
CA LEU A 133 12.56 -10.58 11.67
C LEU A 133 12.02 -9.19 11.35
N MET A 134 12.71 -8.45 10.49
CA MET A 134 12.22 -7.11 10.13
C MET A 134 10.93 -7.21 9.34
N SER A 135 10.81 -8.24 8.51
CA SER A 135 9.61 -8.45 7.71
C SER A 135 8.41 -8.66 8.62
N ILE A 136 8.61 -9.46 9.67
CA ILE A 136 7.55 -9.73 10.61
C ILE A 136 7.17 -8.47 11.37
N ILE A 137 8.14 -7.66 11.79
CA ILE A 137 7.81 -6.43 12.51
C ILE A 137 7.01 -5.53 11.60
N SER A 138 7.40 -5.43 10.33
CA SER A 138 6.65 -4.61 9.41
C SER A 138 5.25 -5.12 9.21
N THR A 139 5.11 -6.42 9.05
CA THR A 139 3.81 -7.01 8.83
C THR A 139 2.93 -6.72 10.02
N PHE A 140 3.47 -6.83 11.23
CA PHE A 140 2.67 -6.51 12.38
C PHE A 140 2.27 -5.03 12.38
N HIS A 141 3.24 -4.15 12.20
CA HIS A 141 3.00 -2.72 12.28
C HIS A 141 2.03 -2.17 11.27
N LEU A 142 2.18 -2.60 10.04
CA LEU A 142 1.38 -2.08 8.96
C LEU A 142 -0.03 -2.62 9.01
N SER A 143 -0.29 -3.59 9.88
CA SER A 143 -1.58 -4.18 9.99
C SER A 143 -2.41 -3.50 11.05
N ILE A 144 -1.83 -2.53 11.77
CA ILE A 144 -2.56 -1.86 12.82
C ILE A 144 -3.48 -0.86 12.16
N PRO A 145 -4.80 -0.95 12.31
CA PRO A 145 -5.74 -0.08 11.68
C PRO A 145 -5.71 1.29 12.29
N ASN A 146 -5.96 2.30 11.47
CA ASN A 146 -6.13 3.65 11.95
C ASN A 146 -5.01 4.10 12.89
N PHE A 147 -3.77 3.82 12.52
CA PHE A 147 -2.68 4.17 13.42
C PHE A 147 -2.29 5.62 13.23
N ASN A 148 -3.12 6.50 13.73
CA ASN A 148 -2.96 7.93 13.62
C ASN A 148 -1.95 8.53 14.61
N GLN A 149 -1.78 7.88 15.75
CA GLN A 149 -0.86 8.35 16.78
C GLN A 149 0.47 7.63 16.74
N TYR A 150 1.50 8.34 16.29
CA TYR A 150 2.81 7.74 16.10
C TYR A 150 3.71 7.91 17.30
N GLU A 151 3.30 8.75 18.24
CA GLU A 151 4.04 8.97 19.46
C GLU A 151 3.97 7.74 20.36
N ALA A 152 3.05 6.84 20.02
CA ALA A 152 2.83 5.61 20.74
C ALA A 152 3.86 4.54 20.38
N MET A 153 4.66 4.77 19.32
CA MET A 153 5.64 3.77 18.91
C MET A 153 7.08 4.24 19.08
N SER A 154 7.91 3.43 19.74
CA SER A 154 9.33 3.77 19.93
C SER A 154 10.19 2.54 19.62
N CYS A 155 11.45 2.73 19.13
CA CYS A 155 12.33 1.60 18.74
C CYS A 155 13.80 1.87 19.07
N ASP A 156 14.63 0.83 18.96
CA ASP A 156 16.08 0.99 19.25
C ASP A 156 16.91 0.26 18.19
N PHE A 157 16.70 0.57 16.90
CA PHE A 157 17.41 -0.21 15.89
C PHE A 157 18.88 0.18 15.75
N ASN A 158 19.67 -0.27 16.71
CA ASN A 158 21.08 0.04 16.82
C ASN A 158 21.89 -1.23 17.03
N GLY A 159 22.73 -1.55 16.05
CA GLY A 159 23.54 -2.75 16.09
C GLY A 159 22.91 -3.93 15.38
N GLY A 160 21.67 -3.77 14.94
CA GLY A 160 20.92 -4.83 14.27
C GLY A 160 19.90 -5.45 15.20
N LYS A 161 19.97 -5.04 16.44
CA LYS A 161 19.09 -5.48 17.49
C LYS A 161 17.72 -4.88 17.26
N ILE A 162 16.66 -5.65 17.51
CA ILE A 162 15.31 -5.13 17.39
C ILE A 162 14.50 -5.17 18.67
N SER A 163 14.05 -3.99 19.11
CA SER A 163 13.10 -3.85 20.21
C SER A 163 12.14 -2.74 19.83
N VAL A 164 10.86 -3.09 19.76
CA VAL A 164 9.82 -2.16 19.37
C VAL A 164 8.73 -2.09 20.42
N GLN A 165 8.39 -0.88 20.85
CA GLN A 165 7.34 -0.77 21.84
C GLN A 165 6.12 -0.05 21.34
N TYR A 166 4.97 -0.55 21.74
CA TYR A 166 3.72 0.13 21.48
C TYR A 166 3.08 0.49 22.83
N ASN A 167 2.78 1.78 23.03
CA ASN A 167 2.17 2.34 24.23
C ASN A 167 0.63 2.22 24.14
N LEU A 168 0.04 1.36 25.01
CA LEU A 168 -1.38 1.02 25.06
C LEU A 168 -2.12 1.87 26.07
N SER A 169 -1.43 2.82 26.69
CA SER A 169 -2.08 3.61 27.73
C SER A 169 -3.21 4.44 27.19
N HIS A 170 -4.24 4.55 28.00
CA HIS A 170 -5.43 5.33 27.68
C HIS A 170 -5.19 6.79 28.05
N SER A 171 -5.87 7.73 27.33
CA SER A 171 -5.85 9.18 27.54
C SER A 171 -4.40 9.72 27.48
N ALA A 176 -9.08 7.11 26.35
CA ALA A 176 -9.75 7.16 27.66
C ALA A 176 -10.58 5.87 27.98
N ALA A 177 -10.21 4.72 27.36
CA ALA A 177 -10.75 3.34 27.55
C ALA A 177 -12.19 3.19 27.09
N ASN A 178 -13.09 3.97 27.68
CA ASN A 178 -14.49 3.91 27.25
C ASN A 178 -14.55 4.52 25.86
N HIS A 179 -13.68 5.49 25.64
CA HIS A 179 -13.55 6.10 24.34
C HIS A 179 -12.54 5.23 23.58
N CYS A 180 -12.97 4.01 23.19
CA CYS A 180 -12.13 2.99 22.58
C CYS A 180 -11.86 3.30 21.11
N GLY A 181 -10.90 2.60 20.52
CA GLY A 181 -10.62 2.77 19.11
C GLY A 181 -9.48 3.74 18.78
N THR A 182 -8.71 4.14 19.79
CA THR A 182 -7.60 5.05 19.60
C THR A 182 -6.31 4.29 19.28
N VAL A 183 -5.57 3.89 20.29
CA VAL A 183 -4.33 3.14 20.04
C VAL A 183 -4.38 1.72 20.51
N ALA A 184 -4.72 1.50 21.78
CA ALA A 184 -4.63 0.16 22.30
C ALA A 184 -5.50 -0.81 21.54
N ASN A 185 -6.65 -0.38 21.08
CA ASN A 185 -7.52 -1.29 20.37
C ASN A 185 -6.84 -1.81 19.12
N GLY A 186 -6.38 -0.93 18.24
CA GLY A 186 -5.78 -1.39 17.00
C GLY A 186 -4.53 -2.24 17.24
N VAL A 187 -3.74 -1.91 18.26
CA VAL A 187 -2.54 -2.67 18.50
C VAL A 187 -2.91 -4.06 18.99
N LEU A 188 -3.85 -4.14 19.93
CA LEU A 188 -4.25 -5.41 20.48
C LEU A 188 -5.00 -6.27 19.48
N GLN A 189 -5.77 -5.67 18.57
CA GLN A 189 -6.45 -6.47 17.57
C GLN A 189 -5.43 -7.12 16.65
N THR A 190 -4.37 -6.38 16.33
CA THR A 190 -3.35 -6.92 15.45
C THR A 190 -2.65 -8.08 16.16
N PHE A 191 -2.38 -7.89 17.44
CA PHE A 191 -1.76 -8.89 18.32
C PHE A 191 -2.59 -10.17 18.34
N MET A 192 -3.91 -10.04 18.49
CA MET A 192 -4.75 -11.23 18.52
C MET A 192 -4.68 -12.04 17.25
N ARG A 193 -4.28 -11.45 16.13
CA ARG A 193 -4.20 -12.21 14.92
C ARG A 193 -2.81 -12.85 14.85
N MET A 194 -1.77 -12.12 15.23
CA MET A 194 -0.41 -12.63 15.13
C MET A 194 -0.18 -13.85 16.03
N ALA A 195 -0.86 -13.86 17.17
CA ALA A 195 -0.76 -14.95 18.13
C ALA A 195 -2.11 -15.66 18.23
N TRP A 196 -2.85 -15.65 17.13
CA TRP A 196 -4.17 -16.21 17.14
C TRP A 196 -4.23 -17.65 17.56
N GLY A 197 -5.14 -17.91 18.48
CA GLY A 197 -5.40 -19.21 19.06
C GLY A 197 -4.75 -19.36 20.42
N GLY A 198 -3.73 -18.54 20.71
CA GLY A 198 -3.07 -18.60 22.00
C GLY A 198 -3.17 -17.26 22.70
N SER A 199 -3.90 -16.34 22.09
CA SER A 199 -4.08 -14.97 22.55
C SER A 199 -5.34 -14.74 23.35
N TYR A 200 -6.24 -15.70 23.35
CA TYR A 200 -7.56 -15.54 23.95
C TYR A 200 -7.57 -15.30 25.45
N ILE A 201 -6.46 -15.62 26.12
CA ILE A 201 -6.38 -15.46 27.60
C ILE A 201 -5.48 -14.28 27.94
N ALA A 202 -4.90 -13.63 26.93
CA ALA A 202 -3.96 -12.55 27.19
C ALA A 202 -4.64 -11.22 27.45
N LEU A 203 -5.80 -11.04 26.84
CA LEU A 203 -6.52 -9.79 26.93
C LEU A 203 -7.76 -10.00 27.76
N ASP A 204 -8.28 -8.94 28.38
CA ASP A 204 -9.46 -9.16 29.18
C ASP A 204 -10.67 -9.06 28.28
N SER A 205 -11.84 -9.27 28.84
CA SER A 205 -13.06 -9.11 28.05
C SER A 205 -12.97 -9.79 26.69
N GLY A 206 -12.57 -11.06 26.65
CA GLY A 206 -12.51 -11.72 25.35
C GLY A 206 -13.92 -11.75 24.77
N CYS A 207 -14.04 -11.63 23.40
CA CYS A 207 -15.29 -11.56 22.64
C CYS A 207 -16.08 -10.31 23.10
N GLY A 208 -17.40 -10.34 23.26
CA GLY A 208 -18.13 -9.15 23.74
C GLY A 208 -18.39 -8.03 22.73
N ASN A 209 -17.30 -7.58 22.13
CA ASN A 209 -17.27 -6.51 21.15
C ASN A 209 -16.15 -6.88 20.17
N TRP A 210 -15.85 -6.03 19.20
CA TRP A 210 -14.78 -6.39 18.27
C TRP A 210 -13.87 -5.22 18.21
N ASP A 211 -14.47 -4.11 18.58
CA ASP A 211 -13.95 -2.77 18.54
C ASP A 211 -13.43 -2.10 19.81
N CYS A 212 -13.52 -2.74 21.01
CA CYS A 212 -13.04 -2.16 22.28
C CYS A 212 -12.25 -3.27 22.97
N ILE A 213 -11.09 -3.55 22.41
CA ILE A 213 -10.24 -4.59 22.91
C ILE A 213 -9.27 -3.93 23.85
N MET A 214 -9.23 -4.42 25.07
CA MET A 214 -8.41 -3.84 26.12
C MET A 214 -7.79 -4.86 27.04
N THR A 215 -6.67 -4.47 27.61
CA THR A 215 -6.02 -5.27 28.63
C THR A 215 -5.58 -4.46 29.80
N SER A 216 -5.14 -5.17 30.82
CA SER A 216 -4.65 -4.57 32.05
C SER A 216 -3.24 -4.04 31.88
N TYR A 217 -2.57 -4.49 30.84
CA TYR A 217 -1.20 -4.11 30.56
C TYR A 217 -1.08 -2.77 29.85
N GLN A 218 -0.07 -2.01 30.22
CA GLN A 218 0.18 -0.74 29.53
C GLN A 218 1.07 -0.84 28.28
N TYR A 219 1.91 -1.87 28.15
CA TYR A 219 2.77 -1.90 26.98
C TYR A 219 2.83 -3.23 26.22
N LEU A 220 2.91 -3.12 24.90
CA LEU A 220 3.20 -4.28 24.07
C LEU A 220 4.63 -4.14 23.58
N ILE A 221 5.47 -5.10 23.95
CA ILE A 221 6.86 -4.98 23.58
C ILE A 221 7.32 -6.14 22.74
N ILE A 222 7.89 -5.84 21.57
CA ILE A 222 8.36 -6.90 20.69
C ILE A 222 9.87 -6.88 20.59
N GLN A 223 10.53 -8.00 20.91
CA GLN A 223 11.99 -8.05 20.88
C GLN A 223 12.54 -9.30 20.17
N ASN A 224 13.79 -9.20 19.73
CA ASN A 224 14.46 -10.37 19.08
C ASN A 224 15.02 -11.30 20.16
N THR A 225 14.89 -12.61 19.96
CA THR A 225 15.36 -13.64 20.90
C THR A 225 15.96 -14.86 20.21
N THR A 226 16.28 -15.87 21.02
CA THR A 226 16.82 -17.11 20.47
C THR A 226 15.74 -18.17 20.45
N TRP A 227 15.94 -19.22 19.65
CA TRP A 227 15.01 -20.32 19.62
C TRP A 227 15.17 -21.19 20.84
N GLU A 228 14.05 -21.56 21.43
CA GLU A 228 13.87 -22.48 22.53
C GLU A 228 12.52 -23.05 22.19
N ASP A 229 12.12 -24.20 22.70
CA ASP A 229 10.79 -24.62 22.35
C ASP A 229 9.74 -23.49 22.55
N HIS A 230 9.73 -22.89 23.73
CA HIS A 230 8.87 -21.75 24.10
C HIS A 230 7.34 -21.90 24.04
N CYS A 231 6.78 -23.12 23.83
CA CYS A 231 5.31 -23.26 23.65
C CYS A 231 4.68 -24.12 24.75
N GLN A 232 3.74 -23.52 25.50
CA GLN A 232 3.15 -24.27 26.65
C GLN A 232 1.63 -24.09 26.70
N PHE A 233 1.09 -23.06 26.04
CA PHE A 233 -0.36 -22.78 26.15
C PHE A 233 -1.08 -23.14 24.84
N SER A 234 -0.35 -23.17 23.73
CA SER A 234 -0.96 -23.42 22.43
C SER A 234 0.02 -24.16 21.55
N ARG A 235 -0.49 -24.92 20.60
CA ARG A 235 0.33 -25.63 19.67
C ARG A 235 0.90 -24.59 18.73
N PRO A 236 2.14 -24.69 18.24
CA PRO A 236 2.70 -23.81 17.25
C PRO A 236 1.82 -23.81 16.04
N SER A 237 1.64 -22.64 15.45
CA SER A 237 0.81 -22.55 14.26
C SER A 237 1.25 -21.45 13.31
N PRO A 238 1.26 -21.69 12.00
CA PRO A 238 1.61 -20.74 10.99
C PRO A 238 0.50 -19.77 10.70
N ILE A 239 -0.68 -20.04 11.23
CA ILE A 239 -1.87 -19.30 10.87
C ILE A 239 -1.82 -17.84 11.28
N GLY A 240 -1.29 -17.52 12.45
CA GLY A 240 -1.28 -16.12 12.87
C GLY A 240 -0.54 -15.24 11.87
N TYR A 241 0.70 -15.63 11.57
CA TYR A 241 1.49 -14.87 10.62
C TYR A 241 0.80 -14.83 9.27
N LEU A 242 0.34 -15.97 8.79
CA LEU A 242 -0.27 -16.01 7.48
C LEU A 242 -1.52 -15.13 7.47
N GLY A 243 -2.27 -15.10 8.56
CA GLY A 243 -3.47 -14.30 8.65
C GLY A 243 -3.18 -12.81 8.45
N LEU A 244 -2.01 -12.33 8.85
CA LEU A 244 -1.63 -10.93 8.67
C LEU A 244 -0.78 -10.69 7.44
N LEU A 245 -0.54 -11.75 6.67
CA LEU A 245 0.27 -11.62 5.48
C LEU A 245 -0.59 -10.98 4.42
N SER A 246 -1.83 -11.44 4.34
CA SER A 246 -2.81 -10.92 3.42
C SER A 246 -3.48 -9.74 4.08
N GLN A 247 -4.18 -8.93 3.30
CA GLN A 247 -4.88 -7.77 3.83
C GLN A 247 -3.87 -6.86 4.56
N ARG A 248 -2.68 -6.73 3.97
CA ARG A 248 -1.59 -5.91 4.49
C ARG A 248 -1.88 -4.43 4.51
N THR A 249 -2.62 -3.94 3.53
CA THR A 249 -2.88 -2.53 3.41
C THR A 249 -4.36 -2.23 3.50
N ARG A 250 -4.85 -2.06 4.71
CA ARG A 250 -6.26 -1.81 5.02
C ARG A 250 -6.31 -0.79 6.14
N ASP A 251 -7.37 0.00 6.24
CA ASP A 251 -7.50 0.96 7.34
C ASP A 251 -6.29 1.88 7.48
N ILE A 252 -5.86 2.43 6.35
CA ILE A 252 -4.76 3.36 6.30
C ILE A 252 -5.27 4.75 6.07
N TYR A 253 -4.94 5.65 6.98
CA TYR A 253 -5.32 7.04 6.86
C TYR A 253 -4.40 7.74 5.88
N ILE A 254 -4.88 8.81 5.26
CA ILE A 254 -4.08 9.49 4.26
C ILE A 254 -2.97 10.18 5.04
N SER A 255 -1.68 9.99 4.64
CA SER A 255 -0.46 10.55 5.24
C SER A 255 -0.58 10.85 6.74
N THR B 59 -3.58 -38.19 -35.59
CA THR B 59 -2.17 -37.90 -35.46
C THR B 59 -1.58 -39.08 -34.65
N SER B 60 -1.63 -38.98 -33.31
CA SER B 60 -1.19 -40.00 -32.33
C SER B 60 -2.32 -40.97 -31.96
N LEU B 61 -3.54 -40.63 -32.36
CA LEU B 61 -4.73 -41.42 -32.12
C LEU B 61 -4.87 -42.03 -30.75
N TYR B 62 -5.11 -41.20 -29.77
CA TYR B 62 -5.26 -41.71 -28.43
C TYR B 62 -6.56 -42.48 -28.42
N LYS B 63 -6.51 -43.67 -27.83
CA LYS B 63 -7.65 -44.60 -27.75
C LYS B 63 -8.12 -45.06 -29.14
N GLY B 64 -7.35 -44.73 -30.18
CA GLY B 64 -7.66 -45.10 -31.54
C GLY B 64 -8.64 -44.13 -32.19
N VAL B 65 -9.13 -43.14 -31.43
CA VAL B 65 -10.12 -42.21 -31.96
C VAL B 65 -9.83 -40.72 -31.78
N TYR B 66 -8.81 -40.34 -30.99
CA TYR B 66 -8.59 -38.92 -30.80
C TYR B 66 -7.30 -38.40 -31.37
N GLU B 67 -7.42 -37.46 -32.27
CA GLU B 67 -6.23 -36.88 -32.83
C GLU B 67 -5.73 -35.90 -31.81
N LEU B 68 -4.44 -35.80 -31.67
CA LEU B 68 -3.89 -34.84 -30.77
C LEU B 68 -3.52 -33.65 -31.60
N GLN B 69 -4.15 -32.53 -31.29
CA GLN B 69 -4.03 -31.29 -32.04
C GLN B 69 -3.60 -30.13 -31.17
N THR B 70 -3.02 -29.10 -31.77
CA THR B 70 -2.61 -27.94 -30.98
C THR B 70 -3.10 -26.58 -31.45
N LEU B 71 -3.13 -25.67 -30.49
CA LEU B 71 -3.38 -24.26 -30.71
C LEU B 71 -2.19 -23.49 -30.22
N GLU B 72 -1.91 -22.36 -30.81
CA GLU B 72 -0.93 -21.46 -30.21
C GLU B 72 -1.58 -20.11 -30.26
N LEU B 73 -1.58 -19.39 -29.14
CA LEU B 73 -2.30 -18.13 -29.14
C LEU B 73 -1.48 -16.96 -29.63
N ASN B 74 -2.11 -16.12 -30.45
CA ASN B 74 -1.46 -14.97 -31.01
C ASN B 74 -1.51 -13.81 -30.08
N MET B 75 -0.73 -13.86 -29.01
CA MET B 75 -0.79 -12.83 -27.99
C MET B 75 -0.07 -11.56 -28.43
N GLU B 76 -0.59 -10.97 -29.47
CA GLU B 76 -0.09 -9.78 -30.07
C GLU B 76 -1.26 -8.89 -30.20
N THR B 77 -2.44 -9.52 -30.36
CA THR B 77 -3.65 -8.76 -30.63
C THR B 77 -4.16 -8.11 -29.38
N LEU B 78 -3.55 -8.50 -28.28
CA LEU B 78 -3.83 -8.00 -26.95
C LEU B 78 -3.17 -6.62 -26.65
N ASN B 79 -2.23 -6.11 -27.53
CA ASN B 79 -1.45 -4.87 -27.34
C ASN B 79 -2.31 -3.61 -27.13
N MET B 80 -3.54 -3.60 -27.67
CA MET B 80 -4.50 -2.49 -27.61
C MET B 80 -5.03 -2.28 -26.19
N THR B 81 -5.00 -3.35 -25.36
CA THR B 81 -5.53 -3.27 -24.01
C THR B 81 -4.51 -3.49 -22.91
N MET B 82 -3.51 -4.34 -23.12
CA MET B 82 -2.60 -4.67 -22.03
C MET B 82 -1.14 -4.73 -22.51
N PRO B 83 -0.14 -4.37 -21.68
CA PRO B 83 1.26 -4.43 -22.01
C PRO B 83 1.73 -5.83 -22.32
N LEU B 84 2.64 -5.94 -23.27
CA LEU B 84 3.22 -7.23 -23.64
C LEU B 84 4.72 -7.20 -23.49
N SER B 85 5.31 -8.22 -22.88
CA SER B 85 6.77 -8.22 -22.79
C SER B 85 7.39 -9.39 -23.56
N CYS B 86 8.69 -9.24 -23.96
CA CYS B 86 9.48 -10.26 -24.67
C CYS B 86 10.98 -10.02 -24.50
N THR B 87 11.79 -10.97 -24.96
CA THR B 87 13.25 -10.87 -24.71
C THR B 87 14.06 -10.89 -25.99
N LYS B 88 15.08 -10.02 -26.10
CA LYS B 88 16.01 -10.08 -27.26
C LYS B 88 17.35 -10.59 -26.72
N ASN B 89 17.84 -11.73 -27.22
CA ASN B 89 19.08 -12.35 -26.68
C ASN B 89 18.92 -12.46 -25.15
N ASN B 90 19.95 -12.05 -24.38
CA ASN B 90 19.82 -12.07 -22.90
C ASN B 90 20.03 -10.66 -22.33
N SER B 91 20.57 -9.73 -23.13
CA SER B 91 20.91 -8.38 -22.59
C SER B 91 19.77 -7.38 -22.83
N HIS B 92 18.69 -7.80 -23.49
CA HIS B 92 17.62 -6.82 -23.85
C HIS B 92 16.23 -7.42 -23.61
N HIS B 93 15.40 -6.71 -22.86
CA HIS B 93 14.01 -7.16 -22.58
C HIS B 93 13.07 -5.99 -22.84
N TYR B 94 11.95 -6.23 -23.53
CA TYR B 94 11.10 -5.12 -23.88
C TYR B 94 9.70 -5.23 -23.36
N ILE B 95 9.11 -4.07 -23.06
CA ILE B 95 7.69 -4.01 -22.70
C ILE B 95 7.01 -3.03 -23.62
N MET B 96 6.05 -3.47 -24.40
CA MET B 96 5.36 -2.56 -25.29
C MET B 96 4.02 -2.16 -24.71
N VAL B 97 3.63 -0.91 -24.93
CA VAL B 97 2.35 -0.37 -24.44
C VAL B 97 1.46 0.08 -25.57
N GLY B 98 1.56 -0.62 -26.67
CA GLY B 98 0.80 -0.32 -27.86
C GLY B 98 1.74 -0.52 -29.03
N ASN B 99 1.36 0.01 -30.21
CA ASN B 99 2.10 -0.08 -31.47
C ASN B 99 3.00 1.16 -31.74
N GLU B 100 3.17 2.05 -30.73
CA GLU B 100 3.95 3.31 -30.79
C GLU B 100 5.18 3.32 -29.89
N THR B 101 5.00 3.11 -28.58
CA THR B 101 6.13 3.18 -27.63
C THR B 101 6.17 2.04 -26.64
N GLY B 102 7.22 2.07 -25.81
CA GLY B 102 7.45 1.08 -24.76
C GLY B 102 8.74 1.29 -23.99
N LEU B 103 9.11 0.31 -23.17
CA LEU B 103 10.33 0.35 -22.36
C LEU B 103 11.34 -0.70 -22.78
N GLU B 104 12.61 -0.38 -22.63
CA GLU B 104 13.70 -1.31 -22.82
C GLU B 104 14.28 -1.60 -21.46
N LEU B 105 14.57 -2.83 -21.20
CA LEU B 105 15.17 -3.21 -19.94
C LEU B 105 16.44 -3.90 -20.27
N THR B 106 17.55 -3.38 -19.82
CA THR B 106 18.76 -4.05 -20.21
C THR B 106 19.61 -4.40 -19.05
N LEU B 107 20.33 -5.48 -19.22
CA LEU B 107 21.33 -5.84 -18.23
C LEU B 107 22.65 -5.46 -18.82
N THR B 108 23.32 -4.52 -18.17
CA THR B 108 24.56 -3.99 -18.70
C THR B 108 25.66 -3.95 -17.64
N ASN B 109 26.91 -3.75 -18.10
CA ASN B 109 28.11 -3.55 -17.26
C ASN B 109 28.67 -2.11 -17.35
N THR B 110 27.82 -1.16 -17.79
CA THR B 110 28.04 0.28 -17.92
C THR B 110 26.87 0.97 -17.29
N SER B 111 27.01 2.25 -17.07
CA SER B 111 25.93 3.00 -16.50
C SER B 111 25.78 4.28 -17.27
N ILE B 112 24.61 4.87 -17.18
CA ILE B 112 24.36 6.12 -17.85
C ILE B 112 24.40 7.22 -16.81
N ILE B 113 23.79 6.96 -15.68
CA ILE B 113 23.68 7.93 -14.62
C ILE B 113 24.76 7.66 -13.58
N ASN B 114 25.57 8.68 -13.28
CA ASN B 114 26.69 8.57 -12.34
C ASN B 114 26.44 9.31 -11.02
N HIS B 115 25.20 9.41 -10.63
CA HIS B 115 24.84 10.07 -9.40
C HIS B 115 23.76 9.29 -8.69
N LYS B 116 23.35 9.78 -7.52
CA LYS B 116 22.37 9.13 -6.65
C LYS B 116 21.00 9.79 -6.56
N PHE B 117 20.65 10.64 -7.51
CA PHE B 117 19.33 11.28 -7.41
C PHE B 117 18.30 10.62 -8.32
N CYS B 118 17.04 10.58 -7.85
CA CYS B 118 15.85 10.17 -8.59
C CYS B 118 14.76 11.17 -8.22
N ASN B 119 14.62 12.20 -9.06
CA ASN B 119 13.77 13.32 -8.67
C ASN B 119 12.30 13.10 -9.07
N LEU B 120 11.64 12.21 -8.29
CA LEU B 120 10.25 11.81 -8.45
C LEU B 120 9.29 12.94 -8.14
N SER B 121 9.65 13.81 -7.20
CA SER B 121 8.74 14.88 -6.89
C SER B 121 8.60 15.80 -8.09
N ASP B 122 9.73 16.09 -8.76
CA ASP B 122 9.71 16.98 -9.91
C ASP B 122 9.08 16.27 -11.08
N ALA B 123 9.28 14.95 -11.13
CA ALA B 123 8.73 14.14 -12.18
C ALA B 123 7.23 14.28 -12.20
N HIS B 124 6.62 14.44 -11.02
CA HIS B 124 5.18 14.57 -10.94
C HIS B 124 4.68 16.03 -10.90
N LYS B 125 5.53 16.98 -10.49
CA LYS B 125 5.10 18.38 -10.52
C LYS B 125 4.84 18.76 -11.96
N LYS B 126 5.71 18.27 -12.83
CA LYS B 126 5.57 18.49 -14.25
C LYS B 126 4.86 17.26 -14.76
N ASN B 127 4.19 17.33 -15.89
CA ASN B 127 3.58 16.10 -16.38
C ASN B 127 3.90 15.90 -17.84
N LEU B 128 5.17 15.64 -18.10
CA LEU B 128 5.66 15.50 -19.45
C LEU B 128 5.85 14.04 -19.83
N TYR B 129 5.57 13.14 -18.92
CA TYR B 129 5.82 11.72 -19.15
C TYR B 129 4.58 10.97 -19.62
N ASP B 130 4.80 9.87 -20.34
CA ASP B 130 3.69 8.99 -20.71
C ASP B 130 3.15 8.32 -19.47
N HIS B 131 1.85 8.35 -19.29
CA HIS B 131 1.27 7.79 -18.10
C HIS B 131 1.42 6.27 -18.01
N ALA B 132 1.34 5.55 -19.14
CA ALA B 132 1.42 4.10 -19.06
C ALA B 132 2.83 3.72 -18.74
N LEU B 133 3.78 4.46 -19.28
CA LEU B 133 5.15 4.08 -19.04
C LEU B 133 5.49 4.32 -17.59
N MET B 134 4.97 5.40 -16.99
CA MET B 134 5.26 5.66 -15.59
C MET B 134 4.60 4.62 -14.71
N SER B 135 3.41 4.16 -15.11
CA SER B 135 2.68 3.15 -14.36
C SER B 135 3.50 1.87 -14.30
N ILE B 136 4.09 1.49 -15.43
CA ILE B 136 4.90 0.30 -15.50
C ILE B 136 6.14 0.44 -14.64
N ILE B 137 6.80 1.60 -14.67
CA ILE B 137 7.99 1.79 -13.84
C ILE B 137 7.62 1.65 -12.39
N SER B 138 6.49 2.24 -12.00
CA SER B 138 6.06 2.12 -10.62
C SER B 138 5.76 0.69 -10.25
N THR B 139 5.07 -0.01 -11.11
CA THR B 139 4.71 -1.39 -10.84
C THR B 139 5.97 -2.20 -10.66
N PHE B 140 6.97 -1.98 -11.50
CA PHE B 140 8.21 -2.70 -11.33
C PHE B 140 8.85 -2.34 -9.99
N HIS B 141 9.01 -1.06 -9.72
CA HIS B 141 9.71 -0.61 -8.52
C HIS B 141 9.10 -1.04 -7.22
N LEU B 142 7.80 -0.91 -7.12
CA LEU B 142 7.09 -1.19 -5.89
C LEU B 142 7.00 -2.67 -5.64
N SER B 143 7.40 -3.49 -6.61
CA SER B 143 7.33 -4.92 -6.47
C SER B 143 8.64 -5.48 -5.96
N ILE B 144 9.66 -4.63 -5.79
CA ILE B 144 10.94 -5.11 -5.33
C ILE B 144 10.83 -5.33 -3.84
N PRO B 145 11.03 -6.55 -3.33
CA PRO B 145 10.88 -6.85 -1.94
C PRO B 145 12.02 -6.28 -1.15
N ASN B 146 11.73 -5.88 0.08
CA ASN B 146 12.76 -5.47 1.02
C ASN B 146 13.71 -4.43 0.44
N PHE B 147 13.18 -3.44 -0.25
CA PHE B 147 14.07 -2.47 -0.86
C PHE B 147 14.48 -1.41 0.14
N ASN B 148 15.37 -1.81 1.02
CA ASN B 148 15.87 -0.96 2.08
C ASN B 148 16.96 0.03 1.66
N GLN B 149 17.69 -0.30 0.61
CA GLN B 149 18.76 0.54 0.11
C GLN B 149 18.32 1.38 -1.08
N TYR B 150 18.14 2.67 -0.86
CA TYR B 150 17.63 3.56 -1.89
C TYR B 150 18.72 4.23 -2.69
N GLU B 151 19.95 4.13 -2.21
CA GLU B 151 21.10 4.67 -2.91
C GLU B 151 21.39 3.89 -4.18
N ALA B 152 20.77 2.73 -4.29
CA ALA B 152 20.91 1.84 -5.42
C ALA B 152 20.05 2.29 -6.60
N MET B 153 19.15 3.26 -6.40
CA MET B 153 18.28 3.69 -7.49
C MET B 153 18.53 5.15 -7.89
N SER B 154 18.72 5.38 -9.19
CA SER B 154 18.93 6.74 -9.70
C SER B 154 18.08 6.96 -10.96
N CYS B 155 17.63 8.22 -11.24
CA CYS B 155 16.73 8.51 -12.38
C CYS B 155 17.05 9.86 -13.04
N ASP B 156 16.45 10.10 -14.20
CA ASP B 156 16.67 11.40 -14.91
C ASP B 156 15.35 11.94 -15.44
N PHE B 157 14.33 12.11 -14.59
CA PHE B 157 13.05 12.52 -15.13
C PHE B 157 12.98 14.00 -15.50
N ASN B 158 13.61 14.32 -16.62
CA ASN B 158 13.74 15.67 -17.11
C ASN B 158 13.33 15.74 -18.58
N GLY B 159 12.25 16.47 -18.84
CA GLY B 159 11.71 16.61 -20.19
C GLY B 159 10.62 15.61 -20.51
N GLY B 160 10.38 14.67 -19.59
CA GLY B 160 9.37 13.64 -19.77
C GLY B 160 10.02 12.32 -20.12
N LYS B 161 11.31 12.37 -20.34
CA LYS B 161 12.12 11.23 -20.67
C LYS B 161 12.26 10.36 -19.44
N ILE B 162 12.24 9.05 -19.61
CA ILE B 162 12.44 8.14 -18.51
C ILE B 162 13.64 7.21 -18.66
N SER B 163 14.57 7.31 -17.69
CA SER B 163 15.68 6.37 -17.56
C SER B 163 15.88 6.12 -16.07
N VAL B 164 15.75 4.86 -15.68
CA VAL B 164 15.88 4.46 -14.31
C VAL B 164 16.92 3.38 -14.13
N GLN B 165 17.85 3.59 -13.21
CA GLN B 165 18.87 2.57 -13.00
C GLN B 165 18.80 1.94 -11.65
N TYR B 166 19.03 0.64 -11.63
CA TYR B 166 19.18 -0.09 -10.39
C TYR B 166 20.59 -0.68 -10.34
N ASN B 167 21.33 -0.36 -9.26
CA ASN B 167 22.70 -0.82 -9.02
C ASN B 167 22.67 -2.20 -8.33
N LEU B 168 23.13 -3.25 -9.04
CA LEU B 168 23.11 -4.65 -8.63
C LEU B 168 24.45 -5.05 -8.02
N SER B 169 25.37 -4.11 -7.87
CA SER B 169 26.68 -4.45 -7.37
C SER B 169 26.63 -4.96 -5.94
N HIS B 170 27.49 -5.93 -5.68
CA HIS B 170 27.60 -6.54 -4.37
C HIS B 170 28.54 -5.71 -3.50
N SER B 171 28.35 -5.75 -2.16
CA SER B 171 29.16 -5.07 -1.14
C SER B 171 29.23 -3.55 -1.41
N ALA B 176 27.42 -8.67 -0.66
CA ALA B 176 28.67 -9.43 -0.82
C ALA B 176 28.45 -10.80 -1.53
N ALA B 177 27.39 -10.93 -2.35
CA ALA B 177 27.01 -12.08 -3.23
C ALA B 177 26.62 -13.33 -2.45
N ASN B 178 27.55 -13.84 -1.64
CA ASN B 178 27.24 -15.01 -0.82
C ASN B 178 26.25 -14.56 0.23
N HIS B 179 26.41 -13.31 0.64
CA HIS B 179 25.48 -12.71 1.57
C HIS B 179 24.36 -12.12 0.71
N CYS B 180 23.51 -13.00 0.14
CA CYS B 180 22.47 -12.67 -0.82
C CYS B 180 21.25 -12.05 -0.11
N GLY B 181 20.37 -11.46 -0.90
CA GLY B 181 19.14 -10.91 -0.33
C GLY B 181 19.19 -9.42 -0.01
N THR B 182 20.21 -8.71 -0.50
CA THR B 182 20.35 -7.30 -0.26
C THR B 182 19.65 -6.48 -1.35
N VAL B 183 20.34 -6.18 -2.44
CA VAL B 183 19.71 -5.43 -3.51
C VAL B 183 19.53 -6.21 -4.78
N ALA B 184 20.60 -6.81 -5.29
CA ALA B 184 20.49 -7.45 -6.58
C ALA B 184 19.45 -8.54 -6.59
N ASN B 185 19.30 -9.26 -5.51
CA ASN B 185 18.34 -10.33 -5.50
C ASN B 185 16.93 -9.79 -5.73
N GLY B 186 16.49 -8.84 -4.92
CA GLY B 186 15.14 -8.34 -5.08
C GLY B 186 14.90 -7.69 -6.45
N VAL B 187 15.90 -7.01 -6.98
CA VAL B 187 15.72 -6.37 -8.26
C VAL B 187 15.59 -7.42 -9.36
N LEU B 188 16.46 -8.42 -9.32
CA LEU B 188 16.45 -9.46 -10.34
C LEU B 188 15.23 -10.36 -10.23
N GLN B 189 14.72 -10.60 -9.02
CA GLN B 189 13.53 -11.41 -8.89
C GLN B 189 12.35 -10.68 -9.53
N THR B 190 12.29 -9.36 -9.35
CA THR B 190 11.21 -8.60 -9.92
C THR B 190 11.31 -8.65 -11.45
N PHE B 191 12.53 -8.52 -11.95
CA PHE B 191 12.85 -8.60 -13.36
C PHE B 191 12.37 -9.92 -13.96
N MET B 192 12.65 -11.03 -13.27
CA MET B 192 12.23 -12.33 -13.78
C MET B 192 10.73 -12.45 -13.93
N ARG B 193 9.95 -11.64 -13.22
CA ARG B 193 8.53 -11.75 -13.37
C ARG B 193 8.09 -10.83 -14.52
N MET B 194 8.69 -9.65 -14.61
CA MET B 194 8.28 -8.68 -15.64
C MET B 194 8.55 -9.21 -17.05
N ALA B 195 9.62 -9.97 -17.19
CA ALA B 195 10.02 -10.56 -18.46
C ALA B 195 9.89 -12.07 -18.39
N TRP B 196 8.96 -12.54 -17.58
CA TRP B 196 8.83 -13.96 -17.37
C TRP B 196 8.59 -14.75 -18.62
N GLY B 197 9.37 -15.81 -18.73
CA GLY B 197 9.36 -16.74 -19.83
C GLY B 197 10.47 -16.45 -20.83
N GLY B 198 11.01 -15.23 -20.81
CA GLY B 198 12.11 -14.89 -21.70
C GLY B 198 13.33 -14.46 -20.90
N SER B 199 13.21 -14.56 -19.59
CA SER B 199 14.22 -14.14 -18.62
C SER B 199 15.13 -15.26 -18.15
N TYR B 200 14.78 -16.48 -18.45
CA TYR B 200 15.48 -17.65 -17.91
C TYR B 200 16.93 -17.78 -18.33
N ILE B 201 17.33 -17.07 -19.39
CA ILE B 201 18.73 -17.17 -19.91
C ILE B 201 19.48 -15.88 -19.57
N ALA B 202 18.80 -14.91 -18.96
CA ALA B 202 19.43 -13.62 -18.69
C ALA B 202 20.28 -13.63 -17.42
N LEU B 203 19.89 -14.46 -16.48
CA LEU B 203 20.55 -14.51 -15.19
C LEU B 203 21.30 -15.81 -15.07
N ASP B 204 22.34 -15.86 -14.26
CA ASP B 204 23.04 -17.12 -14.16
C ASP B 204 22.36 -17.97 -13.13
N SER B 205 22.86 -19.18 -12.94
CA SER B 205 22.30 -20.03 -11.90
C SER B 205 20.78 -20.07 -11.91
N GLY B 206 20.17 -20.32 -13.08
CA GLY B 206 18.71 -20.36 -13.10
C GLY B 206 18.27 -21.50 -12.19
N CYS B 207 17.10 -21.34 -11.49
CA CYS B 207 16.53 -22.28 -10.51
C CYS B 207 17.54 -22.44 -9.35
N GLY B 208 17.75 -23.63 -8.79
CA GLY B 208 18.75 -23.77 -7.71
C GLY B 208 18.33 -23.31 -6.31
N ASN B 209 17.90 -22.06 -6.24
CA ASN B 209 17.47 -21.37 -5.05
C ASN B 209 16.36 -20.43 -5.48
N TRP B 210 15.82 -19.61 -4.58
CA TRP B 210 14.76 -18.72 -5.01
C TRP B 210 15.14 -17.35 -4.54
N ASP B 211 15.99 -17.42 -3.53
CA ASP B 211 16.49 -16.32 -2.75
C ASP B 211 17.90 -15.75 -2.99
N CYS B 212 18.70 -16.31 -3.93
CA CYS B 212 20.06 -15.84 -4.23
C CYS B 212 20.16 -15.78 -5.75
N ILE B 213 19.45 -14.82 -6.31
CA ILE B 213 19.40 -14.65 -7.74
C ILE B 213 20.46 -13.64 -8.08
N MET B 214 21.36 -14.03 -8.96
CA MET B 214 22.48 -13.21 -9.34
C MET B 214 22.84 -13.29 -10.81
N THR B 215 23.45 -12.23 -11.29
CA THR B 215 23.97 -12.20 -12.63
C THR B 215 25.36 -11.63 -12.70
N SER B 216 25.94 -11.74 -13.87
CA SER B 216 27.27 -11.22 -14.15
C SER B 216 27.25 -9.73 -14.37
N TYR B 217 26.07 -9.20 -14.62
CA TYR B 217 25.89 -7.78 -14.89
C TYR B 217 25.81 -6.94 -13.63
N GLN B 218 26.40 -5.75 -13.70
CA GLN B 218 26.30 -4.83 -12.56
C GLN B 218 25.07 -3.91 -12.57
N TYR B 219 24.46 -3.64 -13.73
CA TYR B 219 23.32 -2.72 -13.69
C TYR B 219 22.08 -3.19 -14.44
N LEU B 220 20.92 -2.85 -13.88
CA LEU B 220 19.65 -3.02 -14.58
C LEU B 220 19.17 -1.64 -14.98
N ILE B 221 19.05 -1.42 -16.27
CA ILE B 221 18.67 -0.09 -16.71
C ILE B 221 17.38 -0.12 -17.49
N ILE B 222 16.42 0.70 -17.08
CA ILE B 222 15.14 0.75 -17.77
C ILE B 222 14.95 2.09 -18.47
N GLN B 223 14.71 2.08 -19.78
CA GLN B 223 14.57 3.33 -20.52
C GLN B 223 13.36 3.33 -21.46
N ASN B 224 12.91 4.54 -21.83
CA ASN B 224 11.79 4.66 -22.80
C ASN B 224 12.33 4.55 -24.24
N THR B 225 11.60 3.84 -25.10
CA THR B 225 11.96 3.62 -26.51
C THR B 225 10.79 3.67 -27.45
N THR B 226 11.06 3.34 -28.72
CA THR B 226 10.00 3.31 -29.73
C THR B 226 9.60 1.89 -30.00
N TRP B 227 8.41 1.70 -30.59
CA TRP B 227 8.00 0.37 -30.97
C TRP B 227 8.72 -0.10 -32.23
N GLU B 228 9.15 -1.34 -32.18
CA GLU B 228 9.77 -2.11 -33.25
C GLU B 228 9.31 -3.48 -32.88
N ASP B 229 9.31 -4.46 -33.77
CA ASP B 229 8.90 -5.76 -33.30
C ASP B 229 9.64 -6.16 -32.01
N HIS B 230 10.96 -6.08 -32.01
CA HIS B 230 11.84 -6.35 -30.86
C HIS B 230 11.83 -7.73 -30.20
N CYS B 231 11.16 -8.76 -30.77
CA CYS B 231 11.04 -10.08 -30.10
C CYS B 231 11.70 -11.20 -30.88
N GLN B 232 12.70 -11.85 -30.27
CA GLN B 232 13.45 -12.89 -31.01
C GLN B 232 13.68 -14.13 -30.15
N PHE B 233 13.57 -14.01 -28.82
CA PHE B 233 13.88 -15.16 -27.94
C PHE B 233 12.60 -15.74 -27.33
N SER B 234 11.53 -14.95 -27.26
CA SER B 234 10.30 -15.40 -26.63
C SER B 234 9.12 -14.76 -27.33
N ARG B 235 7.98 -15.42 -27.28
CA ARG B 235 6.77 -14.88 -27.87
C ARG B 235 6.34 -13.75 -26.96
N PRO B 236 5.76 -12.65 -27.46
CA PRO B 236 5.20 -11.59 -26.65
C PRO B 236 4.17 -12.17 -25.72
N SER B 237 4.15 -11.68 -24.50
CA SER B 237 3.19 -12.17 -23.55
C SER B 237 2.76 -11.12 -22.53
N PRO B 238 1.48 -11.01 -22.19
CA PRO B 238 0.94 -10.11 -21.22
C PRO B 238 1.17 -10.57 -19.81
N ILE B 239 1.63 -11.81 -19.66
CA ILE B 239 1.70 -12.43 -18.35
C ILE B 239 2.68 -11.76 -17.42
N GLY B 240 3.84 -11.34 -17.90
CA GLY B 240 4.81 -10.73 -16.99
C GLY B 240 4.23 -9.51 -16.28
N TYR B 241 3.71 -8.57 -17.07
CA TYR B 241 3.13 -7.38 -16.49
C TYR B 241 1.98 -7.75 -15.57
N LEU B 242 1.09 -8.61 -16.04
CA LEU B 242 -0.06 -8.96 -15.23
C LEU B 242 0.37 -9.62 -13.93
N GLY B 243 1.42 -10.43 -13.99
CA GLY B 243 1.93 -11.10 -12.81
C GLY B 243 2.37 -10.13 -11.71
N LEU B 244 2.86 -8.94 -12.10
CA LEU B 244 3.27 -7.93 -11.13
C LEU B 244 2.19 -6.89 -10.87
N LEU B 245 1.04 -7.05 -11.49
CA LEU B 245 -0.04 -6.10 -11.31
C LEU B 245 -0.66 -6.38 -9.97
N SER B 246 -0.84 -7.66 -9.68
CA SER B 246 -1.39 -8.12 -8.43
C SER B 246 -0.24 -8.26 -7.45
N GLN B 247 -0.55 -8.36 -6.17
CA GLN B 247 0.48 -8.50 -5.13
C GLN B 247 1.45 -7.31 -5.22
N ARG B 248 0.89 -6.12 -5.48
CA ARG B 248 1.64 -4.87 -5.58
C ARG B 248 2.30 -4.42 -4.31
N THR B 249 1.68 -4.69 -3.17
CA THR B 249 2.20 -4.23 -1.91
C THR B 249 2.50 -5.38 -0.98
N ARG B 250 3.70 -5.92 -1.11
CA ARG B 250 4.18 -7.07 -0.34
C ARG B 250 5.64 -6.81 0.02
N ASP B 251 6.13 -7.38 1.12
CA ASP B 251 7.55 -7.21 1.47
C ASP B 251 7.98 -5.75 1.54
N ILE B 252 7.17 -4.94 2.19
CA ILE B 252 7.44 -3.53 2.39
C ILE B 252 7.87 -3.28 3.81
N TYR B 253 9.04 -2.72 3.98
CA TYR B 253 9.56 -2.38 5.29
C TYR B 253 8.91 -1.09 5.78
N ILE B 254 8.84 -0.91 7.08
CA ILE B 254 8.17 0.26 7.62
C ILE B 254 9.09 1.43 7.28
N SER B 255 8.57 2.52 6.67
CA SER B 255 9.26 3.75 6.26
C SER B 255 10.75 3.55 5.94
N GLY C 1 -0.67 -35.72 -7.64
CA GLY C 1 -0.56 -35.56 -9.08
C GLY C 1 -1.94 -35.49 -9.77
N THR C 2 -2.83 -36.46 -9.47
CA THR C 2 -4.19 -36.62 -10.03
C THR C 2 -5.17 -35.74 -9.31
N PHE C 3 -4.66 -35.01 -8.33
CA PHE C 3 -5.45 -34.11 -7.54
C PHE C 3 -5.18 -32.69 -8.02
N THR C 4 -4.40 -32.58 -9.12
CA THR C 4 -4.02 -31.32 -9.74
C THR C 4 -3.73 -30.31 -8.66
N TRP C 5 -2.66 -30.53 -7.96
CA TRP C 5 -2.36 -29.66 -6.87
C TRP C 5 -2.02 -28.28 -7.34
N THR C 6 -2.67 -27.27 -6.71
CA THR C 6 -2.37 -25.83 -6.96
C THR C 6 -1.14 -25.51 -6.14
N LEU C 7 -0.07 -26.27 -6.36
CA LEU C 7 1.18 -26.20 -5.68
C LEU C 7 2.31 -26.12 -6.64
N SER C 8 3.46 -25.86 -6.06
CA SER C 8 4.69 -25.82 -6.79
C SER C 8 5.08 -27.19 -7.32
N ASP C 9 4.49 -28.28 -6.80
CA ASP C 9 4.83 -29.61 -7.30
C ASP C 9 3.75 -30.04 -8.27
N SER C 10 4.11 -30.98 -9.14
CA SER C 10 3.15 -31.56 -10.08
C SER C 10 2.90 -33.02 -9.76
N GLU C 11 3.75 -33.61 -8.93
CA GLU C 11 3.59 -35.03 -8.58
C GLU C 11 3.46 -35.20 -7.07
N GLY C 12 2.23 -35.13 -6.58
CA GLY C 12 1.93 -35.20 -5.15
C GLY C 12 1.58 -36.63 -4.75
N LYS C 13 1.77 -37.55 -5.69
CA LYS C 13 1.45 -38.95 -5.48
C LYS C 13 2.69 -39.73 -5.11
N ASP C 14 2.80 -40.09 -3.84
CA ASP C 14 3.94 -40.84 -3.34
C ASP C 14 3.67 -42.33 -3.51
N THR C 15 2.39 -42.68 -3.48
CA THR C 15 1.91 -44.05 -3.59
C THR C 15 0.51 -43.92 -4.19
N PRO C 16 -0.03 -44.91 -4.93
CA PRO C 16 -1.41 -44.87 -5.44
C PRO C 16 -2.35 -44.67 -4.29
N GLY C 17 -3.37 -43.84 -4.49
CA GLY C 17 -4.30 -43.51 -3.42
C GLY C 17 -4.22 -42.01 -3.21
N GLY C 18 -4.66 -41.53 -2.07
CA GLY C 18 -4.67 -40.10 -1.82
C GLY C 18 -3.35 -39.64 -1.28
N TYR C 19 -3.31 -38.40 -0.86
CA TYR C 19 -2.13 -37.83 -0.29
C TYR C 19 -1.99 -38.49 1.09
N CYS C 20 -0.77 -38.92 1.48
CA CYS C 20 -0.49 -39.55 2.79
C CYS C 20 0.19 -38.59 3.75
N LEU C 21 -0.16 -38.72 5.02
CA LEU C 21 0.49 -37.99 6.08
C LEU C 21 1.37 -38.94 6.85
N THR C 22 2.67 -38.70 6.83
CA THR C 22 3.62 -39.60 7.45
C THR C 22 3.91 -39.34 8.91
N ARG C 23 4.80 -40.15 9.44
CA ARG C 23 5.12 -40.13 10.86
C ARG C 23 5.55 -38.77 11.36
N TRP C 24 6.24 -38.01 10.54
CA TRP C 24 6.70 -36.72 10.98
C TRP C 24 5.68 -35.62 10.80
N MET C 25 4.57 -35.92 10.11
CA MET C 25 3.55 -34.93 9.82
C MET C 25 2.46 -34.96 10.86
N LEU C 26 2.26 -36.12 11.48
CA LEU C 26 1.21 -36.25 12.49
C LEU C 26 1.76 -36.32 13.89
N ILE C 27 0.98 -35.85 14.84
CA ILE C 27 1.37 -35.94 16.23
C ILE C 27 0.96 -37.26 16.85
N GLU C 28 1.91 -37.94 17.49
CA GLU C 28 1.65 -39.21 18.17
C GLU C 28 0.92 -40.19 17.28
N ALA C 29 1.42 -40.33 16.06
CA ALA C 29 0.82 -41.19 15.08
C ALA C 29 1.87 -41.62 14.10
N GLU C 30 1.57 -42.66 13.35
CA GLU C 30 2.50 -43.12 12.34
C GLU C 30 2.01 -42.67 10.96
N LEU C 31 1.71 -43.61 10.08
CA LEU C 31 1.28 -43.25 8.74
C LEU C 31 -0.23 -43.39 8.56
N LYS C 32 -0.87 -42.32 8.09
CA LYS C 32 -2.30 -42.36 7.80
C LYS C 32 -2.52 -41.91 6.35
N CYS C 33 -3.05 -42.81 5.49
CA CYS C 33 -3.31 -42.55 4.07
C CYS C 33 -4.78 -42.55 3.82
N PHE C 34 -5.18 -41.61 3.00
CA PHE C 34 -6.55 -41.43 2.60
C PHE C 34 -6.67 -41.88 1.18
N GLY C 35 -7.86 -42.25 0.75
CA GLY C 35 -8.03 -42.68 -0.62
C GLY C 35 -8.01 -41.50 -1.54
N ASN C 36 -7.93 -41.78 -2.83
CA ASN C 36 -7.87 -40.72 -3.80
C ASN C 36 -9.20 -40.08 -4.03
N THR C 37 -10.29 -40.76 -3.75
CA THR C 37 -11.55 -40.09 -3.98
C THR C 37 -11.68 -38.94 -3.03
N ALA C 38 -11.40 -39.18 -1.75
CA ALA C 38 -11.58 -38.13 -0.77
C ALA C 38 -10.66 -36.98 -1.04
N VAL C 39 -9.42 -37.25 -1.39
CA VAL C 39 -8.49 -36.15 -1.62
C VAL C 39 -8.88 -35.36 -2.85
N ALA C 40 -9.28 -36.05 -3.91
CA ALA C 40 -9.68 -35.41 -5.16
C ALA C 40 -10.83 -34.47 -4.94
N LYS C 41 -11.69 -34.74 -3.98
CA LYS C 41 -12.79 -33.82 -3.74
C LYS C 41 -12.33 -32.37 -3.53
N CYS C 42 -11.15 -32.13 -2.87
CA CYS C 42 -10.63 -30.81 -2.54
C CYS C 42 -10.19 -30.05 -3.78
N ASN C 43 -10.09 -30.74 -4.89
CA ASN C 43 -9.69 -30.09 -6.12
C ASN C 43 -10.64 -28.93 -6.43
N GLU C 44 -11.91 -29.07 -6.08
CA GLU C 44 -12.89 -28.03 -6.37
C GLU C 44 -13.54 -27.44 -5.12
N LYS C 45 -12.89 -27.54 -3.96
CA LYS C 45 -13.51 -26.96 -2.77
C LYS C 45 -12.88 -25.66 -2.38
N HIS C 46 -13.73 -24.68 -2.15
CA HIS C 46 -13.31 -23.35 -1.78
C HIS C 46 -13.69 -23.01 -0.36
N ASP C 47 -14.02 -24.04 0.41
CA ASP C 47 -14.39 -23.86 1.80
C ASP C 47 -14.04 -25.10 2.62
N GLU C 48 -12.75 -25.38 2.78
CA GLU C 48 -12.32 -26.56 3.52
C GLU C 48 -10.98 -26.35 4.21
N GLU C 49 -10.95 -26.42 5.53
CA GLU C 49 -9.72 -26.23 6.27
C GLU C 49 -8.69 -27.35 6.11
N PHE C 50 -9.11 -28.61 6.05
CA PHE C 50 -8.11 -29.68 6.02
C PHE C 50 -7.14 -29.62 4.84
N CYS C 51 -7.65 -29.39 3.63
CA CYS C 51 -6.86 -29.34 2.40
C CYS C 51 -6.15 -28.02 2.26
N ASP C 52 -6.43 -27.08 3.14
CA ASP C 52 -5.76 -25.82 3.07
C ASP C 52 -4.41 -26.14 3.70
N MET C 53 -4.46 -26.94 4.77
CA MET C 53 -3.25 -27.38 5.41
C MET C 53 -2.47 -28.38 4.55
N LEU C 54 -3.17 -29.22 3.77
CA LEU C 54 -2.39 -30.15 2.94
C LEU C 54 -1.56 -29.36 1.97
N ARG C 55 -2.10 -28.26 1.45
CA ARG C 55 -1.32 -27.48 0.54
C ARG C 55 -0.07 -26.90 1.22
N LEU C 56 -0.19 -26.39 2.46
CA LEU C 56 1.04 -25.88 3.10
C LEU C 56 2.05 -26.96 3.39
N PHE C 57 1.60 -28.12 3.82
CA PHE C 57 2.54 -29.17 4.13
C PHE C 57 3.24 -29.70 2.91
N ASP C 58 2.51 -29.86 1.81
CA ASP C 58 3.14 -30.37 0.62
C ASP C 58 4.07 -29.32 0.04
N PHE C 59 3.69 -28.05 0.15
CA PHE C 59 4.53 -26.98 -0.33
C PHE C 59 5.85 -27.03 0.40
N ASN C 60 5.80 -27.14 1.73
CA ASN C 60 7.01 -27.21 2.54
C ASN C 60 7.86 -28.41 2.13
N LYS C 61 7.24 -29.58 1.91
CA LYS C 61 8.03 -30.74 1.53
C LYS C 61 8.88 -30.45 0.31
N GLN C 62 8.26 -29.85 -0.71
CA GLN C 62 8.98 -29.57 -1.93
C GLN C 62 9.96 -28.42 -1.77
N ALA C 63 9.58 -27.40 -1.04
CA ALA C 63 10.44 -26.25 -0.88
C ALA C 63 11.76 -26.65 -0.24
N ILE C 64 11.70 -27.57 0.71
CA ILE C 64 12.90 -28.03 1.39
C ILE C 64 13.73 -28.94 0.50
N GLN C 65 13.07 -29.90 -0.14
CA GLN C 65 13.73 -30.89 -0.96
C GLN C 65 14.40 -30.39 -2.23
N ARG C 66 13.77 -29.47 -2.97
CA ARG C 66 14.34 -29.10 -4.26
C ARG C 66 15.24 -27.88 -4.31
N LEU C 67 14.90 -26.81 -3.60
CA LEU C 67 15.71 -25.60 -3.67
C LEU C 67 16.41 -25.35 -2.36
N LYS C 68 17.60 -24.77 -2.39
CA LYS C 68 18.27 -24.55 -1.12
C LYS C 68 18.54 -23.09 -0.79
N ALA C 69 18.18 -22.71 0.45
CA ALA C 69 18.41 -21.38 0.99
C ALA C 69 19.62 -21.40 1.94
N PRO C 70 20.77 -20.82 1.58
CA PRO C 70 22.01 -20.82 2.36
C PRO C 70 21.93 -20.36 3.81
N ALA C 71 21.04 -19.41 4.13
CA ALA C 71 20.95 -18.93 5.49
C ALA C 71 19.58 -18.32 5.75
N GLN C 72 19.22 -18.25 7.04
CA GLN C 72 17.90 -17.70 7.44
C GLN C 72 16.83 -18.61 6.84
N MET C 73 15.56 -18.17 6.87
CA MET C 73 14.44 -18.98 6.32
C MET C 73 14.09 -18.51 4.90
N SER C 74 14.70 -17.41 4.44
CA SER C 74 14.35 -16.87 3.13
C SER C 74 12.83 -16.84 2.94
N ILE C 75 12.21 -16.11 3.87
CA ILE C 75 10.78 -15.92 4.12
C ILE C 75 10.00 -15.42 2.92
N GLN C 76 10.70 -14.85 1.95
CA GLN C 76 10.06 -14.36 0.75
C GLN C 76 9.34 -15.49 0.02
N LEU C 77 9.78 -16.74 0.20
CA LEU C 77 9.13 -17.83 -0.51
C LEU C 77 7.71 -17.99 -0.06
N ILE C 78 7.46 -17.91 1.24
CA ILE C 78 6.11 -18.07 1.70
C ILE C 78 5.36 -16.79 1.40
N ASN C 79 6.00 -15.63 1.54
CA ASN C 79 5.26 -14.40 1.34
C ASN C 79 4.66 -14.32 -0.06
N LYS C 80 5.34 -14.87 -1.07
CA LYS C 80 4.80 -14.85 -2.42
C LYS C 80 4.05 -16.11 -2.80
N ALA C 81 3.98 -17.09 -1.93
CA ALA C 81 3.34 -18.33 -2.33
C ALA C 81 1.95 -18.45 -1.77
N VAL C 82 1.72 -17.84 -0.62
CA VAL C 82 0.49 -18.01 0.12
C VAL C 82 -0.76 -17.68 -0.61
N ASN C 83 -0.78 -16.66 -1.40
CA ASN C 83 -2.03 -16.34 -2.06
C ASN C 83 -2.51 -17.49 -2.95
N ALA C 84 -1.59 -18.37 -3.37
CA ALA C 84 -1.90 -19.50 -4.20
C ALA C 84 -2.05 -20.81 -3.40
N LEU C 85 -1.73 -20.78 -2.10
CA LEU C 85 -1.73 -21.98 -1.27
C LEU C 85 -2.91 -22.01 -0.33
N ILE C 86 -3.27 -20.83 0.15
CA ILE C 86 -4.30 -20.65 1.16
C ILE C 86 -5.53 -19.90 0.78
N ASN C 87 -6.63 -20.50 1.11
CA ASN C 87 -7.87 -19.86 0.87
C ASN C 87 -8.12 -18.92 2.03
N ASP C 88 -7.77 -17.65 1.83
CA ASP C 88 -7.84 -16.64 2.90
C ASP C 88 -9.21 -16.53 3.51
N GLN C 89 -10.25 -16.80 2.71
CA GLN C 89 -11.64 -16.74 3.24
C GLN C 89 -11.75 -17.60 4.50
N LEU C 90 -11.03 -18.73 4.57
CA LEU C 90 -11.12 -19.60 5.71
C LEU C 90 -10.48 -19.03 6.95
N ILE C 91 -9.40 -18.28 6.81
CA ILE C 91 -8.78 -17.77 7.99
C ILE C 91 -9.64 -16.67 8.51
N MET C 92 -10.11 -15.82 7.61
CA MET C 92 -10.91 -14.72 8.07
C MET C 92 -12.21 -15.22 8.67
N LYS C 93 -12.80 -16.26 8.08
CA LYS C 93 -14.02 -16.84 8.59
C LYS C 93 -13.84 -17.35 10.00
N ASN C 94 -12.76 -18.11 10.25
CA ASN C 94 -12.63 -18.66 11.57
C ASN C 94 -12.28 -17.59 12.58
N HIS C 95 -11.55 -16.56 12.16
CA HIS C 95 -11.24 -15.47 13.05
C HIS C 95 -12.52 -14.75 13.45
N LEU C 96 -13.40 -14.49 12.47
CA LEU C 96 -14.65 -13.84 12.78
C LEU C 96 -15.52 -14.70 13.70
N ARG C 97 -15.52 -16.01 13.49
CA ARG C 97 -16.33 -16.85 14.35
C ARG C 97 -15.82 -16.78 15.79
N ASP C 98 -14.52 -16.66 15.94
CA ASP C 98 -13.92 -16.56 17.26
C ASP C 98 -14.33 -15.24 17.94
N ILE C 99 -14.22 -14.11 17.21
CA ILE C 99 -14.56 -12.84 17.86
C ILE C 99 -16.04 -12.79 18.20
N MET C 100 -16.89 -13.49 17.45
CA MET C 100 -18.32 -13.52 17.75
C MET C 100 -18.82 -14.62 18.72
N CYS C 101 -17.90 -15.34 19.45
CA CYS C 101 -18.23 -16.38 20.44
C CYS C 101 -18.95 -17.65 19.88
N ILE C 102 -18.55 -18.15 18.72
CA ILE C 102 -19.17 -19.42 18.32
C ILE C 102 -18.01 -20.36 18.04
N PRO C 103 -18.18 -21.68 18.00
CA PRO C 103 -17.12 -22.61 17.73
C PRO C 103 -16.45 -22.30 16.41
N TYR C 104 -15.13 -22.43 16.41
CA TYR C 104 -14.33 -22.12 15.23
C TYR C 104 -13.15 -23.07 15.12
N CYS C 105 -12.52 -23.12 13.92
CA CYS C 105 -11.38 -23.97 13.65
C CYS C 105 -10.07 -23.26 13.91
N ASN C 106 -9.24 -23.86 14.75
CA ASN C 106 -7.90 -23.31 14.97
C ASN C 106 -6.79 -24.17 14.31
N TYR C 107 -7.17 -25.04 13.33
CA TYR C 107 -6.36 -25.93 12.49
C TYR C 107 -5.50 -26.96 13.22
N SER C 108 -6.00 -27.50 14.33
CA SER C 108 -5.20 -28.47 15.13
C SER C 108 -5.66 -29.90 14.84
N LYS C 109 -6.81 -30.26 15.40
CA LYS C 109 -7.34 -31.64 15.27
C LYS C 109 -8.45 -31.69 14.22
N TYR C 110 -8.55 -32.80 13.51
CA TYR C 110 -9.57 -33.03 12.52
C TYR C 110 -10.28 -34.37 12.74
N TRP C 111 -11.59 -34.40 12.50
CA TRP C 111 -12.37 -35.65 12.70
C TRP C 111 -12.73 -36.26 11.34
N TYR C 112 -12.59 -37.59 11.19
CA TYR C 112 -12.95 -38.23 9.95
C TYR C 112 -13.63 -39.54 10.23
N LEU C 113 -14.36 -40.02 9.26
CA LEU C 113 -14.96 -41.31 9.42
C LEU C 113 -14.17 -42.34 8.65
N ASN C 114 -14.00 -43.53 9.26
CA ASN C 114 -13.28 -44.69 8.73
C ASN C 114 -14.17 -45.92 8.82
N HIS C 115 -14.58 -46.48 7.67
CA HIS C 115 -15.51 -47.62 7.57
C HIS C 115 -14.85 -48.87 8.16
N THR C 116 -15.61 -49.68 8.88
CA THR C 116 -15.05 -50.88 9.49
C THR C 116 -14.58 -51.91 8.47
N THR C 117 -15.13 -51.88 7.26
CA THR C 117 -14.60 -52.75 6.22
C THR C 117 -14.32 -51.89 5.02
N THR C 118 -13.58 -52.42 4.04
CA THR C 118 -13.09 -51.76 2.79
C THR C 118 -11.99 -50.72 3.09
N GLY C 119 -12.14 -50.01 4.20
CA GLY C 119 -11.21 -48.99 4.66
C GLY C 119 -11.50 -47.63 4.06
N ARG C 120 -12.68 -47.45 3.46
CA ARG C 120 -13.00 -46.16 2.88
C ARG C 120 -13.07 -45.09 3.96
N THR C 121 -12.50 -43.93 3.67
CA THR C 121 -12.53 -42.81 4.60
C THR C 121 -13.02 -41.56 3.95
N SER C 122 -13.51 -40.66 4.78
CA SER C 122 -13.93 -39.33 4.36
C SER C 122 -12.85 -38.30 4.56
N LEU C 123 -13.01 -37.13 3.96
CA LEU C 123 -12.06 -36.06 4.27
C LEU C 123 -12.23 -35.65 5.70
N PRO C 124 -11.16 -35.43 6.43
CA PRO C 124 -11.21 -34.89 7.74
C PRO C 124 -11.82 -33.53 7.73
N LYS C 125 -12.61 -33.23 8.73
CA LYS C 125 -13.21 -31.93 8.93
C LYS C 125 -12.63 -31.40 10.22
N CYS C 126 -12.46 -30.08 10.35
CA CYS C 126 -11.84 -29.48 11.53
C CYS C 126 -12.69 -29.68 12.79
N TRP C 127 -12.01 -30.07 13.85
CA TRP C 127 -12.64 -30.26 15.13
C TRP C 127 -12.67 -28.89 15.77
N LEU C 128 -13.87 -28.35 15.89
CA LEU C 128 -14.01 -26.97 16.33
C LEU C 128 -13.86 -26.85 17.82
N VAL C 129 -13.41 -25.66 18.23
CA VAL C 129 -13.21 -25.36 19.64
C VAL C 129 -13.93 -24.10 20.08
N SER C 130 -14.15 -24.02 21.38
CA SER C 130 -14.73 -22.83 21.99
C SER C 130 -14.33 -22.78 23.47
N ASN C 131 -14.20 -21.56 24.05
CA ASN C 131 -13.93 -21.33 25.49
C ASN C 131 -12.69 -22.12 26.01
N GLY C 132 -11.63 -22.24 25.16
CA GLY C 132 -10.38 -22.93 25.50
C GLY C 132 -10.39 -24.45 25.36
N SER C 133 -11.45 -25.07 24.83
CA SER C 133 -11.44 -26.52 24.72
C SER C 133 -12.18 -27.09 23.52
N TYR C 134 -11.96 -28.36 23.27
CA TYR C 134 -12.60 -29.03 22.16
C TYR C 134 -14.02 -29.32 22.44
N LEU C 135 -14.85 -29.22 21.42
CA LEU C 135 -16.23 -29.59 21.62
C LEU C 135 -16.37 -31.10 21.73
N ASN C 136 -17.33 -31.56 22.56
CA ASN C 136 -17.74 -32.97 22.67
C ASN C 136 -18.60 -33.33 21.46
N GLU C 137 -18.62 -34.63 21.07
CA GLU C 137 -19.36 -35.17 19.90
C GLU C 137 -20.84 -34.85 19.93
N THR C 138 -21.39 -34.76 21.12
CA THR C 138 -22.79 -34.44 21.27
C THR C 138 -23.13 -33.16 20.50
N HIS C 139 -22.26 -32.16 20.55
CA HIS C 139 -22.55 -30.86 19.99
C HIS C 139 -22.51 -30.81 18.48
N PHE C 140 -21.98 -31.82 17.85
CA PHE C 140 -21.91 -31.86 16.41
C PHE C 140 -22.16 -33.26 15.90
N SER C 141 -22.91 -34.08 16.68
CA SER C 141 -23.14 -35.45 16.23
C SER C 141 -23.96 -35.46 14.96
N ASP C 142 -24.71 -34.38 14.75
CA ASP C 142 -25.53 -34.19 13.57
C ASP C 142 -24.66 -34.03 12.33
N ASP C 143 -23.50 -33.40 12.47
CA ASP C 143 -22.66 -33.15 11.33
C ASP C 143 -21.98 -34.42 10.95
N ILE C 144 -21.64 -35.20 11.98
CA ILE C 144 -20.96 -36.51 11.75
C ILE C 144 -21.93 -37.44 11.01
N GLU C 145 -23.22 -37.44 11.39
CA GLU C 145 -24.13 -38.28 10.66
C GLU C 145 -24.33 -37.79 9.23
N GLN C 146 -24.36 -36.47 8.99
CA GLN C 146 -24.50 -36.06 7.59
C GLN C 146 -23.32 -36.55 6.78
N GLN C 147 -22.11 -36.49 7.35
CA GLN C 147 -20.96 -36.96 6.61
C GLN C 147 -21.06 -38.47 6.36
N ALA C 148 -21.55 -39.22 7.35
CA ALA C 148 -21.73 -40.66 7.18
C ALA C 148 -22.73 -40.95 6.07
N ASP C 149 -23.80 -40.15 5.98
CA ASP C 149 -24.80 -40.34 4.93
C ASP C 149 -24.20 -40.06 3.58
N ASN C 150 -23.31 -39.07 3.54
CA ASN C 150 -22.69 -38.74 2.28
C ASN C 150 -21.79 -39.87 1.83
N MET C 151 -21.06 -40.51 2.76
CA MET C 151 -20.21 -41.61 2.36
C MET C 151 -21.04 -42.77 1.84
N ILE C 152 -22.17 -43.02 2.48
CA ILE C 152 -23.02 -44.11 2.05
C ILE C 152 -23.57 -43.83 0.68
N THR C 153 -24.02 -42.61 0.47
CA THR C 153 -24.58 -42.23 -0.82
C THR C 153 -23.55 -42.42 -1.91
N GLU C 154 -22.31 -41.99 -1.68
CA GLU C 154 -21.29 -42.13 -2.68
C GLU C 154 -20.98 -43.57 -3.00
N MET C 155 -20.96 -44.45 -1.98
CA MET C 155 -20.70 -45.85 -2.25
C MET C 155 -21.80 -46.45 -3.09
N LEU C 156 -23.05 -46.07 -2.81
CA LEU C 156 -24.16 -46.60 -3.57
C LEU C 156 -24.11 -46.12 -5.01
N GLN C 157 -23.71 -44.86 -5.22
CA GLN C 157 -23.62 -44.31 -6.56
C GLN C 157 -22.51 -45.03 -7.33
N LYS C 158 -21.42 -45.35 -6.65
CA LYS C 158 -20.33 -46.07 -7.28
C LYS C 158 -20.82 -47.44 -7.74
N GLU C 159 -21.56 -48.15 -6.86
CA GLU C 159 -22.04 -49.47 -7.20
C GLU C 159 -23.00 -49.39 -8.38
N TYR C 160 -23.84 -48.35 -8.39
CA TYR C 160 -24.78 -48.14 -9.48
C TYR C 160 -24.04 -48.03 -10.79
N MET C 161 -23.00 -47.20 -10.83
CA MET C 161 -22.29 -47.05 -12.07
C MET C 161 -21.52 -48.31 -12.46
N GLU C 162 -21.06 -49.12 -11.48
CA GLU C 162 -20.38 -50.36 -11.83
C GLU C 162 -21.38 -51.30 -12.51
N ARG C 163 -22.62 -51.31 -12.01
CA ARG C 163 -23.69 -52.12 -12.59
C ARG C 163 -24.04 -51.65 -14.00
N GLN C 164 -24.06 -50.33 -14.21
CA GLN C 164 -24.32 -49.78 -15.54
C GLN C 164 -23.17 -50.02 -16.54
N GLY C 165 -21.90 -49.98 -16.06
CA GLY C 165 -20.68 -50.20 -16.81
C GLY C 165 -20.12 -51.56 -16.42
N THR D 59 -48.14 -15.52 -13.37
CA THR D 59 -48.00 -14.18 -13.90
C THR D 59 -47.82 -14.36 -15.42
N SER D 60 -46.56 -14.56 -15.86
CA SER D 60 -46.15 -14.81 -17.26
C SER D 60 -46.15 -16.31 -17.60
N LEU D 61 -46.29 -17.14 -16.58
CA LEU D 61 -46.33 -18.59 -16.70
C LEU D 61 -45.33 -19.21 -17.66
N TYR D 62 -44.08 -19.18 -17.29
CA TYR D 62 -43.08 -19.76 -18.15
C TYR D 62 -43.32 -21.25 -18.11
N LYS D 63 -43.29 -21.87 -19.29
CA LYS D 63 -43.53 -23.31 -19.47
C LYS D 63 -44.95 -23.71 -19.04
N GLY D 64 -45.80 -22.73 -18.76
CA GLY D 64 -47.17 -22.95 -18.34
C GLY D 64 -47.27 -23.24 -16.83
N VAL D 65 -46.12 -23.33 -16.14
CA VAL D 65 -46.14 -23.66 -14.72
C VAL D 65 -45.37 -22.73 -13.79
N TYR D 66 -44.56 -21.80 -14.31
CA TYR D 66 -43.79 -20.97 -13.40
C TYR D 66 -44.17 -19.51 -13.40
N GLU D 67 -44.58 -19.03 -12.25
CA GLU D 67 -44.92 -17.64 -12.17
C GLU D 67 -43.61 -16.90 -12.06
N LEU D 68 -43.53 -15.75 -12.69
CA LEU D 68 -42.34 -14.98 -12.58
C LEU D 68 -42.62 -13.96 -11.50
N GLN D 69 -41.82 -14.02 -10.46
CA GLN D 69 -41.97 -13.22 -9.26
C GLN D 69 -40.72 -12.43 -8.93
N THR D 70 -40.86 -11.35 -8.18
CA THR D 70 -39.68 -10.57 -7.79
C THR D 70 -39.50 -10.27 -6.33
N LEU D 71 -38.25 -10.02 -5.99
CA LEU D 71 -37.82 -9.54 -4.69
C LEU D 71 -37.13 -8.23 -4.88
N GLU D 72 -37.20 -7.36 -3.91
CA GLU D 72 -36.33 -6.18 -3.94
C GLU D 72 -35.77 -6.09 -2.55
N LEU D 73 -34.45 -5.93 -2.45
CA LEU D 73 -33.86 -5.97 -1.12
C LEU D 73 -33.86 -4.62 -0.42
N ASN D 74 -34.20 -4.65 0.86
CA ASN D 74 -34.25 -3.45 1.66
C ASN D 74 -32.91 -3.10 2.22
N MET D 75 -32.03 -2.61 1.35
CA MET D 75 -30.66 -2.34 1.77
C MET D 75 -30.57 -1.04 2.56
N GLU D 76 -31.22 -1.06 3.70
CA GLU D 76 -31.28 0.04 4.61
C GLU D 76 -30.94 -0.54 5.92
N THR D 77 -31.27 -1.84 6.08
CA THR D 77 -31.11 -2.48 7.38
C THR D 77 -29.66 -2.82 7.63
N LEU D 78 -28.89 -2.64 6.58
CA LEU D 78 -27.46 -2.86 6.57
C LEU D 78 -26.64 -1.69 7.19
N ASN D 79 -27.28 -0.49 7.47
CA ASN D 79 -26.63 0.73 7.96
C ASN D 79 -25.85 0.56 9.28
N MET D 80 -26.25 -0.42 10.12
CA MET D 80 -25.65 -0.75 11.41
C MET D 80 -24.24 -1.33 11.26
N THR D 81 -23.96 -1.93 10.09
CA THR D 81 -22.67 -2.57 9.88
C THR D 81 -21.83 -1.97 8.75
N MET D 82 -22.47 -1.46 7.69
CA MET D 82 -21.68 -1.00 6.55
C MET D 82 -22.24 0.31 5.97
N PRO D 83 -21.40 1.22 5.43
CA PRO D 83 -21.83 2.47 4.82
C PRO D 83 -22.73 2.25 3.64
N LEU D 84 -23.70 3.14 3.49
CA LEU D 84 -24.62 3.10 2.35
C LEU D 84 -24.57 4.39 1.58
N SER D 85 -24.51 4.33 0.25
CA SER D 85 -24.52 5.57 -0.51
C SER D 85 -25.76 5.69 -1.40
N CYS D 86 -26.15 6.95 -1.75
CA CYS D 86 -27.27 7.26 -2.64
C CYS D 86 -27.12 8.65 -3.27
N THR D 87 -27.99 8.98 -4.22
CA THR D 87 -27.83 10.25 -4.95
C THR D 87 -29.06 11.16 -4.86
N LYS D 88 -28.85 12.47 -4.64
CA LYS D 88 -29.99 13.42 -4.67
C LYS D 88 -29.81 14.26 -5.94
N ASN D 89 -30.78 14.23 -6.87
CA ASN D 89 -30.64 14.92 -8.18
C ASN D 89 -29.30 14.50 -8.80
N ASN D 90 -28.50 15.46 -9.30
CA ASN D 90 -27.16 15.11 -9.84
C ASN D 90 -26.06 15.86 -9.09
N SER D 91 -26.42 16.90 -8.32
CA SER D 91 -25.38 17.74 -7.66
C SER D 91 -25.10 17.27 -6.23
N HIS D 92 -25.80 16.24 -5.75
CA HIS D 92 -25.63 15.83 -4.33
C HIS D 92 -25.58 14.30 -4.20
N HIS D 93 -24.54 13.79 -3.54
CA HIS D 93 -24.38 12.33 -3.33
C HIS D 93 -24.06 12.11 -1.86
N TYR D 94 -24.70 11.13 -1.21
CA TYR D 94 -24.49 10.97 0.21
C TYR D 94 -23.96 9.62 0.61
N ILE D 95 -23.16 9.61 1.67
CA ILE D 95 -22.71 8.35 2.26
C ILE D 95 -23.08 8.37 3.73
N MET D 96 -23.90 7.44 4.17
CA MET D 96 -24.26 7.42 5.57
C MET D 96 -23.48 6.36 6.30
N VAL D 97 -23.12 6.64 7.56
CA VAL D 97 -22.36 5.71 8.40
C VAL D 97 -23.12 5.32 9.64
N GLY D 98 -24.43 5.25 9.50
CA GLY D 98 -25.31 4.92 10.58
C GLY D 98 -26.51 5.83 10.44
N ASN D 99 -27.32 5.93 11.50
CA ASN D 99 -28.56 6.73 11.58
C ASN D 99 -28.33 8.13 12.20
N GLU D 100 -27.05 8.54 12.41
CA GLU D 100 -26.62 9.82 13.01
C GLU D 100 -25.90 10.76 12.05
N THR D 101 -24.79 10.30 11.45
CA THR D 101 -23.99 11.16 10.56
C THR D 101 -23.58 10.50 9.26
N GLY D 102 -22.89 11.30 8.44
CA GLY D 102 -22.38 10.86 7.14
C GLY D 102 -21.69 11.97 6.35
N LEU D 103 -21.38 11.69 5.09
CA LEU D 103 -20.72 12.64 4.20
C LEU D 103 -21.62 13.09 3.06
N GLU D 104 -21.43 14.32 2.62
CA GLU D 104 -22.08 14.85 1.43
C GLU D 104 -21.02 15.01 0.38
N LEU D 105 -21.32 14.64 -0.82
CA LEU D 105 -20.39 14.79 -1.91
C LEU D 105 -21.07 15.62 -2.93
N THR D 106 -20.52 16.76 -3.26
CA THR D 106 -21.23 17.54 -4.21
C THR D 106 -20.40 17.94 -5.37
N LEU D 107 -21.06 18.08 -6.50
CA LEU D 107 -20.40 18.62 -7.65
C LEU D 107 -20.86 20.04 -7.78
N THR D 108 -19.92 20.96 -7.65
CA THR D 108 -20.25 22.37 -7.63
C THR D 108 -19.35 23.17 -8.58
N ASN D 109 -19.76 24.43 -8.85
CA ASN D 109 -19.01 25.44 -9.63
C ASN D 109 -18.51 26.61 -8.75
N THR D 110 -18.45 26.39 -7.42
CA THR D 110 -17.96 27.28 -6.37
C THR D 110 -17.02 26.49 -5.51
N SER D 111 -16.29 27.18 -4.69
CA SER D 111 -15.38 26.51 -3.80
C SER D 111 -15.52 27.10 -2.44
N ILE D 112 -15.10 26.36 -1.43
CA ILE D 112 -15.16 26.83 -0.07
C ILE D 112 -13.75 27.22 0.33
N ILE D 113 -12.81 26.39 -0.01
CA ILE D 113 -11.43 26.58 0.37
C ILE D 113 -10.67 27.23 -0.80
N ASN D 114 -10.03 28.37 -0.53
CA ASN D 114 -9.30 29.14 -1.55
C ASN D 114 -7.78 29.07 -1.39
N HIS D 115 -7.29 27.97 -0.87
CA HIS D 115 -5.87 27.78 -0.68
C HIS D 115 -5.50 26.36 -1.03
N LYS D 116 -4.21 26.06 -0.91
CA LYS D 116 -3.63 24.76 -1.29
C LYS D 116 -3.17 23.87 -0.14
N PHE D 117 -3.64 24.11 1.08
CA PHE D 117 -3.20 23.26 2.18
C PHE D 117 -4.22 22.19 2.53
N CYS D 118 -3.73 21.00 2.94
CA CYS D 118 -4.49 19.89 3.51
C CYS D 118 -3.66 19.36 4.68
N ASN D 119 -3.96 19.86 5.86
CA ASN D 119 -3.08 19.59 7.00
C ASN D 119 -3.43 18.27 7.70
N LEU D 120 -3.06 17.16 7.03
CA LEU D 120 -3.28 15.79 7.47
C LEU D 120 -2.45 15.44 8.69
N SER D 121 -1.26 16.02 8.81
CA SER D 121 -0.46 15.68 9.96
C SER D 121 -1.15 16.19 11.22
N ASP D 122 -1.69 17.40 11.16
CA ASP D 122 -2.35 17.98 12.32
C ASP D 122 -3.68 17.29 12.55
N ALA D 123 -4.28 16.85 11.45
CA ALA D 123 -5.55 16.15 11.52
C ALA D 123 -5.40 14.93 12.37
N HIS D 124 -4.23 14.28 12.32
CA HIS D 124 -4.01 13.08 13.11
C HIS D 124 -3.31 13.34 14.46
N LYS D 125 -2.59 14.45 14.61
CA LYS D 125 -1.99 14.75 15.91
C LYS D 125 -3.12 14.93 16.91
N LYS D 126 -4.16 15.58 16.46
CA LYS D 126 -5.34 15.79 17.26
C LYS D 126 -6.27 14.66 16.88
N ASN D 127 -7.22 14.30 17.71
CA ASN D 127 -8.14 13.27 17.26
C ASN D 127 -9.56 13.68 17.54
N LEU D 128 -10.00 14.70 16.82
CA LEU D 128 -11.30 15.27 17.00
C LEU D 128 -12.29 14.81 15.96
N TYR D 129 -11.84 13.99 15.02
CA TYR D 129 -12.67 13.58 13.90
C TYR D 129 -13.32 12.23 14.11
N ASP D 130 -14.45 12.01 13.44
CA ASP D 130 -15.09 10.70 13.45
C ASP D 130 -14.22 9.72 12.70
N HIS D 131 -13.96 8.57 13.31
CA HIS D 131 -13.08 7.61 12.68
C HIS D 131 -13.66 7.01 11.39
N ALA D 132 -14.99 6.79 11.33
CA ALA D 132 -15.53 6.16 10.13
C ALA D 132 -15.51 7.16 9.02
N LEU D 133 -15.74 8.41 9.36
CA LEU D 133 -15.78 9.39 8.28
C LEU D 133 -14.39 9.56 7.71
N MET D 134 -13.36 9.53 8.56
CA MET D 134 -12.00 9.68 8.06
C MET D 134 -11.60 8.48 7.22
N SER D 135 -12.08 7.29 7.61
CA SER D 135 -11.78 6.07 6.88
C SER D 135 -12.33 6.16 5.48
N ILE D 136 -13.56 6.68 5.36
CA ILE D 136 -14.19 6.83 4.06
C ILE D 136 -13.44 7.84 3.21
N ILE D 137 -13.01 8.96 3.80
CA ILE D 137 -12.27 9.95 3.02
C ILE D 137 -10.99 9.33 2.51
N SER D 138 -10.30 8.57 3.36
CA SER D 138 -9.09 7.93 2.92
C SER D 138 -9.34 6.94 1.83
N THR D 139 -10.37 6.14 1.97
CA THR D 139 -10.69 5.13 0.98
C THR D 139 -10.96 5.82 -0.35
N PHE D 140 -11.69 6.92 -0.32
CA PHE D 140 -11.92 7.63 -1.56
C PHE D 140 -10.62 8.15 -2.15
N HIS D 141 -9.83 8.85 -1.34
CA HIS D 141 -8.61 9.48 -1.82
C HIS D 141 -7.57 8.54 -2.37
N LEU D 142 -7.34 7.46 -1.67
CA LEU D 142 -6.31 6.52 -2.04
C LEU D 142 -6.71 5.70 -3.24
N SER D 143 -7.96 5.81 -3.67
CA SER D 143 -8.43 5.06 -4.79
C SER D 143 -8.31 5.86 -6.08
N ILE D 144 -7.87 7.11 -5.99
CA ILE D 144 -7.74 7.93 -7.18
C ILE D 144 -6.49 7.49 -7.90
N PRO D 145 -6.55 7.01 -9.14
CA PRO D 145 -5.42 6.52 -9.87
C PRO D 145 -4.54 7.65 -10.30
N ASN D 146 -3.24 7.40 -10.35
CA ASN D 146 -2.30 8.33 -10.91
C ASN D 146 -2.44 9.74 -10.35
N PHE D 147 -2.60 9.85 -9.04
CA PHE D 147 -2.79 11.17 -8.48
C PHE D 147 -1.47 11.88 -8.26
N ASN D 148 -0.91 12.33 -9.37
CA ASN D 148 0.38 13.00 -9.40
C ASN D 148 0.35 14.46 -8.99
N GLN D 149 -0.79 15.11 -9.19
CA GLN D 149 -0.95 16.52 -8.85
C GLN D 149 -1.65 16.72 -7.52
N TYR D 150 -0.88 17.14 -6.53
CA TYR D 150 -1.39 17.27 -5.17
C TYR D 150 -1.91 18.67 -4.87
N GLU D 151 -1.61 19.61 -5.74
CA GLU D 151 -2.07 20.97 -5.60
C GLU D 151 -3.57 21.05 -5.84
N ALA D 152 -4.13 19.98 -6.38
CA ALA D 152 -5.53 19.87 -6.69
C ALA D 152 -6.34 19.52 -5.44
N MET D 153 -5.69 19.15 -4.33
CA MET D 153 -6.43 18.78 -3.12
C MET D 153 -6.19 19.74 -1.97
N SER D 154 -7.28 20.22 -1.36
CA SER D 154 -7.17 21.14 -0.21
C SER D 154 -8.15 20.69 0.90
N CYS D 155 -7.83 20.93 2.20
CA CYS D 155 -8.68 20.47 3.33
C CYS D 155 -8.71 21.49 4.47
N ASP D 156 -9.62 21.27 5.42
CA ASP D 156 -9.72 22.18 6.59
C ASP D 156 -9.88 21.37 7.88
N PHE D 157 -8.96 20.44 8.16
CA PHE D 157 -9.19 19.60 9.34
C PHE D 157 -8.89 20.30 10.66
N ASN D 158 -9.81 21.17 11.05
CA ASN D 158 -9.69 22.00 12.22
C ASN D 158 -10.95 21.91 13.07
N GLY D 159 -10.80 21.36 14.27
CA GLY D 159 -11.92 21.17 15.18
C GLY D 159 -12.56 19.80 15.08
N GLY D 160 -12.11 19.00 14.11
CA GLY D 160 -12.65 17.67 13.88
C GLY D 160 -13.58 17.66 12.68
N LYS D 161 -13.84 18.84 12.18
CA LYS D 161 -14.68 19.06 11.02
C LYS D 161 -13.95 18.58 9.79
N ILE D 162 -14.67 17.96 8.86
CA ILE D 162 -14.07 17.54 7.61
C ILE D 162 -14.67 18.16 6.36
N SER D 163 -13.83 18.86 5.60
CA SER D 163 -14.19 19.37 4.28
C SER D 163 -12.97 19.19 3.39
N VAL D 164 -13.15 18.43 2.33
CA VAL D 164 -12.08 18.12 1.38
C VAL D 164 -12.46 18.50 -0.04
N GLN D 165 -11.61 19.26 -0.69
CA GLN D 165 -11.92 19.63 -2.06
C GLN D 165 -10.97 19.06 -3.06
N TYR D 166 -11.52 18.64 -4.19
CA TYR D 166 -10.72 18.23 -5.32
C TYR D 166 -11.03 19.17 -6.49
N ASN D 167 -9.97 19.80 -7.05
CA ASN D 167 -10.04 20.73 -8.17
C ASN D 167 -10.00 19.95 -9.50
N LEU D 168 -11.13 19.96 -10.25
CA LEU D 168 -11.35 19.22 -11.50
C LEU D 168 -11.06 20.10 -12.70
N SER D 169 -10.58 21.31 -12.49
CA SER D 169 -10.38 22.21 -13.61
C SER D 169 -9.30 21.71 -14.55
N HIS D 170 -9.54 21.94 -15.82
CA HIS D 170 -8.63 21.56 -16.88
C HIS D 170 -7.55 22.63 -17.05
N SER D 171 -6.34 22.23 -17.52
CA SER D 171 -5.19 23.09 -17.80
C SER D 171 -4.78 23.91 -16.56
N ALA D 176 -6.18 19.81 -19.92
CA ALA D 176 -6.73 20.56 -21.06
C ALA D 176 -7.95 19.85 -21.73
N ALA D 177 -8.67 18.98 -20.97
CA ALA D 177 -9.92 18.25 -21.31
C ALA D 177 -9.73 17.21 -22.41
N ASN D 178 -9.28 17.64 -23.58
CA ASN D 178 -9.02 16.69 -24.65
C ASN D 178 -7.81 15.88 -24.25
N HIS D 179 -6.91 16.54 -23.53
CA HIS D 179 -5.75 15.87 -22.98
C HIS D 179 -6.20 15.31 -21.63
N CYS D 180 -7.04 14.25 -21.67
CA CYS D 180 -7.68 13.66 -20.51
C CYS D 180 -6.70 12.78 -19.71
N GLY D 181 -7.10 12.41 -18.50
CA GLY D 181 -6.27 11.52 -17.70
C GLY D 181 -5.35 12.21 -16.70
N THR D 182 -5.56 13.51 -16.47
CA THR D 182 -4.75 14.27 -15.54
C THR D 182 -5.33 14.21 -14.14
N VAL D 183 -6.23 15.12 -13.80
CA VAL D 183 -6.83 15.10 -12.47
C VAL D 183 -8.30 14.77 -12.47
N ALA D 184 -9.09 15.49 -13.26
CA ALA D 184 -10.52 15.31 -13.18
C ALA D 184 -10.93 13.89 -13.51
N ASN D 185 -10.24 13.25 -14.43
CA ASN D 185 -10.62 11.90 -14.78
C ASN D 185 -10.51 10.98 -13.59
N GLY D 186 -9.34 10.92 -12.95
CA GLY D 186 -9.18 10.00 -11.84
C GLY D 186 -10.11 10.31 -10.67
N VAL D 187 -10.38 11.59 -10.44
CA VAL D 187 -11.25 11.94 -9.32
C VAL D 187 -12.68 11.51 -9.64
N LEU D 188 -13.13 11.78 -10.85
CA LEU D 188 -14.49 11.44 -11.23
C LEU D 188 -14.69 9.94 -11.37
N GLN D 189 -13.67 9.19 -11.79
CA GLN D 189 -13.82 7.76 -11.87
C GLN D 189 -14.00 7.17 -10.48
N THR D 190 -13.27 7.72 -9.51
CA THR D 190 -13.38 7.23 -8.15
C THR D 190 -14.79 7.53 -7.64
N PHE D 191 -15.27 8.73 -7.92
CA PHE D 191 -16.60 9.19 -7.57
C PHE D 191 -17.67 8.25 -8.12
N MET D 192 -17.55 7.87 -9.39
CA MET D 192 -18.53 6.97 -9.99
C MET D 192 -18.61 5.63 -9.28
N ARG D 193 -17.58 5.23 -8.57
CA ARG D 193 -17.66 3.97 -7.88
C ARG D 193 -18.27 4.20 -6.50
N MET D 194 -17.89 5.29 -5.83
CA MET D 194 -18.38 5.55 -4.48
C MET D 194 -19.90 5.76 -4.44
N ALA D 195 -20.42 6.35 -5.51
CA ALA D 195 -21.84 6.62 -5.65
C ALA D 195 -22.42 5.78 -6.77
N TRP D 196 -21.82 4.63 -7.01
CA TRP D 196 -22.22 3.80 -8.13
C TRP D 196 -23.67 3.42 -8.11
N GLY D 197 -24.28 3.63 -9.27
CA GLY D 197 -25.68 3.35 -9.53
C GLY D 197 -26.53 4.60 -9.46
N GLY D 198 -26.03 5.65 -8.79
CA GLY D 198 -26.76 6.90 -8.70
C GLY D 198 -25.94 8.03 -9.30
N SER D 199 -24.79 7.68 -9.86
CA SER D 199 -23.80 8.60 -10.41
C SER D 199 -23.91 8.79 -11.91
N TYR D 200 -24.69 7.96 -12.57
CA TYR D 200 -24.75 7.93 -14.02
C TYR D 200 -25.28 9.19 -14.67
N ILE D 201 -25.97 10.04 -13.89
CA ILE D 201 -26.57 11.28 -14.44
C ILE D 201 -25.76 12.49 -13.95
N ALA D 202 -24.74 12.26 -13.13
CA ALA D 202 -24.00 13.37 -12.55
C ALA D 202 -22.92 13.91 -13.48
N LEU D 203 -22.39 13.03 -14.31
CA LEU D 203 -21.30 13.38 -15.19
C LEU D 203 -21.81 13.40 -16.61
N ASP D 204 -21.16 14.15 -17.49
CA ASP D 204 -21.66 14.16 -18.85
C ASP D 204 -21.04 13.00 -19.59
N SER D 205 -21.42 12.83 -20.84
CA SER D 205 -20.81 11.78 -21.65
C SER D 205 -20.74 10.44 -20.91
N GLY D 206 -21.85 9.98 -20.33
CA GLY D 206 -21.79 8.70 -19.64
C GLY D 206 -21.42 7.63 -20.68
N CYS D 207 -20.65 6.58 -20.26
CA CYS D 207 -20.12 5.49 -21.10
C CYS D 207 -19.21 6.11 -22.18
N GLY D 208 -19.23 5.65 -23.43
CA GLY D 208 -18.38 6.27 -24.47
C GLY D 208 -16.89 5.91 -24.48
N ASN D 209 -16.28 6.12 -23.32
CA ASN D 209 -14.87 5.88 -23.06
C ASN D 209 -14.78 5.42 -21.60
N TRP D 210 -13.59 5.21 -21.07
CA TRP D 210 -13.53 4.78 -19.69
C TRP D 210 -12.53 5.67 -19.02
N ASP D 211 -11.73 6.23 -19.89
CA ASP D 211 -10.58 7.05 -19.61
C ASP D 211 -10.65 8.57 -19.76
N CYS D 212 -11.79 9.16 -20.21
CA CYS D 212 -11.94 10.60 -20.39
C CYS D 212 -13.30 10.96 -19.78
N ILE D 213 -13.35 10.88 -18.46
CA ILE D 213 -14.56 11.15 -17.73
C ILE D 213 -14.51 12.59 -17.34
N MET D 214 -15.54 13.33 -17.73
CA MET D 214 -15.60 14.75 -17.51
C MET D 214 -16.99 15.25 -17.15
N THR D 215 -17.01 16.36 -16.43
CA THR D 215 -18.25 17.04 -16.13
C THR D 215 -18.15 18.52 -16.33
N SER D 216 -19.30 19.15 -16.24
CA SER D 216 -19.42 20.59 -16.39
C SER D 216 -18.97 21.32 -15.13
N TYR D 217 -18.90 20.58 -14.03
CA TYR D 217 -18.53 21.13 -12.75
C TYR D 217 -17.03 21.27 -12.57
N GLN D 218 -16.61 22.34 -11.92
CA GLN D 218 -15.19 22.52 -11.62
C GLN D 218 -14.72 21.88 -10.29
N TYR D 219 -15.61 21.66 -9.32
CA TYR D 219 -15.11 21.11 -8.06
C TYR D 219 -15.90 19.93 -7.51
N LEU D 220 -15.16 18.99 -6.91
CA LEU D 220 -15.78 17.92 -6.13
C LEU D 220 -15.52 18.22 -4.68
N ILE D 221 -16.58 18.41 -3.92
CA ILE D 221 -16.39 18.78 -2.53
C ILE D 221 -17.02 17.77 -1.59
N ILE D 222 -16.23 17.26 -0.66
CA ILE D 222 -16.74 16.28 0.29
C ILE D 222 -16.79 16.86 1.69
N GLN D 223 -17.96 16.86 2.33
CA GLN D 223 -18.09 17.44 3.67
C GLN D 223 -18.86 16.54 4.64
N ASN D 224 -18.64 16.78 5.94
CA ASN D 224 -19.38 16.01 6.98
C ASN D 224 -20.76 16.65 7.21
N THR D 225 -21.79 15.82 7.36
CA THR D 225 -23.18 16.25 7.58
C THR D 225 -23.93 15.41 8.58
N THR D 226 -25.23 15.68 8.70
CA THR D 226 -26.08 14.91 9.60
C THR D 226 -26.91 13.93 8.81
N TRP D 227 -27.43 12.90 9.48
CA TRP D 227 -28.32 11.98 8.82
C TRP D 227 -29.70 12.58 8.61
N GLU D 228 -30.22 12.37 7.42
CA GLU D 228 -31.55 12.71 6.96
C GLU D 228 -31.78 11.60 5.97
N ASP D 229 -33.00 11.28 5.59
CA ASP D 229 -33.11 10.24 4.59
C ASP D 229 -32.16 10.49 3.39
N HIS D 230 -32.21 11.67 2.81
CA HIS D 230 -31.34 12.13 1.70
C HIS D 230 -31.34 11.36 0.38
N CYS D 231 -32.25 10.39 0.13
CA CYS D 231 -32.20 9.56 -1.09
C CYS D 231 -33.43 9.72 -1.96
N GLN D 232 -33.22 10.19 -3.20
CA GLN D 232 -34.39 10.47 -4.08
C GLN D 232 -34.16 9.94 -5.49
N PHE D 233 -32.91 9.69 -5.88
CA PHE D 233 -32.61 9.28 -7.28
C PHE D 233 -32.23 7.80 -7.34
N SER D 234 -31.75 7.23 -6.23
CA SER D 234 -31.29 5.86 -6.23
C SER D 234 -31.57 5.25 -4.87
N ARG D 235 -31.73 3.95 -4.83
CA ARG D 235 -31.94 3.23 -3.59
C ARG D 235 -30.61 3.25 -2.87
N PRO D 236 -30.55 3.34 -1.53
CA PRO D 236 -29.33 3.24 -0.77
C PRO D 236 -28.68 1.93 -1.08
N SER D 237 -27.37 1.95 -1.19
CA SER D 237 -26.64 0.72 -1.48
C SER D 237 -25.25 0.70 -0.86
N PRO D 238 -24.81 -0.42 -0.30
CA PRO D 238 -23.52 -0.62 0.29
C PRO D 238 -22.46 -0.85 -0.76
N ILE D 239 -22.87 -1.07 -2.00
CA ILE D 239 -21.97 -1.50 -3.03
C ILE D 239 -20.90 -0.49 -3.37
N GLY D 240 -21.23 0.79 -3.43
CA GLY D 240 -20.23 1.78 -3.81
C GLY D 240 -19.03 1.74 -2.86
N TYR D 241 -19.30 1.86 -1.57
CA TYR D 241 -18.23 1.82 -0.60
C TYR D 241 -17.49 0.51 -0.68
N LEU D 242 -18.21 -0.60 -0.72
CA LEU D 242 -17.56 -1.88 -0.75
C LEU D 242 -16.70 -2.02 -2.00
N GLY D 243 -17.16 -1.49 -3.12
CA GLY D 243 -16.42 -1.55 -4.36
C GLY D 243 -15.05 -0.88 -4.26
N LEU D 244 -14.92 0.16 -3.43
CA LEU D 244 -13.64 0.84 -3.25
C LEU D 244 -12.89 0.37 -2.02
N LEU D 245 -13.44 -0.62 -1.32
CA LEU D 245 -12.80 -1.13 -0.14
C LEU D 245 -11.66 -2.02 -0.58
N SER D 246 -11.94 -2.82 -1.60
CA SER D 246 -10.97 -3.71 -2.19
C SER D 246 -10.22 -2.93 -3.25
N GLN D 247 -9.09 -3.45 -3.70
CA GLN D 247 -8.29 -2.78 -4.73
C GLN D 247 -7.92 -1.37 -4.25
N ARG D 248 -7.61 -1.25 -2.95
CA ARG D 248 -7.23 0.00 -2.31
C ARG D 248 -5.93 0.59 -2.81
N THR D 249 -4.98 -0.26 -3.16
CA THR D 249 -3.68 0.21 -3.58
C THR D 249 -3.36 -0.21 -4.99
N ARG D 250 -3.78 0.59 -5.95
CA ARG D 250 -3.61 0.35 -7.37
C ARG D 250 -3.27 1.68 -8.03
N ASP D 251 -2.56 1.67 -9.16
CA ASP D 251 -2.27 2.92 -9.87
C ASP D 251 -1.61 3.98 -8.98
N ILE D 252 -0.62 3.55 -8.22
CA ILE D 252 0.13 4.42 -7.35
C ILE D 252 1.50 4.68 -7.94
N TYR D 253 1.81 5.94 -8.14
CA TYR D 253 3.10 6.34 -8.67
C TYR D 253 4.13 6.31 -7.56
N ILE D 254 5.39 6.13 -7.91
CA ILE D 254 6.42 6.01 -6.89
C ILE D 254 6.55 7.42 -6.30
N SER D 255 6.50 7.57 -4.95
CA SER D 255 6.61 8.82 -4.18
C SER D 255 6.13 10.07 -4.94
N GLY E 1 -22.09 -16.22 -24.17
CA GLY E 1 -23.33 -15.83 -23.51
C GLY E 1 -23.83 -16.88 -22.50
N THR E 2 -23.90 -18.16 -22.93
CA THR E 2 -24.40 -19.32 -22.16
C THR E 2 -23.29 -19.87 -21.28
N PHE E 3 -22.14 -19.24 -21.37
CA PHE E 3 -20.99 -19.62 -20.60
C PHE E 3 -20.84 -18.65 -19.45
N THR E 4 -21.83 -17.75 -19.30
CA THR E 4 -21.88 -16.73 -18.26
C THR E 4 -20.50 -16.16 -18.06
N TRP E 5 -20.03 -15.45 -19.04
CA TRP E 5 -18.69 -14.95 -18.96
C TRP E 5 -18.55 -13.93 -17.87
N THR E 6 -17.51 -14.12 -17.04
CA THR E 6 -17.14 -13.14 -15.96
C THR E 6 -16.34 -12.05 -16.66
N LEU E 7 -16.94 -11.44 -17.68
CA LEU E 7 -16.40 -10.43 -18.52
C LEU E 7 -17.29 -9.26 -18.62
N SER E 8 -16.74 -8.24 -19.23
CA SER E 8 -17.47 -7.04 -19.50
C SER E 8 -18.56 -7.26 -20.54
N ASP E 9 -18.51 -8.37 -21.30
CA ASP E 9 -19.55 -8.62 -22.28
C ASP E 9 -20.55 -9.60 -21.70
N SER E 10 -21.74 -9.60 -22.25
CA SER E 10 -22.77 -10.56 -21.85
C SER E 10 -23.10 -11.51 -22.98
N GLU E 11 -22.65 -11.19 -24.20
CA GLU E 11 -22.93 -12.06 -25.34
C GLU E 11 -21.64 -12.48 -26.02
N GLY E 12 -21.08 -13.60 -25.55
CA GLY E 12 -19.80 -14.11 -26.04
C GLY E 12 -20.03 -15.15 -27.13
N LYS E 13 -21.28 -15.27 -27.56
CA LYS E 13 -21.67 -16.24 -28.57
C LYS E 13 -21.75 -15.59 -29.94
N ASP E 14 -20.76 -15.87 -30.77
CA ASP E 14 -20.71 -15.30 -32.12
C ASP E 14 -21.49 -16.22 -33.07
N THR E 15 -21.52 -17.50 -32.71
CA THR E 15 -22.17 -18.55 -33.50
C THR E 15 -22.56 -19.61 -32.46
N PRO E 16 -23.62 -20.42 -32.65
CA PRO E 16 -23.97 -21.51 -31.75
C PRO E 16 -22.77 -22.43 -31.59
N GLY E 17 -22.53 -22.89 -30.36
CA GLY E 17 -21.36 -23.70 -30.08
C GLY E 17 -20.53 -22.96 -29.05
N GLY E 18 -19.26 -23.30 -28.92
CA GLY E 18 -18.44 -22.68 -27.91
C GLY E 18 -17.84 -21.39 -28.43
N TYR E 19 -16.95 -20.84 -27.65
CA TYR E 19 -16.26 -19.64 -28.03
C TYR E 19 -15.31 -20.04 -29.16
N CYS E 20 -15.23 -19.24 -30.25
CA CYS E 20 -14.33 -19.51 -31.40
C CYS E 20 -13.10 -18.62 -31.39
N LEU E 21 -11.99 -19.19 -31.83
CA LEU E 21 -10.77 -18.44 -32.01
C LEU E 21 -10.54 -18.25 -33.49
N THR E 22 -10.55 -17.00 -33.92
CA THR E 22 -10.43 -16.70 -35.34
C THR E 22 -9.02 -16.55 -35.86
N ARG E 23 -8.95 -16.25 -37.15
CA ARG E 23 -7.69 -16.18 -37.87
C ARG E 23 -6.68 -15.25 -37.23
N TRP E 24 -7.15 -14.16 -36.65
CA TRP E 24 -6.24 -13.22 -36.06
C TRP E 24 -5.86 -13.56 -34.63
N MET E 25 -6.53 -14.56 -34.05
CA MET E 25 -6.29 -14.93 -32.66
C MET E 25 -5.30 -16.05 -32.56
N LEU E 26 -5.22 -16.87 -33.61
CA LEU E 26 -4.29 -18.00 -33.60
C LEU E 26 -3.10 -17.78 -34.49
N ILE E 27 -1.99 -18.37 -34.13
CA ILE E 27 -0.80 -18.31 -34.95
C ILE E 27 -0.78 -19.38 -36.02
N GLU E 28 -0.56 -18.97 -37.26
CA GLU E 28 -0.47 -19.90 -38.40
C GLU E 28 -1.65 -20.86 -38.43
N ALA E 29 -2.82 -20.30 -38.29
CA ALA E 29 -4.04 -21.08 -38.27
C ALA E 29 -5.18 -20.21 -38.72
N GLU E 30 -6.29 -20.84 -39.07
CA GLU E 30 -7.46 -20.10 -39.48
C GLU E 30 -8.46 -20.09 -38.34
N LEU E 31 -9.64 -20.66 -38.56
CA LEU E 31 -10.66 -20.65 -37.53
C LEU E 31 -10.79 -22.00 -36.82
N LYS E 32 -10.70 -21.98 -35.49
CA LYS E 32 -10.89 -23.19 -34.70
C LYS E 32 -11.99 -22.95 -33.66
N CYS E 33 -13.11 -23.70 -33.75
CA CYS E 33 -14.26 -23.57 -32.86
C CYS E 33 -14.38 -24.81 -32.02
N PHE E 34 -14.70 -24.59 -30.77
CA PHE E 34 -14.89 -25.62 -29.79
C PHE E 34 -16.37 -25.71 -29.51
N GLY E 35 -16.81 -26.86 -29.04
CA GLY E 35 -18.22 -26.99 -28.74
C GLY E 35 -18.55 -26.27 -27.46
N ASN E 36 -19.84 -26.14 -27.19
CA ASN E 36 -20.27 -25.43 -26.03
C ASN E 36 -20.11 -26.24 -24.77
N THR E 37 -20.07 -27.56 -24.87
CA THR E 37 -19.92 -28.30 -23.65
C THR E 37 -18.54 -28.02 -23.08
N ALA E 38 -17.51 -28.09 -23.92
CA ALA E 38 -16.18 -27.90 -23.42
C ALA E 38 -15.98 -26.52 -22.88
N VAL E 39 -16.52 -25.51 -23.55
CA VAL E 39 -16.31 -24.16 -23.06
C VAL E 39 -17.05 -23.93 -21.77
N ALA E 40 -18.28 -24.43 -21.67
CA ALA E 40 -19.10 -24.29 -20.48
C ALA E 40 -18.42 -24.87 -19.28
N LYS E 41 -17.61 -25.90 -19.45
CA LYS E 41 -16.93 -26.46 -18.29
C LYS E 41 -16.16 -25.40 -17.49
N CYS E 42 -15.54 -24.38 -18.15
CA CYS E 42 -14.71 -23.35 -17.52
C CYS E 42 -15.53 -22.42 -16.66
N ASN E 43 -16.85 -22.48 -16.78
CA ASN E 43 -17.70 -21.64 -15.99
C ASN E 43 -17.42 -21.85 -14.50
N GLU E 44 -17.07 -23.09 -14.12
CA GLU E 44 -16.82 -23.40 -12.72
C GLU E 44 -15.40 -23.88 -12.45
N LYS E 45 -14.44 -23.55 -13.31
CA LYS E 45 -13.08 -24.01 -13.04
C LYS E 45 -12.22 -22.90 -12.50
N HIS E 46 -11.53 -23.22 -11.41
CA HIS E 46 -10.66 -22.28 -10.76
C HIS E 46 -9.21 -22.67 -10.87
N ASP E 47 -8.93 -23.57 -11.81
CA ASP E 47 -7.57 -24.02 -12.06
C ASP E 47 -7.39 -24.43 -13.52
N GLU E 48 -7.45 -23.46 -14.43
CA GLU E 48 -7.31 -23.77 -15.85
C GLU E 48 -6.71 -22.61 -16.63
N GLU E 49 -5.54 -22.83 -17.23
CA GLU E 49 -4.87 -21.78 -17.99
C GLU E 49 -5.57 -21.39 -19.29
N PHE E 50 -6.13 -22.34 -20.03
CA PHE E 50 -6.68 -21.98 -21.34
C PHE E 50 -7.78 -20.92 -21.30
N CYS E 51 -8.75 -21.06 -20.37
CA CYS E 51 -9.89 -20.17 -20.23
C CYS E 51 -9.50 -18.90 -19.51
N ASP E 52 -8.29 -18.84 -18.99
CA ASP E 52 -7.85 -17.65 -18.32
C ASP E 52 -7.52 -16.73 -19.49
N MET E 53 -6.90 -17.32 -20.51
CA MET E 53 -6.59 -16.58 -21.71
C MET E 53 -7.83 -16.24 -22.51
N LEU E 54 -8.85 -17.11 -22.51
CA LEU E 54 -10.05 -16.75 -23.27
C LEU E 54 -10.65 -15.50 -22.68
N ARG E 55 -10.61 -15.37 -21.36
CA ARG E 55 -11.15 -14.18 -20.78
C ARG E 55 -10.37 -12.94 -21.21
N LEU E 56 -9.04 -12.99 -21.26
CA LEU E 56 -8.33 -11.79 -21.73
C LEU E 56 -8.59 -11.46 -23.18
N PHE E 57 -8.66 -12.48 -24.02
CA PHE E 57 -8.90 -12.20 -25.42
C PHE E 57 -10.28 -11.65 -25.68
N ASP E 58 -11.29 -12.18 -25.01
CA ASP E 58 -12.62 -11.69 -25.23
C ASP E 58 -12.76 -10.30 -24.65
N PHE E 59 -12.09 -10.04 -23.52
CA PHE E 59 -12.12 -8.73 -22.92
C PHE E 59 -11.58 -7.73 -23.90
N ASN E 60 -10.42 -8.03 -24.50
CA ASN E 60 -9.81 -7.14 -25.46
C ASN E 60 -10.74 -6.91 -26.65
N LYS E 61 -11.39 -7.96 -27.16
CA LYS E 61 -12.29 -7.76 -28.29
C LYS E 61 -13.33 -6.69 -27.99
N GLN E 62 -13.94 -6.79 -26.82
CA GLN E 62 -14.98 -5.85 -26.45
C GLN E 62 -14.41 -4.48 -26.12
N ALA E 63 -13.28 -4.44 -25.43
CA ALA E 63 -12.72 -3.18 -25.05
C ALA E 63 -12.40 -2.32 -26.25
N ILE E 64 -11.93 -2.95 -27.32
CA ILE E 64 -11.60 -2.23 -28.54
C ILE E 64 -12.85 -1.81 -29.29
N GLN E 65 -13.78 -2.74 -29.45
CA GLN E 65 -14.99 -2.50 -30.20
C GLN E 65 -15.97 -1.48 -29.64
N ARG E 66 -16.20 -1.48 -28.33
CA ARG E 66 -17.24 -0.60 -27.81
C ARG E 66 -16.83 0.75 -27.28
N LEU E 67 -15.71 0.86 -26.58
CA LEU E 67 -15.32 2.14 -26.02
C LEU E 67 -14.08 2.66 -26.69
N LYS E 68 -13.94 3.97 -26.81
CA LYS E 68 -12.73 4.46 -27.49
C LYS E 68 -11.84 5.33 -26.62
N ALA E 69 -10.55 5.01 -26.66
CA ALA E 69 -9.49 5.73 -25.96
C ALA E 69 -8.74 6.63 -26.95
N PRO E 70 -8.89 7.97 -26.93
CA PRO E 70 -8.28 8.92 -27.85
C PRO E 70 -6.76 8.84 -28.04
N ALA E 71 -6.01 8.46 -26.99
CA ALA E 71 -4.57 8.39 -27.13
C ALA E 71 -3.98 7.45 -26.09
N GLN E 72 -2.77 6.97 -26.39
CA GLN E 72 -2.08 6.02 -25.46
C GLN E 72 -2.93 4.75 -25.40
N MET E 73 -2.64 3.86 -24.45
CA MET E 73 -3.40 2.59 -24.30
C MET E 73 -4.44 2.73 -23.19
N SER E 74 -4.44 3.85 -22.46
CA SER E 74 -5.36 4.01 -21.34
C SER E 74 -5.42 2.74 -20.49
N ILE E 75 -4.22 2.39 -20.01
CA ILE E 75 -3.82 1.20 -19.25
C ILE E 75 -4.64 0.95 -18.00
N GLN E 76 -5.31 1.98 -17.51
CA GLN E 76 -6.14 1.84 -16.34
C GLN E 76 -7.23 0.80 -16.56
N LEU E 77 -7.64 0.57 -17.81
CA LEU E 77 -8.69 -0.41 -18.04
C LEU E 77 -8.26 -1.79 -17.66
N ILE E 78 -7.03 -2.16 -18.00
CA ILE E 78 -6.60 -3.48 -17.64
C ILE E 78 -6.26 -3.49 -16.15
N ASN E 79 -5.69 -2.41 -15.64
CA ASN E 79 -5.31 -2.44 -14.24
C ASN E 79 -6.49 -2.70 -13.32
N LYS E 80 -7.67 -2.21 -13.67
CA LYS E 80 -8.85 -2.45 -12.85
C LYS E 80 -9.68 -3.64 -13.29
N ALA E 81 -9.32 -4.30 -14.37
CA ALA E 81 -10.15 -5.38 -14.86
C ALA E 81 -9.61 -6.72 -14.49
N VAL E 82 -8.29 -6.82 -14.37
CA VAL E 82 -7.61 -8.09 -14.19
C VAL E 82 -8.04 -8.90 -13.03
N ASN E 83 -8.32 -8.31 -11.90
CA ASN E 83 -8.69 -9.14 -10.78
C ASN E 83 -9.95 -9.96 -11.08
N ALA E 84 -10.77 -9.51 -12.03
CA ALA E 84 -11.98 -10.19 -12.42
C ALA E 84 -11.81 -11.05 -13.68
N LEU E 85 -10.65 -10.96 -14.34
CA LEU E 85 -10.42 -11.66 -15.60
C LEU E 85 -9.49 -12.84 -15.43
N ILE E 86 -8.53 -12.68 -14.53
CA ILE E 86 -7.47 -13.65 -14.29
C ILE E 86 -7.41 -14.31 -12.95
N ASN E 87 -7.29 -15.60 -13.01
CA ASN E 87 -7.15 -16.33 -11.81
C ASN E 87 -5.69 -16.28 -11.42
N ASP E 88 -5.35 -15.35 -10.53
CA ASP E 88 -3.96 -15.10 -10.14
C ASP E 88 -3.27 -16.34 -9.64
N GLN E 89 -4.02 -17.24 -9.01
CA GLN E 89 -3.43 -18.51 -8.49
C GLN E 89 -2.64 -19.20 -9.61
N LEU E 90 -3.11 -19.12 -10.86
CA LEU E 90 -2.46 -19.78 -11.96
C LEU E 90 -1.14 -19.16 -12.33
N ILE E 91 -1.02 -17.85 -12.22
CA ILE E 91 0.23 -17.25 -12.62
C ILE E 91 1.22 -17.56 -11.55
N MET E 92 0.80 -17.42 -10.30
CA MET E 92 1.74 -17.67 -9.24
C MET E 92 2.15 -19.13 -9.23
N LYS E 93 1.21 -20.04 -9.50
CA LYS E 93 1.53 -21.46 -9.56
C LYS E 93 2.56 -21.75 -10.61
N ASN E 94 2.38 -21.23 -11.82
CA ASN E 94 3.34 -21.58 -12.85
C ASN E 94 4.68 -20.92 -12.60
N HIS E 95 4.69 -19.74 -11.99
CA HIS E 95 5.94 -19.09 -11.66
C HIS E 95 6.69 -19.93 -10.64
N LEU E 96 5.98 -20.42 -9.62
CA LEU E 96 6.63 -21.25 -8.62
C LEU E 96 7.14 -22.55 -9.22
N ARG E 97 6.40 -23.14 -10.15
CA ARG E 97 6.86 -24.36 -10.74
C ARG E 97 8.16 -24.13 -11.52
N ASP E 98 8.26 -22.95 -12.14
CA ASP E 98 9.45 -22.59 -12.88
C ASP E 98 10.64 -22.43 -11.92
N ILE E 99 10.48 -21.70 -10.82
CA ILE E 99 11.62 -21.49 -9.94
C ILE E 99 12.06 -22.81 -9.31
N MET E 100 11.13 -23.76 -9.13
CA MET E 100 11.49 -25.07 -8.57
C MET E 100 11.93 -26.17 -9.56
N CYS E 101 12.22 -25.83 -10.86
CA CYS E 101 12.70 -26.75 -11.90
C CYS E 101 11.70 -27.89 -12.30
N ILE E 102 10.41 -27.60 -12.42
CA ILE E 102 9.54 -28.66 -12.93
C ILE E 102 8.81 -28.06 -14.12
N PRO E 103 8.23 -28.83 -15.03
CA PRO E 103 7.51 -28.30 -16.16
C PRO E 103 6.41 -27.37 -15.73
N TYR E 104 6.26 -26.28 -16.48
CA TYR E 104 5.27 -25.26 -16.15
C TYR E 104 4.69 -24.67 -17.42
N CYS E 105 3.55 -23.95 -17.29
CA CYS E 105 2.85 -23.32 -18.40
C CYS E 105 3.31 -21.88 -18.60
N ASN E 106 3.74 -21.58 -19.80
CA ASN E 106 4.09 -20.20 -20.12
C ASN E 106 3.06 -19.54 -21.07
N TYR E 107 1.83 -20.12 -21.16
CA TYR E 107 0.63 -19.71 -21.92
C TYR E 107 0.79 -19.56 -23.43
N SER E 108 1.60 -20.43 -24.04
CA SER E 108 1.84 -20.31 -25.50
C SER E 108 1.00 -21.34 -26.27
N LYS E 109 1.44 -22.60 -26.20
CA LYS E 109 0.76 -23.68 -26.96
C LYS E 109 -0.12 -24.51 -26.03
N TYR E 110 -1.23 -25.01 -26.55
CA TYR E 110 -2.16 -25.85 -25.82
C TYR E 110 -2.48 -27.12 -26.60
N TRP E 111 -2.62 -28.24 -25.88
CA TRP E 111 -2.92 -29.53 -26.55
C TRP E 111 -4.39 -29.92 -26.28
N TYR E 112 -5.09 -30.41 -27.31
CA TYR E 112 -6.46 -30.83 -27.14
C TYR E 112 -6.72 -32.07 -27.92
N LEU E 113 -7.75 -32.79 -27.54
CA LEU E 113 -8.11 -33.94 -28.32
C LEU E 113 -9.31 -33.61 -29.19
N ASN E 114 -9.28 -34.12 -30.43
CA ASN E 114 -10.29 -33.96 -31.46
C ASN E 114 -10.67 -35.34 -32.02
N HIS E 115 -11.93 -35.77 -31.79
CA HIS E 115 -12.44 -37.10 -32.17
C HIS E 115 -12.48 -37.20 -33.70
N THR E 116 -12.13 -38.36 -34.24
CA THR E 116 -12.13 -38.54 -35.69
C THR E 116 -13.52 -38.45 -36.29
N THR E 117 -14.56 -38.72 -35.52
CA THR E 117 -15.91 -38.51 -36.03
C THR E 117 -16.65 -37.68 -35.02
N THR E 118 -17.80 -37.14 -35.40
CA THR E 118 -18.68 -36.20 -34.63
C THR E 118 -18.04 -34.80 -34.49
N GLY E 119 -16.72 -34.77 -34.31
CA GLY E 119 -15.94 -33.56 -34.17
C GLY E 119 -15.88 -33.07 -32.73
N ARG E 120 -16.27 -33.91 -31.77
CA ARG E 120 -16.22 -33.50 -30.39
C ARG E 120 -14.78 -33.23 -29.96
N THR E 121 -14.59 -32.13 -29.23
CA THR E 121 -13.27 -31.78 -28.73
C THR E 121 -13.28 -31.52 -27.25
N SER E 122 -12.12 -31.65 -26.65
CA SER E 122 -11.90 -31.31 -25.26
C SER E 122 -11.36 -29.92 -25.07
N LEU E 123 -11.38 -29.41 -23.84
CA LEU E 123 -10.71 -28.14 -23.62
C LEU E 123 -9.23 -28.31 -23.79
N PRO E 124 -8.56 -27.40 -24.44
CA PRO E 124 -7.15 -27.39 -24.53
C PRO E 124 -6.53 -27.28 -23.16
N LYS E 125 -5.45 -27.98 -22.96
CA LYS E 125 -4.67 -27.92 -21.73
C LYS E 125 -3.33 -27.37 -22.13
N CYS E 126 -2.65 -26.62 -21.25
CA CYS E 126 -1.37 -25.99 -21.57
C CYS E 126 -0.26 -27.01 -21.81
N TRP E 127 0.48 -26.78 -22.87
CA TRP E 127 1.59 -27.61 -23.22
C TRP E 127 2.75 -27.09 -22.40
N LEU E 128 3.18 -27.89 -21.45
CA LEU E 128 4.18 -27.44 -20.50
C LEU E 128 5.56 -27.48 -21.08
N VAL E 129 6.41 -26.60 -20.55
CA VAL E 129 7.79 -26.50 -20.97
C VAL E 129 8.77 -26.60 -19.83
N SER E 130 10.00 -26.96 -20.18
CA SER E 130 11.10 -27.00 -19.23
C SER E 130 12.43 -26.87 -19.98
N ASN E 131 13.46 -26.27 -19.34
CA ASN E 131 14.84 -26.14 -19.87
C ASN E 131 14.88 -25.52 -21.30
N GLY E 132 14.00 -24.53 -21.58
CA GLY E 132 13.92 -23.83 -22.86
C GLY E 132 13.14 -24.52 -23.97
N SER E 133 12.48 -25.66 -23.71
CA SER E 133 11.77 -26.32 -24.80
C SER E 133 10.48 -27.03 -24.39
N TYR E 134 9.71 -27.41 -25.38
CA TYR E 134 8.45 -28.09 -25.12
C TYR E 134 8.68 -29.51 -24.77
N LEU E 135 7.87 -30.03 -23.87
CA LEU E 135 7.98 -31.43 -23.55
C LEU E 135 7.44 -32.28 -24.69
N ASN E 136 8.06 -33.46 -24.92
CA ASN E 136 7.59 -34.50 -25.84
C ASN E 136 6.41 -35.23 -25.20
N GLU E 137 5.49 -35.79 -26.05
CA GLU E 137 4.25 -36.51 -25.62
C GLU E 137 4.53 -37.64 -24.66
N THR E 138 5.67 -38.27 -24.81
CA THR E 138 6.04 -39.35 -23.93
C THR E 138 5.92 -38.93 -22.47
N HIS E 139 6.34 -37.70 -22.14
CA HIS E 139 6.40 -37.25 -20.77
C HIS E 139 5.06 -36.97 -20.13
N PHE E 140 4.02 -36.88 -20.93
CA PHE E 140 2.70 -36.61 -20.42
C PHE E 140 1.66 -37.41 -21.17
N SER E 141 2.06 -38.56 -21.73
CA SER E 141 1.09 -39.34 -22.50
C SER E 141 0.00 -39.86 -21.59
N ASP E 142 0.32 -39.97 -20.30
CA ASP E 142 -0.61 -40.40 -19.29
C ASP E 142 -1.71 -39.38 -19.09
N ASP E 143 -1.39 -38.10 -19.24
CA ASP E 143 -2.38 -37.07 -18.99
C ASP E 143 -3.31 -37.02 -20.15
N ILE E 144 -2.74 -37.25 -21.34
CA ILE E 144 -3.55 -37.25 -22.59
C ILE E 144 -4.54 -38.42 -22.53
N GLU E 145 -4.12 -39.59 -22.05
CA GLU E 145 -5.07 -40.66 -21.96
C GLU E 145 -6.13 -40.37 -20.91
N GLN E 146 -5.80 -39.74 -19.77
CA GLN E 146 -6.86 -39.45 -18.83
C GLN E 146 -7.88 -38.53 -19.47
N GLN E 147 -7.43 -37.55 -20.24
CA GLN E 147 -8.38 -36.66 -20.86
C GLN E 147 -9.24 -37.41 -21.88
N ALA E 148 -8.63 -38.35 -22.62
CA ALA E 148 -9.39 -39.15 -23.58
C ALA E 148 -10.46 -39.98 -22.86
N ASP E 149 -10.11 -40.52 -21.67
CA ASP E 149 -11.06 -41.32 -20.92
C ASP E 149 -12.20 -40.45 -20.45
N ASN E 150 -11.88 -39.21 -20.10
CA ASN E 150 -12.92 -38.32 -19.65
C ASN E 150 -13.87 -37.99 -20.79
N MET E 151 -13.35 -37.81 -22.00
CA MET E 151 -14.24 -37.52 -23.13
C MET E 151 -15.16 -38.70 -23.40
N ILE E 152 -14.61 -39.91 -23.28
CA ILE E 152 -15.40 -41.10 -23.54
C ILE E 152 -16.47 -41.23 -22.50
N THR E 153 -16.12 -41.00 -21.25
CA THR E 153 -17.07 -41.11 -20.17
C THR E 153 -18.21 -40.13 -20.38
N GLU E 154 -17.89 -38.90 -20.75
CA GLU E 154 -18.94 -37.91 -20.96
C GLU E 154 -19.87 -38.28 -22.09
N MET E 155 -19.32 -38.83 -23.20
CA MET E 155 -20.18 -39.22 -24.29
C MET E 155 -21.11 -40.34 -23.88
N LEU E 156 -20.61 -41.28 -23.08
CA LEU E 156 -21.46 -42.38 -22.64
C LEU E 156 -22.55 -41.88 -21.71
N GLN E 157 -22.22 -40.91 -20.84
CA GLN E 157 -23.21 -40.35 -19.93
C GLN E 157 -24.28 -39.61 -20.72
N LYS E 158 -23.89 -38.92 -21.78
CA LYS E 158 -24.83 -38.22 -22.61
C LYS E 158 -25.79 -39.22 -23.26
N GLU E 159 -25.26 -40.32 -23.79
CA GLU E 159 -26.10 -41.31 -24.43
C GLU E 159 -27.05 -41.93 -23.42
N TYR E 160 -26.57 -42.16 -22.21
CA TYR E 160 -27.39 -42.71 -21.14
C TYR E 160 -28.58 -41.81 -20.89
N MET E 161 -28.32 -40.51 -20.75
CA MET E 161 -29.44 -39.63 -20.49
C MET E 161 -30.38 -39.50 -21.67
N GLU E 162 -29.88 -39.63 -22.91
CA GLU E 162 -30.76 -39.58 -24.06
C GLU E 162 -31.71 -40.77 -24.03
N ARG E 163 -31.18 -41.94 -23.63
CA ARG E 163 -31.97 -43.15 -23.49
C ARG E 163 -33.02 -43.01 -22.40
N GLN E 164 -32.64 -42.37 -21.29
CA GLN E 164 -33.59 -42.14 -20.19
C GLN E 164 -34.67 -41.09 -20.54
N GLY E 165 -34.31 -40.04 -21.32
CA GLY E 165 -35.16 -38.98 -21.80
C GLY E 165 -35.43 -39.19 -23.28
N GLY F 1 -27.20 -23.02 8.09
CA GLY F 1 -26.35 -24.01 8.74
C GLY F 1 -25.85 -25.10 7.76
N THR F 2 -26.79 -25.70 6.98
CA THR F 2 -26.56 -26.79 6.03
C THR F 2 -26.08 -26.24 4.71
N PHE F 3 -25.96 -24.92 4.66
CA PHE F 3 -25.51 -24.23 3.48
C PHE F 3 -24.07 -23.81 3.69
N THR F 4 -23.49 -24.28 4.82
CA THR F 4 -22.11 -24.00 5.21
C THR F 4 -21.78 -22.57 4.89
N TRP F 5 -22.39 -21.67 5.60
CA TRP F 5 -22.20 -20.29 5.30
C TRP F 5 -20.79 -19.86 5.58
N THR F 6 -20.18 -19.18 4.58
CA THR F 6 -18.83 -18.56 4.72
C THR F 6 -19.05 -17.24 5.46
N LEU F 7 -19.66 -17.32 6.62
CA LEU F 7 -20.03 -16.24 7.48
C LEU F 7 -19.56 -16.45 8.87
N SER F 8 -19.70 -15.39 9.63
CA SER F 8 -19.38 -15.41 11.02
C SER F 8 -20.34 -16.30 11.80
N ASP F 9 -21.51 -16.66 11.23
CA ASP F 9 -22.43 -17.53 11.94
C ASP F 9 -22.26 -18.95 11.44
N SER F 10 -22.67 -19.90 12.25
CA SER F 10 -22.64 -21.31 11.85
C SER F 10 -24.05 -21.86 11.74
N GLU F 11 -25.03 -21.13 12.26
CA GLU F 11 -26.42 -21.61 12.18
C GLU F 11 -27.31 -20.57 11.50
N GLY F 12 -27.40 -20.69 10.18
CA GLY F 12 -28.14 -19.75 9.34
C GLY F 12 -29.56 -20.26 9.09
N LYS F 13 -29.91 -21.34 9.79
CA LYS F 13 -31.20 -21.97 9.64
C LYS F 13 -32.16 -21.52 10.73
N ASP F 14 -33.10 -20.67 10.37
CA ASP F 14 -34.07 -20.14 11.31
C ASP F 14 -35.26 -21.10 11.38
N THR F 15 -35.50 -21.79 10.27
CA THR F 15 -36.60 -22.72 10.08
C THR F 15 -36.09 -23.72 9.04
N PRO F 16 -36.54 -24.99 9.00
CA PRO F 16 -36.17 -25.95 7.98
C PRO F 16 -36.49 -25.37 6.62
N GLY F 17 -35.60 -25.57 5.66
CA GLY F 17 -35.78 -24.99 4.34
C GLY F 17 -34.59 -24.08 4.09
N GLY F 18 -34.70 -23.16 3.15
CA GLY F 18 -33.59 -22.30 2.82
C GLY F 18 -33.54 -21.10 3.71
N TYR F 19 -32.67 -20.19 3.40
CA TYR F 19 -32.55 -18.96 4.14
C TYR F 19 -33.81 -18.15 3.82
N CYS F 20 -34.45 -17.53 4.82
CA CYS F 20 -35.66 -16.71 4.65
C CYS F 20 -35.35 -15.22 4.72
N LEU F 21 -36.07 -14.45 3.92
CA LEU F 21 -35.99 -13.01 3.96
C LEU F 21 -37.26 -12.49 4.59
N THR F 22 -37.12 -11.84 5.74
CA THR F 22 -38.28 -11.37 6.48
C THR F 22 -38.79 -10.00 6.11
N ARG F 23 -39.81 -9.59 6.82
CA ARG F 23 -40.52 -8.35 6.55
C ARG F 23 -39.62 -7.14 6.53
N TRP F 24 -38.60 -7.12 7.35
CA TRP F 24 -37.73 -5.97 7.39
C TRP F 24 -36.61 -6.04 6.36
N MET F 25 -36.47 -7.17 5.69
CA MET F 25 -35.39 -7.37 4.74
C MET F 25 -35.85 -7.05 3.33
N LEU F 26 -37.14 -7.20 3.07
CA LEU F 26 -37.68 -6.94 1.76
C LEU F 26 -38.47 -5.66 1.70
N ILE F 27 -38.47 -5.03 0.54
CA ILE F 27 -39.28 -3.84 0.35
C ILE F 27 -40.70 -4.15 -0.07
N GLU F 28 -41.66 -3.57 0.64
CA GLU F 28 -43.09 -3.76 0.34
C GLU F 28 -43.44 -5.22 0.19
N ALA F 29 -43.00 -6.01 1.14
CA ALA F 29 -43.23 -7.43 1.14
C ALA F 29 -43.18 -7.94 2.54
N GLU F 30 -43.70 -9.14 2.74
CA GLU F 30 -43.66 -9.75 4.06
C GLU F 30 -42.56 -10.80 4.10
N LEU F 31 -42.92 -12.05 4.33
CA LEU F 31 -41.92 -13.10 4.42
C LEU F 31 -41.85 -13.95 3.17
N LYS F 32 -40.65 -14.08 2.61
CA LYS F 32 -40.44 -14.93 1.44
C LYS F 32 -39.33 -15.93 1.76
N CYS F 33 -39.65 -17.25 1.76
CA CYS F 33 -38.71 -18.33 2.07
C CYS F 33 -38.48 -19.15 0.82
N PHE F 34 -37.24 -19.51 0.65
CA PHE F 34 -36.78 -20.32 -0.45
C PHE F 34 -36.47 -21.69 0.10
N GLY F 35 -36.49 -22.69 -0.76
CA GLY F 35 -36.19 -24.02 -0.29
C GLY F 35 -34.70 -24.17 -0.09
N ASN F 36 -34.32 -25.27 0.54
CA ASN F 36 -32.93 -25.49 0.83
C ASN F 36 -32.16 -25.93 -0.38
N THR F 37 -32.81 -26.50 -1.37
CA THR F 37 -32.04 -26.91 -2.51
C THR F 37 -31.50 -25.68 -3.21
N ALA F 38 -32.36 -24.69 -3.42
CA ALA F 38 -31.91 -23.52 -4.14
C ALA F 38 -30.86 -22.78 -3.39
N VAL F 39 -30.99 -22.66 -2.07
CA VAL F 39 -29.99 -21.92 -1.33
C VAL F 39 -28.67 -22.66 -1.31
N ALA F 40 -28.72 -23.98 -1.13
CA ALA F 40 -27.53 -24.81 -1.09
C ALA F 40 -26.73 -24.68 -2.37
N LYS F 41 -27.39 -24.44 -3.49
CA LYS F 41 -26.63 -24.29 -4.72
C LYS F 41 -25.50 -23.25 -4.62
N CYS F 42 -25.71 -22.13 -3.85
CA CYS F 42 -24.75 -21.02 -3.73
C CYS F 42 -23.52 -21.43 -2.94
N ASN F 43 -23.57 -22.58 -2.30
CA ASN F 43 -22.44 -23.05 -1.55
C ASN F 43 -21.22 -23.14 -2.45
N GLU F 44 -21.41 -23.49 -3.73
CA GLU F 44 -20.31 -23.63 -4.65
C GLU F 44 -20.36 -22.67 -5.83
N LYS F 45 -21.07 -21.54 -5.71
CA LYS F 45 -21.11 -20.62 -6.83
C LYS F 45 -20.20 -19.44 -6.63
N HIS F 46 -19.41 -19.15 -7.65
CA HIS F 46 -18.47 -18.07 -7.61
C HIS F 46 -18.85 -16.97 -8.59
N ASP F 47 -20.09 -17.01 -9.04
CA ASP F 47 -20.61 -16.00 -9.95
C ASP F 47 -22.10 -15.81 -9.78
N GLU F 48 -22.51 -15.26 -8.63
CA GLU F 48 -23.94 -15.06 -8.36
C GLU F 48 -24.18 -13.87 -7.45
N GLU F 49 -24.90 -12.87 -7.95
CA GLU F 49 -25.18 -11.67 -7.17
C GLU F 49 -26.14 -11.89 -6.00
N PHE F 50 -27.18 -12.70 -6.16
CA PHE F 50 -28.16 -12.81 -5.08
C PHE F 50 -27.60 -13.27 -3.74
N CYS F 51 -26.76 -14.33 -3.74
CA CYS F 51 -26.18 -14.91 -2.54
C CYS F 51 -25.00 -14.09 -2.05
N ASP F 52 -24.60 -13.09 -2.81
CA ASP F 52 -23.51 -12.26 -2.38
C ASP F 52 -24.21 -11.35 -1.36
N MET F 53 -25.42 -10.93 -1.71
CA MET F 53 -26.21 -10.12 -0.80
C MET F 53 -26.70 -10.92 0.39
N LEU F 54 -26.99 -12.22 0.22
CA LEU F 54 -27.44 -12.96 1.39
C LEU F 54 -26.34 -12.99 2.41
N ARG F 55 -25.09 -13.10 1.96
CA ARG F 55 -24.02 -13.10 2.91
C ARG F 55 -23.93 -11.77 3.66
N LEU F 56 -24.10 -10.62 2.98
CA LEU F 56 -24.05 -9.37 3.76
C LEU F 56 -25.20 -9.22 4.72
N PHE F 57 -26.39 -9.63 4.31
CA PHE F 57 -27.52 -9.48 5.20
C PHE F 57 -27.42 -10.37 6.41
N ASP F 58 -26.98 -11.61 6.22
CA ASP F 58 -26.87 -12.50 7.35
C ASP F 58 -25.75 -12.05 8.26
N PHE F 59 -24.66 -11.53 7.68
CA PHE F 59 -23.56 -11.04 8.46
C PHE F 59 -24.05 -9.94 9.36
N ASN F 60 -24.80 -8.99 8.80
CA ASN F 60 -25.34 -7.88 9.57
C ASN F 60 -26.24 -8.39 10.69
N LYS F 61 -27.10 -9.38 10.40
CA LYS F 61 -27.98 -9.89 11.46
C LYS F 61 -27.18 -10.33 12.67
N GLN F 62 -26.13 -11.09 12.42
CA GLN F 62 -25.33 -11.59 13.51
C GLN F 62 -24.48 -10.51 14.16
N ALA F 63 -23.92 -9.63 13.36
CA ALA F 63 -23.06 -8.60 13.90
C ALA F 63 -23.81 -7.73 14.88
N ILE F 64 -25.08 -7.46 14.60
CA ILE F 64 -25.89 -6.64 15.48
C ILE F 64 -26.30 -7.40 16.73
N GLN F 65 -26.78 -8.62 16.53
CA GLN F 65 -27.27 -9.45 17.61
C GLN F 65 -26.26 -9.90 18.65
N ARG F 66 -25.06 -10.31 18.24
CA ARG F 66 -24.15 -10.88 19.21
C ARG F 66 -23.12 -9.96 19.85
N LEU F 67 -22.52 -9.06 19.10
CA LEU F 67 -21.49 -8.19 19.66
C LEU F 67 -21.97 -6.77 19.73
N LYS F 68 -21.52 -6.01 20.72
CA LYS F 68 -22.01 -4.64 20.78
C LYS F 68 -20.92 -3.58 20.66
N ALA F 69 -21.18 -2.60 19.79
CA ALA F 69 -20.30 -1.46 19.55
C ALA F 69 -20.87 -0.22 20.27
N PRO F 70 -20.27 0.27 21.37
CA PRO F 70 -20.74 1.40 22.17
C PRO F 70 -21.05 2.70 21.44
N ALA F 71 -20.32 3.01 20.36
CA ALA F 71 -20.56 4.25 19.65
C ALA F 71 -20.07 4.15 18.22
N GLN F 72 -20.62 5.03 17.36
CA GLN F 72 -20.24 5.03 15.92
C GLN F 72 -20.67 3.69 15.34
N MET F 73 -20.21 3.37 14.12
CA MET F 73 -20.57 2.09 13.46
C MET F 73 -19.45 1.08 13.64
N SER F 74 -18.31 1.49 14.20
CA SER F 74 -17.17 0.59 14.34
C SER F 74 -16.94 -0.20 13.03
N ILE F 75 -16.73 0.61 11.98
CA ILE F 75 -16.58 0.28 10.56
C ILE F 75 -15.50 -0.75 10.27
N GLN F 76 -14.58 -0.93 11.20
CA GLN F 76 -13.52 -1.90 11.02
C GLN F 76 -14.09 -3.30 10.85
N LEU F 77 -15.30 -3.56 11.37
CA LEU F 77 -15.84 -4.91 11.23
C LEU F 77 -16.12 -5.23 9.80
N ILE F 78 -16.66 -4.30 9.04
CA ILE F 78 -16.94 -4.60 7.66
C ILE F 78 -15.62 -4.55 6.89
N ASN F 79 -14.74 -3.62 7.25
CA ASN F 79 -13.51 -3.52 6.47
C ASN F 79 -12.71 -4.81 6.47
N LYS F 80 -12.74 -5.55 7.57
CA LYS F 80 -12.02 -6.82 7.64
C LYS F 80 -12.87 -8.03 7.31
N ALA F 81 -14.15 -7.85 7.05
CA ALA F 81 -15.00 -9.01 6.83
C ALA F 81 -15.27 -9.24 5.37
N VAL F 82 -15.30 -8.15 4.61
CA VAL F 82 -15.73 -8.19 3.23
C VAL F 82 -15.00 -9.13 2.34
N ASN F 83 -13.71 -9.27 2.47
CA ASN F 83 -13.03 -10.16 1.56
C ASN F 83 -13.55 -11.59 1.67
N ALA F 84 -14.17 -11.94 2.81
CA ALA F 84 -14.72 -13.25 3.04
C ALA F 84 -16.25 -13.31 2.79
N LEU F 85 -16.88 -12.16 2.56
CA LEU F 85 -18.33 -12.09 2.40
C LEU F 85 -18.74 -11.86 0.97
N ILE F 86 -17.93 -11.10 0.26
CA ILE F 86 -18.20 -10.68 -1.10
C ILE F 86 -17.28 -11.14 -2.17
N ASN F 87 -17.88 -11.64 -3.20
CA ASN F 87 -17.12 -12.05 -4.33
C ASN F 87 -16.86 -10.82 -5.16
N ASP F 88 -15.68 -10.22 -4.97
CA ASP F 88 -15.33 -8.96 -5.62
C ASP F 88 -15.44 -9.02 -7.11
N GLN F 89 -15.20 -10.20 -7.70
CA GLN F 89 -15.32 -10.36 -9.18
C GLN F 89 -16.68 -9.83 -9.64
N LEU F 90 -17.74 -10.01 -8.85
CA LEU F 90 -19.06 -9.58 -9.25
C LEU F 90 -19.21 -8.08 -9.26
N ILE F 91 -18.57 -7.38 -8.35
CA ILE F 91 -18.75 -5.95 -8.35
C ILE F 91 -17.99 -5.41 -9.50
N MET F 92 -16.78 -5.90 -9.69
CA MET F 92 -15.99 -5.37 -10.77
C MET F 92 -16.64 -5.70 -12.10
N LYS F 93 -17.20 -6.90 -12.24
CA LYS F 93 -17.88 -7.29 -13.45
C LYS F 93 -19.02 -6.37 -13.77
N ASN F 94 -19.88 -6.08 -12.80
CA ASN F 94 -21.03 -5.25 -13.12
C ASN F 94 -20.61 -3.82 -13.38
N HIS F 95 -19.56 -3.35 -12.71
CA HIS F 95 -19.07 -2.02 -12.97
C HIS F 95 -18.56 -1.92 -14.39
N LEU F 96 -17.80 -2.92 -14.83
CA LEU F 96 -17.30 -2.91 -16.19
C LEU F 96 -18.43 -2.98 -17.20
N ARG F 97 -19.46 -3.76 -16.92
CA ARG F 97 -20.56 -3.84 -17.86
C ARG F 97 -21.24 -2.49 -17.99
N ASP F 98 -21.31 -1.74 -16.89
CA ASP F 98 -21.91 -0.42 -16.90
C ASP F 98 -21.06 0.54 -17.75
N ILE F 99 -19.74 0.56 -17.54
CA ILE F 99 -18.93 1.52 -18.31
C ILE F 99 -18.96 1.17 -19.79
N MET F 100 -19.14 -0.10 -20.13
CA MET F 100 -19.21 -0.50 -21.55
C MET F 100 -20.61 -0.48 -22.21
N CYS F 101 -21.65 0.13 -21.56
CA CYS F 101 -23.03 0.28 -22.10
C CYS F 101 -23.80 -1.07 -22.32
N ILE F 102 -23.69 -2.03 -21.42
CA ILE F 102 -24.55 -3.20 -21.61
C ILE F 102 -25.31 -3.36 -20.31
N PRO F 103 -26.42 -4.09 -20.24
CA PRO F 103 -27.16 -4.29 -19.03
C PRO F 103 -26.30 -4.87 -17.94
N TYR F 104 -26.50 -4.36 -16.73
CA TYR F 104 -25.71 -4.79 -15.58
C TYR F 104 -26.56 -4.83 -14.33
N CYS F 105 -26.05 -5.50 -13.27
CA CYS F 105 -26.74 -5.63 -11.99
C CYS F 105 -26.34 -4.53 -11.02
N ASN F 106 -27.33 -3.81 -10.52
CA ASN F 106 -27.05 -2.81 -9.50
C ASN F 106 -27.55 -3.25 -8.10
N TYR F 107 -27.80 -4.58 -7.91
CA TYR F 107 -28.22 -5.30 -6.69
C TYR F 107 -29.53 -4.85 -6.05
N SER F 108 -30.50 -4.47 -6.87
CA SER F 108 -31.79 -3.97 -6.31
C SER F 108 -32.86 -5.06 -6.38
N LYS F 109 -33.37 -5.28 -7.59
CA LYS F 109 -34.47 -6.27 -7.79
C LYS F 109 -33.92 -7.57 -8.37
N TYR F 110 -34.53 -8.69 -8.00
CA TYR F 110 -34.16 -10.01 -8.49
C TYR F 110 -35.39 -10.76 -8.99
N TRP F 111 -35.21 -11.53 -10.08
CA TRP F 111 -36.34 -12.29 -10.66
C TRP F 111 -36.18 -13.78 -10.35
N TYR F 112 -37.26 -14.46 -9.97
CA TYR F 112 -37.19 -15.87 -9.68
C TYR F 112 -38.40 -16.57 -10.20
N LEU F 113 -38.29 -17.86 -10.39
CA LEU F 113 -39.46 -18.59 -10.79
C LEU F 113 -40.03 -19.34 -9.61
N ASN F 114 -41.37 -19.36 -9.52
CA ASN F 114 -42.16 -20.00 -8.47
C ASN F 114 -43.22 -20.89 -9.12
N HIS F 115 -43.11 -22.22 -8.93
CA HIS F 115 -43.98 -23.23 -9.55
C HIS F 115 -45.41 -23.07 -9.00
N THR F 116 -46.42 -23.23 -9.85
CA THR F 116 -47.80 -23.09 -9.40
C THR F 116 -48.21 -24.16 -8.40
N THR F 117 -47.56 -25.31 -8.42
CA THR F 117 -47.83 -26.30 -7.38
C THR F 117 -46.52 -26.70 -6.78
N THR F 118 -46.55 -27.39 -5.65
CA THR F 118 -45.39 -27.83 -4.80
C THR F 118 -44.71 -26.65 -4.09
N GLY F 119 -44.64 -25.51 -4.78
CA GLY F 119 -44.04 -24.29 -4.29
C GLY F 119 -42.54 -24.23 -4.53
N ARG F 120 -42.01 -25.11 -5.36
CA ARG F 120 -40.59 -25.09 -5.63
C ARG F 120 -40.18 -23.78 -6.31
N THR F 121 -39.07 -23.21 -5.85
CA THR F 121 -38.56 -21.98 -6.42
C THR F 121 -37.11 -22.10 -6.81
N SER F 122 -36.71 -21.25 -7.72
CA SER F 122 -35.32 -21.12 -8.13
C SER F 122 -34.61 -20.02 -7.40
N LEU F 123 -33.27 -20.00 -7.49
CA LEU F 123 -32.56 -18.85 -6.94
C LEU F 123 -32.90 -17.62 -7.73
N PRO F 124 -33.15 -16.51 -7.08
CA PRO F 124 -33.32 -15.26 -7.74
C PRO F 124 -32.08 -14.89 -8.51
N LYS F 125 -32.27 -14.31 -9.67
CA LYS F 125 -31.19 -13.80 -10.49
C LYS F 125 -31.41 -12.31 -10.57
N CYS F 126 -30.34 -11.51 -10.68
CA CYS F 126 -30.45 -10.06 -10.69
C CYS F 126 -31.18 -9.54 -11.94
N TRP F 127 -32.09 -8.61 -11.68
CA TRP F 127 -32.84 -7.99 -12.74
C TRP F 127 -31.96 -6.86 -13.24
N LEU F 128 -31.46 -7.02 -14.45
CA LEU F 128 -30.48 -6.09 -14.98
C LEU F 128 -31.12 -4.82 -15.46
N VAL F 129 -30.32 -3.76 -15.40
CA VAL F 129 -30.76 -2.44 -15.84
C VAL F 129 -29.84 -1.81 -16.86
N SER F 130 -30.39 -0.86 -17.60
CA SER F 130 -29.63 -0.07 -18.56
C SER F 130 -30.34 1.26 -18.81
N ASN F 131 -29.57 2.34 -19.11
CA ASN F 131 -30.10 3.67 -19.47
C ASN F 131 -31.12 4.22 -18.44
N GLY F 132 -30.89 3.97 -17.13
CA GLY F 132 -31.74 4.43 -16.03
C GLY F 132 -32.99 3.61 -15.74
N SER F 133 -33.19 2.46 -16.39
CA SER F 133 -34.39 1.69 -16.11
C SER F 133 -34.24 0.18 -16.19
N TYR F 134 -35.25 -0.51 -15.70
CA TYR F 134 -35.23 -1.96 -15.72
C TYR F 134 -35.53 -2.49 -17.08
N LEU F 135 -34.88 -3.58 -17.43
CA LEU F 135 -35.20 -4.19 -18.70
C LEU F 135 -36.56 -4.88 -18.63
N ASN F 136 -37.31 -4.87 -19.75
CA ASN F 136 -38.55 -5.62 -19.95
C ASN F 136 -38.21 -7.09 -20.19
N GLU F 137 -39.15 -8.01 -19.84
CA GLU F 137 -38.98 -9.49 -19.95
C GLU F 137 -38.62 -9.94 -21.35
N THR F 138 -39.09 -9.22 -22.34
CA THR F 138 -38.79 -9.55 -23.70
C THR F 138 -37.28 -9.68 -23.91
N HIS F 139 -36.50 -8.80 -23.29
CA HIS F 139 -35.07 -8.74 -23.53
C HIS F 139 -34.28 -9.87 -22.91
N PHE F 140 -34.89 -10.61 -22.01
CA PHE F 140 -34.22 -11.71 -21.36
C PHE F 140 -35.18 -12.86 -21.16
N SER F 141 -36.20 -12.98 -22.02
CA SER F 141 -37.16 -14.06 -21.84
C SER F 141 -36.48 -15.40 -22.06
N ASP F 142 -35.39 -15.37 -22.82
CA ASP F 142 -34.60 -16.54 -23.11
C ASP F 142 -33.91 -17.05 -21.86
N ASP F 143 -33.51 -16.15 -20.96
CA ASP F 143 -32.78 -16.56 -19.79
C ASP F 143 -33.75 -17.16 -18.83
N ILE F 144 -34.96 -16.59 -18.80
CA ILE F 144 -36.03 -17.09 -17.89
C ILE F 144 -36.40 -18.52 -18.34
N GLU F 145 -36.50 -18.77 -19.65
CA GLU F 145 -36.80 -20.12 -20.04
C GLU F 145 -35.66 -21.07 -19.72
N GLN F 146 -34.40 -20.66 -19.85
CA GLN F 146 -33.35 -21.60 -19.48
C GLN F 146 -33.46 -21.95 -18.00
N GLN F 147 -33.77 -20.97 -17.17
CA GLN F 147 -33.88 -21.28 -15.76
C GLN F 147 -35.07 -22.21 -15.51
N ALA F 148 -36.17 -22.02 -16.24
CA ALA F 148 -37.32 -22.90 -16.09
C ALA F 148 -36.96 -24.33 -16.50
N ASP F 149 -36.14 -24.48 -17.56
CA ASP F 149 -35.74 -25.80 -18.01
C ASP F 149 -34.87 -26.45 -16.98
N ASN F 150 -34.05 -25.64 -16.31
CA ASN F 150 -33.18 -26.19 -15.29
C ASN F 150 -34.00 -26.68 -14.12
N MET F 151 -35.06 -25.96 -13.75
CA MET F 151 -35.88 -26.42 -12.64
C MET F 151 -36.58 -27.72 -12.99
N ILE F 152 -37.04 -27.83 -14.23
CA ILE F 152 -37.71 -29.04 -14.66
C ILE F 152 -36.76 -30.20 -14.65
N THR F 153 -35.56 -29.98 -15.15
CA THR F 153 -34.56 -31.03 -15.20
C THR F 153 -34.25 -31.52 -13.81
N GLU F 154 -34.09 -30.61 -12.85
CA GLU F 154 -33.78 -31.02 -11.50
C GLU F 154 -34.90 -31.81 -10.87
N MET F 155 -36.16 -31.43 -11.12
CA MET F 155 -37.26 -32.19 -10.55
C MET F 155 -37.29 -33.59 -11.12
N LEU F 156 -37.02 -33.72 -12.42
CA LEU F 156 -37.03 -35.04 -13.02
C LEU F 156 -35.90 -35.90 -12.48
N GLN F 157 -34.73 -35.30 -12.23
CA GLN F 157 -33.61 -36.03 -11.69
C GLN F 157 -33.92 -36.49 -10.27
N LYS F 158 -34.61 -35.65 -9.51
CA LYS F 158 -35.00 -36.02 -8.16
C LYS F 158 -35.94 -37.22 -8.21
N GLU F 159 -36.93 -37.19 -9.11
CA GLU F 159 -37.87 -38.28 -9.21
C GLU F 159 -37.16 -39.56 -9.61
N TYR F 160 -36.20 -39.44 -10.52
CA TYR F 160 -35.42 -40.58 -10.96
C TYR F 160 -34.73 -41.23 -9.79
N MET F 161 -34.05 -40.42 -8.97
CA MET F 161 -33.37 -41.01 -7.85
C MET F 161 -34.32 -41.57 -6.80
N GLU F 162 -35.52 -41.01 -6.66
CA GLU F 162 -36.48 -41.57 -5.71
C GLU F 162 -36.89 -42.96 -6.18
N ARG F 163 -37.06 -43.12 -7.50
CA ARG F 163 -37.41 -44.40 -8.10
C ARG F 163 -36.29 -45.41 -7.92
N GLN F 164 -35.03 -44.96 -8.07
CA GLN F 164 -33.88 -45.84 -7.86
C GLN F 164 -33.68 -46.24 -6.37
N GLY F 165 -33.97 -45.30 -5.43
CA GLY F 165 -33.87 -45.47 -4.00
C GLY F 165 -35.28 -45.57 -3.43
N GLN G 3 -36.45 40.21 7.97
CA GLN G 3 -36.32 39.30 9.10
C GLN G 3 -34.96 39.44 9.82
N LEU G 4 -33.86 39.44 9.04
CA LEU G 4 -32.47 39.50 9.52
C LEU G 4 -31.87 40.86 9.26
N GLN G 5 -30.98 41.29 10.14
CA GLN G 5 -30.29 42.55 9.90
C GLN G 5 -28.86 42.53 10.38
N GLU G 6 -27.94 42.76 9.46
CA GLU G 6 -26.52 42.79 9.77
C GLU G 6 -26.16 44.17 10.28
N SER G 7 -25.20 44.25 11.20
CA SER G 7 -24.82 45.57 11.74
C SER G 7 -23.36 45.66 12.15
N GLY G 8 -22.71 46.76 11.80
CA GLY G 8 -21.31 46.90 12.17
C GLY G 8 -20.99 48.14 12.98
N ALA G 9 -19.70 48.42 13.05
CA ALA G 9 -19.17 49.53 13.81
C ALA G 9 -17.88 50.04 13.18
N GLY G 10 -17.58 51.31 13.43
CA GLY G 10 -16.37 51.91 12.91
C GLY G 10 -16.21 53.33 13.41
N LEU G 11 -15.23 54.02 12.88
CA LEU G 11 -14.91 55.37 13.29
C LEU G 11 -14.20 56.13 12.20
N LEU G 12 -14.10 57.45 12.32
CA LEU G 12 -13.33 58.20 11.35
C LEU G 12 -11.89 57.88 11.70
N LYS G 13 -11.06 57.62 10.71
CA LYS G 13 -9.71 57.14 10.99
C LYS G 13 -8.60 57.76 10.13
N PRO G 14 -8.05 58.94 10.50
CA PRO G 14 -7.03 59.71 9.77
C PRO G 14 -5.77 58.95 9.35
N SER G 15 -5.36 57.96 10.12
CA SER G 15 -4.18 57.19 9.79
C SER G 15 -4.31 55.80 10.34
N GLU G 16 -3.20 55.12 10.44
CA GLU G 16 -3.18 53.75 10.96
C GLU G 16 -4.01 52.77 10.10
N THR G 17 -4.94 52.06 10.74
CA THR G 17 -5.74 51.01 10.12
C THR G 17 -7.24 51.23 10.30
N LEU G 18 -7.99 50.98 9.23
CA LEU G 18 -9.45 51.15 9.18
C LEU G 18 -10.23 50.39 10.27
N SER G 19 -9.90 49.12 10.49
CA SER G 19 -10.52 48.29 11.54
C SER G 19 -12.05 48.28 11.67
N LEU G 20 -12.79 47.89 10.63
CA LEU G 20 -14.26 47.87 10.79
C LEU G 20 -14.73 46.50 11.22
N SER G 21 -15.83 46.50 11.99
CA SER G 21 -16.38 45.23 12.50
C SER G 21 -17.84 45.04 12.06
N CYS G 22 -18.26 43.80 11.82
CA CYS G 22 -19.63 43.44 11.45
C CYS G 22 -20.10 42.27 12.29
N THR G 23 -21.22 42.45 12.95
CA THR G 23 -21.80 41.40 13.76
C THR G 23 -22.94 40.83 12.98
N VAL G 24 -22.89 39.52 12.85
CA VAL G 24 -23.82 38.75 12.07
C VAL G 24 -25.05 38.43 12.87
N ASP G 25 -26.20 38.35 12.19
CA ASP G 25 -27.42 38.02 12.89
C ASP G 25 -27.38 36.52 13.22
N GLY G 26 -28.37 35.99 13.88
CA GLY G 26 -28.25 34.61 14.36
C GLY G 26 -28.56 33.50 13.37
N GLU G 27 -28.96 33.85 12.16
CA GLU G 27 -29.36 32.84 11.20
C GLU G 27 -28.30 32.46 10.15
N SER G 28 -27.95 31.16 10.13
CA SER G 28 -27.06 30.52 9.15
C SER G 28 -25.70 31.15 8.85
N PHE G 29 -24.90 31.41 9.87
CA PHE G 29 -23.58 32.03 9.69
C PHE G 29 -22.73 31.29 8.64
N ASN G 30 -22.74 29.96 8.72
CA ASN G 30 -21.86 29.13 7.89
C ASN G 30 -22.37 28.82 6.49
N GLY G 31 -23.54 29.31 6.12
CA GLY G 31 -24.05 28.99 4.79
C GLY G 31 -23.80 30.06 3.73
N PHE G 32 -23.12 31.14 4.10
CA PHE G 32 -22.92 32.28 3.22
C PHE G 32 -21.52 32.84 3.14
N PHE G 33 -21.25 33.53 2.03
CA PHE G 33 -20.00 34.24 1.83
C PHE G 33 -20.17 35.64 2.37
N TRP G 34 -19.33 35.99 3.35
CA TRP G 34 -19.40 37.33 3.97
C TRP G 34 -18.70 38.34 3.08
N THR G 35 -19.40 39.40 2.65
CA THR G 35 -18.80 40.34 1.73
C THR G 35 -18.63 41.75 2.21
N TRP G 36 -17.46 42.30 1.93
CA TRP G 36 -17.22 43.69 2.22
C TRP G 36 -17.15 44.46 0.91
N ILE G 37 -17.89 45.57 0.82
CA ILE G 37 -17.85 46.43 -0.37
C ILE G 37 -17.59 47.86 0.05
N ARG G 38 -17.23 48.70 -0.91
CA ARG G 38 -16.99 50.11 -0.65
C ARG G 38 -17.60 51.04 -1.70
N GLN G 39 -18.02 52.23 -1.26
CA GLN G 39 -18.48 53.24 -2.21
C GLN G 39 -17.97 54.65 -1.95
N PRO G 40 -16.83 55.06 -2.54
CA PRO G 40 -16.26 56.40 -2.39
C PRO G 40 -17.25 57.38 -2.98
N PRO G 41 -17.35 58.62 -2.52
CA PRO G 41 -18.20 59.62 -3.11
C PRO G 41 -17.83 59.81 -4.56
N GLY G 42 -18.84 59.91 -5.42
CA GLY G 42 -18.62 60.11 -6.85
C GLY G 42 -18.34 58.82 -7.62
N LYS G 43 -18.27 57.70 -6.91
CA LYS G 43 -17.96 56.42 -7.51
C LYS G 43 -19.09 55.42 -7.38
N GLY G 44 -18.98 54.33 -8.15
CA GLY G 44 -19.94 53.25 -8.10
C GLY G 44 -19.51 52.29 -7.02
N LEU G 45 -20.01 51.07 -7.04
CA LEU G 45 -19.67 50.18 -5.95
C LEU G 45 -18.37 49.44 -6.28
N GLU G 46 -17.55 49.22 -5.26
CA GLU G 46 -16.31 48.46 -5.40
C GLU G 46 -16.34 47.26 -4.49
N TRP G 47 -15.75 46.16 -4.89
CA TRP G 47 -15.66 45.02 -3.98
C TRP G 47 -14.34 45.05 -3.25
N ILE G 48 -14.34 44.76 -1.96
CA ILE G 48 -13.11 44.72 -1.19
C ILE G 48 -12.58 43.32 -1.10
N GLY G 49 -13.46 42.42 -0.71
CA GLY G 49 -13.08 41.03 -0.51
C GLY G 49 -14.20 40.22 0.11
N GLU G 50 -13.98 38.91 0.20
CA GLU G 50 -15.00 38.03 0.77
C GLU G 50 -14.37 36.94 1.62
N ILE G 51 -15.15 36.49 2.59
CA ILE G 51 -14.73 35.45 3.51
C ILE G 51 -15.81 34.46 3.95
N ASN G 52 -15.45 33.20 4.09
CA ASN G 52 -16.41 32.23 4.64
C ASN G 52 -16.03 31.77 6.04
N HIS G 53 -16.79 30.84 6.60
CA HIS G 53 -16.60 30.37 7.97
C HIS G 53 -15.38 29.51 8.20
N LEU G 54 -14.68 29.13 7.13
CA LEU G 54 -13.48 28.33 7.30
C LEU G 54 -12.29 29.26 7.19
N ALA G 55 -12.59 30.56 7.14
CA ALA G 55 -11.65 31.65 6.97
C ALA G 55 -10.94 31.55 5.65
N SER G 56 -11.66 31.07 4.64
CA SER G 56 -11.13 31.01 3.32
C SER G 56 -11.51 32.33 2.69
N THR G 57 -10.52 33.01 2.13
CA THR G 57 -10.75 34.35 1.60
C THR G 57 -10.27 34.59 0.20
N GLY G 58 -10.80 35.67 -0.35
CA GLY G 58 -10.39 36.24 -1.64
C GLY G 58 -10.44 37.76 -1.51
N TYR G 59 -9.57 38.46 -2.25
CA TYR G 59 -9.50 39.91 -2.16
C TYR G 59 -9.37 40.61 -3.48
N ASN G 60 -9.79 41.87 -3.51
CA ASN G 60 -9.57 42.71 -4.67
C ASN G 60 -8.08 42.90 -4.78
N PRO G 61 -7.40 42.49 -5.86
CA PRO G 61 -5.96 42.58 -6.02
C PRO G 61 -5.39 43.96 -5.72
N SER G 62 -6.14 45.04 -5.95
CA SER G 62 -5.59 46.37 -5.69
C SER G 62 -5.38 46.64 -4.21
N LEU G 63 -6.02 45.86 -3.36
CA LEU G 63 -5.93 45.99 -1.92
C LEU G 63 -5.14 44.82 -1.32
N LYS G 64 -4.52 43.99 -2.16
CA LYS G 64 -3.85 42.79 -1.65
C LYS G 64 -2.81 43.07 -0.58
N SER G 65 -2.07 44.16 -0.73
CA SER G 65 -1.02 44.50 0.21
C SER G 65 -1.52 45.23 1.45
N ARG G 66 -2.79 45.64 1.48
CA ARG G 66 -3.30 46.41 2.61
C ARG G 66 -4.46 45.75 3.36
N VAL G 67 -5.23 44.87 2.70
CA VAL G 67 -6.42 44.31 3.32
C VAL G 67 -6.39 42.84 3.70
N THR G 68 -6.78 42.59 4.97
CA THR G 68 -6.90 41.20 5.47
C THR G 68 -8.25 41.07 6.20
N ILE G 69 -9.11 40.16 5.76
CA ILE G 69 -10.44 39.96 6.32
C ILE G 69 -10.40 38.74 7.22
N SER G 70 -10.87 38.93 8.45
CA SER G 70 -10.89 37.85 9.44
C SER G 70 -12.30 37.46 9.88
N VAL G 71 -12.40 36.22 10.36
CA VAL G 71 -13.65 35.69 10.89
C VAL G 71 -13.44 35.07 12.25
N ASP G 72 -14.42 35.25 13.12
CA ASP G 72 -14.41 34.61 14.41
C ASP G 72 -15.80 34.04 14.60
N THR G 73 -15.92 32.75 14.40
CA THR G 73 -17.20 32.11 14.38
C THR G 73 -17.78 32.01 15.77
N SER G 74 -16.95 32.12 16.81
CA SER G 74 -17.45 31.94 18.16
C SER G 74 -18.25 33.13 18.63
N LYS G 75 -18.32 34.14 17.75
CA LYS G 75 -19.17 35.32 18.07
C LYS G 75 -19.93 35.77 16.81
N ASN G 76 -19.97 34.92 15.78
CA ASN G 76 -20.61 35.29 14.50
C ASN G 76 -20.24 36.76 14.26
N GLN G 77 -18.95 37.08 14.26
CA GLN G 77 -18.51 38.47 13.99
C GLN G 77 -17.27 38.39 13.08
N PHE G 78 -17.29 39.09 11.95
CA PHE G 78 -16.09 39.15 11.08
C PHE G 78 -15.71 40.63 10.90
N SER G 79 -14.42 40.97 11.07
CA SER G 79 -14.02 42.40 11.04
C SER G 79 -13.17 42.71 9.81
N LEU G 80 -13.51 43.79 9.10
CA LEU G 80 -12.69 44.22 7.94
C LEU G 80 -11.38 44.77 8.47
N LYS G 81 -10.32 44.62 7.71
CA LYS G 81 -9.04 45.24 8.12
C LYS G 81 -8.36 45.87 6.89
N LEU G 82 -7.97 47.15 6.99
CA LEU G 82 -7.32 47.84 5.87
C LEU G 82 -6.23 48.73 6.43
N THR G 83 -4.99 48.32 6.22
CA THR G 83 -3.87 49.04 6.81
C THR G 83 -3.47 50.18 5.91
N SER G 84 -2.65 51.10 6.43
CA SER G 84 -2.20 52.24 5.65
C SER G 84 -3.38 52.95 4.98
N VAL G 85 -4.42 53.22 5.77
CA VAL G 85 -5.62 53.88 5.27
C VAL G 85 -5.28 55.30 4.81
N THR G 86 -5.81 55.69 3.66
CA THR G 86 -5.53 57.00 3.06
C THR G 86 -6.72 57.78 2.48
N ALA G 87 -6.40 58.85 1.77
CA ALA G 87 -7.36 59.80 1.15
C ALA G 87 -8.25 59.15 0.13
N ALA G 88 -7.80 58.06 -0.44
CA ALA G 88 -8.53 57.33 -1.45
C ALA G 88 -9.52 56.34 -0.85
N ASP G 89 -9.48 56.15 0.48
CA ASP G 89 -10.30 55.16 1.16
C ASP G 89 -11.48 55.80 1.88
N THR G 90 -11.70 57.08 1.58
CA THR G 90 -12.74 57.88 2.19
C THR G 90 -14.06 57.53 1.55
N ALA G 91 -14.64 56.46 2.04
CA ALA G 91 -15.80 55.86 1.44
C ALA G 91 -16.79 55.33 2.43
N VAL G 92 -17.98 55.03 1.94
CA VAL G 92 -18.94 54.38 2.80
C VAL G 92 -18.71 52.89 2.66
N TYR G 93 -18.58 52.23 3.78
CA TYR G 93 -18.34 50.81 3.78
C TYR G 93 -19.60 50.05 4.12
N TYR G 94 -19.80 48.94 3.43
CA TYR G 94 -20.95 48.10 3.71
C TYR G 94 -20.54 46.64 3.95
N CYS G 95 -21.31 45.98 4.84
CA CYS G 95 -21.12 44.54 5.15
C CYS G 95 -22.39 43.80 4.69
N ALA G 96 -22.26 42.78 3.85
CA ALA G 96 -23.40 42.07 3.27
C ALA G 96 -23.23 40.57 3.23
N ARG G 97 -24.36 39.88 3.25
CA ARG G 97 -24.38 38.42 3.15
C ARG G 97 -24.55 37.98 1.70
N GLY G 98 -23.65 37.12 1.18
CA GLY G 98 -23.79 36.65 -0.19
C GLY G 98 -23.96 35.16 -0.39
N TYR G 99 -24.51 34.81 -1.53
CA TYR G 99 -24.72 33.41 -1.86
C TYR G 99 -24.48 33.09 -3.30
N SER G 100 -23.82 31.95 -3.57
CA SER G 100 -23.58 31.51 -4.94
C SER G 100 -24.06 30.11 -5.22
N TYR G 101 -25.03 30.00 -6.11
CA TYR G 101 -25.66 28.75 -6.46
C TYR G 101 -24.91 28.02 -7.52
N GLY G 102 -23.78 27.48 -7.18
CA GLY G 102 -22.94 26.82 -8.19
C GLY G 102 -23.38 25.42 -8.57
N PHE G 103 -24.64 25.26 -8.99
CA PHE G 103 -25.15 23.94 -9.33
C PHE G 103 -25.82 23.93 -10.69
N ALA G 104 -25.59 22.87 -11.45
CA ALA G 104 -26.17 22.71 -12.77
C ALA G 104 -26.02 23.98 -13.59
N TRP G 105 -27.08 24.43 -14.22
CA TRP G 105 -27.03 25.63 -15.02
C TRP G 105 -28.44 26.12 -15.26
N PRO G 106 -28.69 27.43 -15.21
CA PRO G 106 -27.84 28.56 -14.91
C PRO G 106 -27.51 28.63 -13.45
N ASN G 107 -26.37 29.19 -13.12
CA ASN G 107 -26.06 29.49 -11.74
C ASN G 107 -26.26 30.98 -11.47
N TYR G 108 -26.06 31.41 -10.22
CA TYR G 108 -26.25 32.81 -9.86
C TYR G 108 -25.56 33.24 -8.58
N HIS G 109 -25.43 34.56 -8.40
CA HIS G 109 -24.90 35.13 -7.17
C HIS G 109 -25.52 36.45 -6.79
N TYR G 110 -25.74 36.61 -5.50
CA TYR G 110 -26.25 37.86 -5.00
C TYR G 110 -25.91 38.14 -3.56
N LEU G 111 -26.07 39.41 -3.20
CA LEU G 111 -25.97 39.91 -1.83
C LEU G 111 -27.36 40.36 -1.39
N ASP G 112 -27.91 39.73 -0.34
CA ASP G 112 -29.30 40.00 0.06
C ASP G 112 -29.45 40.87 1.29
N VAL G 113 -28.92 40.43 2.42
CA VAL G 113 -29.05 41.23 3.62
C VAL G 113 -27.87 42.18 3.71
N TRP G 114 -28.18 43.46 3.79
CA TRP G 114 -27.19 44.53 3.83
C TRP G 114 -27.23 45.30 5.13
N GLY G 115 -26.06 45.77 5.55
CA GLY G 115 -25.98 46.65 6.70
C GLY G 115 -26.40 48.04 6.25
N LYS G 116 -26.37 49.02 7.14
CA LYS G 116 -26.85 50.34 6.78
C LYS G 116 -25.81 51.25 6.14
N GLY G 117 -24.54 50.93 6.34
CA GLY G 117 -23.45 51.73 5.80
C GLY G 117 -22.71 52.52 6.88
N THR G 118 -21.40 52.40 6.87
CA THR G 118 -20.53 53.07 7.81
C THR G 118 -19.72 54.11 7.06
N THR G 119 -19.72 55.35 7.50
CA THR G 119 -18.97 56.37 6.76
C THR G 119 -17.63 56.60 7.39
N VAL G 120 -16.56 56.43 6.61
CA VAL G 120 -15.23 56.63 7.11
C VAL G 120 -14.46 57.63 6.27
N THR G 121 -13.87 58.61 6.92
CA THR G 121 -13.06 59.61 6.25
C THR G 121 -11.70 59.61 6.91
N VAL G 122 -10.74 60.34 6.33
CA VAL G 122 -9.40 60.40 6.93
C VAL G 122 -8.94 61.82 7.35
N SER G 123 -9.88 62.75 7.62
CA SER G 123 -9.60 64.12 8.07
C SER G 123 -9.33 64.15 9.58
N GLU H 1 -9.19 37.80 -16.17
CA GLU H 1 -10.39 38.12 -15.43
C GLU H 1 -11.37 38.81 -16.39
N THR H 2 -12.58 39.17 -15.89
CA THR H 2 -13.66 39.80 -16.67
C THR H 2 -14.13 41.10 -16.06
N THR H 3 -14.72 41.95 -16.91
CA THR H 3 -15.30 43.22 -16.49
C THR H 3 -16.69 43.42 -17.05
N LEU H 4 -17.40 44.39 -16.47
CA LEU H 4 -18.72 44.76 -16.95
C LEU H 4 -18.77 46.21 -17.38
N THR H 5 -19.52 46.50 -18.44
CA THR H 5 -19.76 47.85 -18.90
C THR H 5 -21.23 48.14 -19.08
N GLN H 6 -21.68 49.24 -18.51
CA GLN H 6 -23.04 49.68 -18.69
C GLN H 6 -23.05 50.92 -19.55
N SER H 7 -23.50 50.79 -20.78
CA SER H 7 -23.49 51.90 -21.72
C SER H 7 -24.40 53.12 -21.42
N PRO H 8 -25.67 52.96 -21.00
CA PRO H 8 -26.60 54.05 -20.81
C PRO H 8 -26.37 54.78 -19.52
N ALA H 9 -25.26 55.49 -19.40
CA ALA H 9 -24.94 56.09 -18.11
C ALA H 9 -26.07 57.00 -17.61
N THR H 10 -26.70 57.74 -18.50
CA THR H 10 -27.83 58.56 -18.09
C THR H 10 -29.00 58.27 -19.02
N LEU H 11 -30.15 57.94 -18.44
CA LEU H 11 -31.33 57.63 -19.21
C LEU H 11 -32.55 58.43 -18.71
N SER H 12 -33.26 59.12 -19.60
CA SER H 12 -34.38 59.92 -19.10
C SER H 12 -35.67 59.81 -19.88
N LEU H 13 -36.67 59.38 -19.12
CA LEU H 13 -38.04 59.15 -19.53
C LEU H 13 -38.97 59.76 -18.51
N SER H 14 -40.20 60.07 -18.87
CA SER H 14 -41.09 60.52 -17.81
C SER H 14 -41.57 59.26 -17.05
N PRO H 15 -42.07 59.37 -15.82
CA PRO H 15 -42.66 58.26 -15.11
C PRO H 15 -43.81 57.73 -15.91
N GLY H 16 -43.98 56.42 -15.91
CA GLY H 16 -45.04 55.77 -16.65
C GLY H 16 -44.55 55.20 -17.99
N GLU H 17 -43.38 55.61 -18.45
CA GLU H 17 -42.84 55.09 -19.70
C GLU H 17 -42.04 53.81 -19.42
N ARG H 18 -41.97 52.91 -20.37
CA ARG H 18 -41.15 51.72 -20.21
C ARG H 18 -39.70 51.97 -20.59
N ALA H 19 -38.76 51.38 -19.84
CA ALA H 19 -37.36 51.60 -20.18
C ALA H 19 -36.46 50.44 -19.83
N THR H 20 -35.34 50.33 -20.53
CA THR H 20 -34.36 49.33 -20.19
C THR H 20 -32.97 49.88 -20.05
N LEU H 21 -32.18 49.18 -19.26
CA LEU H 21 -30.77 49.46 -19.04
C LEU H 21 -29.93 48.24 -19.41
N SER H 22 -29.11 48.37 -20.44
CA SER H 22 -28.29 47.26 -20.91
C SER H 22 -27.03 47.13 -20.08
N CYS H 23 -26.35 45.94 -20.16
CA CYS H 23 -25.09 45.66 -19.49
C CYS H 23 -24.31 44.62 -20.29
N ARG H 24 -23.05 44.94 -20.61
CA ARG H 24 -22.24 44.03 -21.40
C ARG H 24 -20.99 43.54 -20.71
N ALA H 25 -20.69 42.27 -20.94
CA ALA H 25 -19.48 41.67 -20.39
C ALA H 25 -18.38 41.55 -21.41
N SER H 26 -17.14 41.58 -20.94
CA SER H 26 -15.97 41.39 -21.80
C SER H 26 -15.76 39.95 -22.28
N GLN H 27 -16.31 39.00 -21.55
CA GLN H 27 -16.20 37.58 -21.84
C GLN H 27 -17.54 36.98 -21.56
N SER H 28 -17.84 35.81 -22.16
CA SER H 28 -19.11 35.18 -21.83
C SER H 28 -19.10 35.16 -20.33
N VAL H 29 -20.20 35.55 -19.75
CA VAL H 29 -20.23 35.65 -18.32
C VAL H 29 -20.26 34.32 -17.67
N SER H 30 -19.36 34.14 -16.72
CA SER H 30 -19.38 32.94 -15.92
C SER H 30 -20.49 33.28 -14.98
N SER H 31 -21.51 32.44 -14.89
CA SER H 31 -22.72 32.73 -14.13
C SER H 31 -23.54 33.82 -14.82
N TYR H 32 -24.45 34.40 -14.08
CA TYR H 32 -25.38 35.39 -14.59
C TYR H 32 -25.29 36.62 -13.74
N LEU H 33 -25.65 37.76 -14.30
CA LEU H 33 -25.54 38.99 -13.58
C LEU H 33 -26.70 39.25 -12.65
N ALA H 34 -26.40 39.94 -11.56
CA ALA H 34 -27.42 40.41 -10.64
C ALA H 34 -27.56 41.91 -10.79
N TRP H 35 -28.73 42.41 -10.50
CA TRP H 35 -28.94 43.83 -10.54
C TRP H 35 -29.29 44.37 -9.19
N TYR H 36 -28.75 45.53 -8.90
CA TYR H 36 -29.04 46.24 -7.68
C TYR H 36 -29.62 47.61 -7.91
N GLN H 37 -30.52 47.99 -7.03
CA GLN H 37 -31.08 49.32 -7.05
C GLN H 37 -30.49 50.06 -5.88
N HIS H 38 -30.08 51.28 -6.09
CA HIS H 38 -29.48 52.06 -5.04
C HIS H 38 -30.12 53.44 -4.91
N LYS H 39 -30.32 53.86 -3.69
CA LYS H 39 -30.90 55.16 -3.43
C LYS H 39 -29.86 56.09 -2.82
N PRO H 40 -29.95 57.39 -3.06
CA PRO H 40 -29.02 58.39 -2.61
C PRO H 40 -29.12 58.66 -1.13
N GLY H 41 -28.49 57.79 -0.35
CA GLY H 41 -28.54 57.90 1.10
C GLY H 41 -28.94 56.63 1.84
N GLN H 42 -29.16 55.51 1.14
CA GLN H 42 -29.51 54.29 1.87
C GLN H 42 -28.46 53.19 1.72
N ALA H 43 -28.85 52.10 1.06
CA ALA H 43 -27.99 50.96 0.88
C ALA H 43 -28.48 50.29 -0.38
N PRO H 44 -27.67 49.54 -1.09
CA PRO H 44 -28.10 48.82 -2.26
C PRO H 44 -29.08 47.73 -1.88
N ARG H 45 -30.04 47.49 -2.75
CA ARG H 45 -31.04 46.45 -2.61
C ARG H 45 -31.05 45.50 -3.79
N LEU H 46 -31.07 44.20 -3.52
CA LEU H 46 -31.11 43.25 -4.62
C LEU H 46 -32.40 43.38 -5.34
N LEU H 47 -32.31 43.56 -6.64
CA LEU H 47 -33.49 43.75 -7.45
C LEU H 47 -33.78 42.48 -8.22
N ILE H 48 -32.76 41.99 -8.94
CA ILE H 48 -32.88 40.78 -9.77
C ILE H 48 -31.63 39.91 -9.67
N TYR H 49 -31.76 38.59 -9.63
CA TYR H 49 -30.55 37.76 -9.66
C TYR H 49 -30.64 36.65 -10.68
N GLY H 50 -29.50 36.17 -11.17
CA GLY H 50 -29.55 35.08 -12.12
C GLY H 50 -30.16 35.56 -13.43
N ALA H 51 -29.99 36.85 -13.75
CA ALA H 51 -30.56 37.54 -14.91
C ALA H 51 -32.09 37.75 -14.79
N SER H 52 -32.85 36.69 -14.50
CA SER H 52 -34.31 36.76 -14.45
C SER H 52 -35.07 36.53 -13.12
N LYS H 53 -34.42 36.25 -11.99
CA LYS H 53 -35.18 35.96 -10.77
C LYS H 53 -35.47 37.24 -10.01
N ARG H 54 -36.73 37.46 -9.63
CA ARG H 54 -37.10 38.71 -8.96
C ARG H 54 -37.04 38.68 -7.44
N ALA H 55 -36.55 37.59 -6.89
CA ALA H 55 -36.47 37.41 -5.45
C ALA H 55 -37.85 37.44 -4.79
N THR H 56 -38.07 38.29 -3.80
CA THR H 56 -39.31 38.31 -3.03
C THR H 56 -40.13 39.60 -3.04
N GLY H 57 -39.61 40.62 -2.34
CA GLY H 57 -40.32 41.88 -2.13
C GLY H 57 -40.27 42.87 -3.29
N ILE H 58 -39.58 42.50 -4.35
CA ILE H 58 -39.45 43.34 -5.51
C ILE H 58 -40.70 43.25 -6.36
N PRO H 59 -41.33 44.36 -6.73
CA PRO H 59 -42.55 44.41 -7.50
C PRO H 59 -42.33 43.91 -8.91
N SER H 60 -43.42 43.47 -9.54
CA SER H 60 -43.49 42.90 -10.89
C SER H 60 -43.05 43.84 -12.00
N ARG H 61 -42.91 45.10 -11.65
CA ARG H 61 -42.45 46.12 -12.55
C ARG H 61 -41.03 45.80 -13.02
N PHE H 62 -40.27 45.10 -12.19
CA PHE H 62 -38.89 44.79 -12.54
C PHE H 62 -38.69 43.39 -13.06
N SER H 63 -38.12 43.30 -14.24
CA SER H 63 -37.81 42.01 -14.82
C SER H 63 -36.53 42.08 -15.61
N GLY H 64 -36.18 40.99 -16.25
CA GLY H 64 -34.94 40.99 -17.01
C GLY H 64 -34.54 39.63 -17.54
N SER H 65 -33.51 39.67 -18.38
CA SER H 65 -32.98 38.49 -19.02
C SER H 65 -31.56 38.74 -19.50
N GLY H 66 -30.91 37.67 -19.97
CA GLY H 66 -29.58 37.80 -20.56
C GLY H 66 -28.88 36.47 -20.69
N SER H 67 -27.82 36.48 -21.49
CA SER H 67 -27.01 35.29 -21.73
C SER H 67 -25.69 35.70 -22.37
N GLY H 68 -24.72 34.79 -22.41
CA GLY H 68 -23.52 35.15 -23.13
C GLY H 68 -22.89 36.35 -22.47
N THR H 69 -22.72 37.41 -23.27
CA THR H 69 -22.14 38.68 -22.86
C THR H 69 -23.14 39.82 -22.77
N ASP H 70 -24.40 39.56 -23.09
CA ASP H 70 -25.40 40.63 -23.17
C ASP H 70 -26.62 40.44 -22.29
N PHE H 71 -26.74 41.34 -21.33
CA PHE H 71 -27.79 41.33 -20.34
C PHE H 71 -28.59 42.62 -20.32
N SER H 72 -29.85 42.53 -19.88
CA SER H 72 -30.67 43.74 -19.76
C SER H 72 -31.71 43.75 -18.64
N LEU H 73 -31.79 44.90 -17.98
CA LEU H 73 -32.77 45.21 -16.93
C LEU H 73 -33.95 45.96 -17.48
N THR H 74 -35.14 45.42 -17.29
CA THR H 74 -36.34 46.09 -17.79
C THR H 74 -37.25 46.59 -16.70
N ILE H 75 -37.61 47.87 -16.79
CA ILE H 75 -38.54 48.41 -15.83
C ILE H 75 -39.79 48.69 -16.64
N SER H 76 -40.87 47.98 -16.34
CA SER H 76 -42.05 48.02 -17.19
C SER H 76 -42.78 49.35 -17.31
N SER H 77 -42.73 50.20 -16.29
CA SER H 77 -43.44 51.47 -16.34
C SER H 77 -42.80 52.63 -15.59
N LEU H 78 -41.59 52.46 -15.08
CA LEU H 78 -40.93 53.53 -14.34
C LEU H 78 -41.79 54.29 -13.34
N GLU H 79 -42.06 53.68 -12.20
CA GLU H 79 -42.81 54.34 -11.15
C GLU H 79 -41.88 55.46 -10.66
N PRO H 80 -42.32 56.66 -10.27
CA PRO H 80 -41.46 57.74 -9.79
C PRO H 80 -40.45 57.31 -8.71
N GLU H 81 -40.83 56.33 -7.90
CA GLU H 81 -40.00 55.81 -6.82
C GLU H 81 -38.75 55.08 -7.30
N ASP H 82 -38.75 54.66 -8.56
CA ASP H 82 -37.67 53.89 -9.15
C ASP H 82 -36.64 54.74 -9.86
N PHE H 83 -36.79 56.06 -9.86
CA PHE H 83 -35.80 56.86 -10.57
C PHE H 83 -34.53 57.17 -9.79
N ALA H 84 -33.69 56.16 -9.68
CA ALA H 84 -32.43 56.30 -8.95
C ALA H 84 -31.26 55.63 -9.70
N VAL H 85 -30.42 54.86 -8.99
CA VAL H 85 -29.21 54.33 -9.63
C VAL H 85 -29.16 52.82 -9.66
N TYR H 86 -28.80 52.28 -10.80
CA TYR H 86 -28.74 50.84 -10.93
C TYR H 86 -27.33 50.34 -11.21
N TYR H 87 -27.01 49.18 -10.66
CA TYR H 87 -25.70 48.55 -10.86
C TYR H 87 -25.78 47.09 -11.29
N CYS H 88 -24.81 46.64 -12.11
CA CYS H 88 -24.63 45.23 -12.50
C CYS H 88 -23.63 44.61 -11.53
N GLN H 89 -23.87 43.36 -11.14
CA GLN H 89 -22.94 42.59 -10.32
C GLN H 89 -22.58 41.25 -10.91
N HIS H 90 -21.29 40.96 -10.95
CA HIS H 90 -20.79 39.70 -11.50
C HIS H 90 -19.76 38.96 -10.65
N ARG H 91 -20.03 37.70 -10.32
CA ARG H 91 -19.07 36.94 -9.49
C ARG H 91 -18.52 35.69 -10.16
N SER H 92 -17.20 35.61 -10.13
CA SER H 92 -16.34 34.53 -10.59
C SER H 92 -15.85 33.82 -9.35
N ASP H 93 -15.20 32.67 -9.47
CA ASP H 93 -14.74 32.05 -8.24
C ASP H 93 -13.77 33.00 -7.51
N TRP H 94 -14.16 33.36 -6.27
CA TRP H 94 -13.46 34.27 -5.36
C TRP H 94 -13.18 35.69 -5.84
N ARG H 95 -13.84 36.12 -6.91
CA ARG H 95 -13.66 37.47 -7.44
C ARG H 95 -14.96 38.09 -7.90
N THR H 96 -15.16 39.36 -7.66
CA THR H 96 -16.38 39.95 -8.17
C THR H 96 -16.22 41.40 -8.49
N THR H 97 -17.01 41.83 -9.45
CA THR H 97 -17.00 43.22 -9.83
C THR H 97 -18.37 43.81 -10.02
N PHE H 98 -18.34 45.10 -10.25
CA PHE H 98 -19.53 45.90 -10.48
C PHE H 98 -19.39 46.76 -11.71
N GLY H 99 -20.53 47.11 -12.27
CA GLY H 99 -20.52 48.01 -13.41
C GLY H 99 -20.33 49.43 -12.91
N GLN H 100 -20.37 50.39 -13.82
CA GLN H 100 -20.11 51.78 -13.49
C GLN H 100 -21.28 52.42 -12.79
N GLY H 101 -22.47 51.98 -13.12
CA GLY H 101 -23.67 52.53 -12.57
C GLY H 101 -24.37 53.39 -13.59
N THR H 102 -25.68 53.23 -13.69
CA THR H 102 -26.48 54.02 -14.60
C THR H 102 -27.55 54.71 -13.82
N ARG H 103 -27.94 55.88 -14.27
CA ARG H 103 -28.93 56.65 -13.53
C ARG H 103 -30.15 57.00 -14.33
N LEU H 104 -31.29 56.93 -13.66
CA LEU H 104 -32.53 57.36 -14.28
C LEU H 104 -32.86 58.75 -13.85
N GLU H 105 -33.41 59.51 -14.77
CA GLU H 105 -33.81 60.88 -14.49
C GLU H 105 -35.19 61.23 -15.03
N ILE H 106 -35.93 61.98 -14.23
CA ILE H 106 -37.25 62.49 -14.59
C ILE H 106 -37.12 63.82 -15.30
N LYS H 107 -37.72 63.94 -16.47
CA LYS H 107 -37.67 65.17 -17.24
C LYS H 107 -39.08 65.73 -17.42
N LYS H 108 -39.18 67.05 -17.68
CA LYS H 108 -40.42 67.80 -17.92
C LYS H 108 -40.13 68.84 -19.01
N GLN I 3 26.86 -13.92 45.76
CA GLN I 3 27.47 -14.42 44.53
C GLN I 3 28.09 -13.29 43.68
N LEU I 4 27.31 -12.20 43.46
CA LEU I 4 27.67 -11.05 42.63
C LEU I 4 27.98 -9.85 43.49
N GLN I 5 28.89 -9.01 43.03
CA GLN I 5 29.17 -7.78 43.76
C GLN I 5 29.49 -6.62 42.85
N GLU I 6 28.69 -5.57 42.94
CA GLU I 6 28.89 -4.38 42.15
C GLU I 6 29.93 -3.49 42.82
N SER I 7 30.73 -2.77 42.04
CA SER I 7 31.73 -1.90 42.66
C SER I 7 32.05 -0.66 41.84
N GLY I 8 32.16 0.49 42.51
CA GLY I 8 32.46 1.71 41.78
C GLY I 8 33.70 2.44 42.25
N ALA I 9 33.78 3.69 41.81
CA ALA I 9 34.92 4.54 42.10
C ALA I 9 34.47 6.01 42.10
N GLY I 10 35.22 6.83 42.84
CA GLY I 10 34.92 8.25 42.91
C GLY I 10 35.97 8.97 43.74
N LEU I 11 35.71 10.23 44.01
CA LEU I 11 36.65 11.07 44.71
C LEU I 11 35.93 12.22 45.39
N LEU I 12 36.61 12.91 46.32
CA LEU I 12 35.99 14.09 46.90
C LEU I 12 36.08 15.12 45.81
N LYS I 13 35.01 15.89 45.60
CA LYS I 13 34.97 16.79 44.45
C LYS I 13 34.38 18.18 44.73
N PRO I 14 35.18 19.15 45.22
CA PRO I 14 34.79 20.51 45.60
C PRO I 14 33.99 21.32 44.57
N SER I 15 34.24 21.08 43.30
CA SER I 15 33.52 21.80 42.25
C SER I 15 33.44 20.94 41.03
N GLU I 16 33.16 21.57 39.90
CA GLU I 16 33.04 20.86 38.63
C GLU I 16 31.90 19.82 38.62
N THR I 17 32.24 18.57 38.28
CA THR I 17 31.29 17.48 38.11
C THR I 17 31.65 16.25 38.96
N LEU I 18 30.63 15.65 39.56
CA LEU I 18 30.76 14.47 40.42
C LEU I 18 31.47 13.26 39.79
N SER I 19 31.10 12.91 38.56
CA SER I 19 31.74 11.82 37.79
C SER I 19 31.95 10.47 38.48
N LEU I 20 30.91 9.81 38.97
CA LEU I 20 31.13 8.49 39.62
C LEU I 20 30.97 7.38 38.62
N SER I 21 31.75 6.30 38.86
CA SER I 21 31.70 5.14 37.94
C SER I 21 31.33 3.85 38.68
N CYS I 22 30.61 2.95 38.03
CA CYS I 22 30.21 1.65 38.57
C CYS I 22 30.50 0.56 37.56
N THR I 23 31.26 -0.44 37.99
CA THR I 23 31.58 -1.56 37.13
C THR I 23 30.71 -2.70 37.56
N VAL I 24 30.03 -3.25 36.59
CA VAL I 24 29.06 -4.30 36.77
C VAL I 24 29.73 -5.65 36.80
N ASP I 25 29.16 -6.57 37.58
CA ASP I 25 29.74 -7.89 37.65
C ASP I 25 29.39 -8.61 36.33
N GLY I 26 29.83 -9.83 36.15
CA GLY I 26 29.66 -10.46 34.83
C GLY I 26 28.32 -11.10 34.53
N GLU I 27 27.40 -11.09 35.49
CA GLU I 27 26.14 -11.76 35.29
C GLU I 27 24.95 -10.85 34.88
N SER I 28 24.36 -11.16 33.73
CA SER I 28 23.13 -10.53 33.18
C SER I 28 23.03 -9.00 33.12
N PHE I 29 24.02 -8.35 32.52
CA PHE I 29 24.02 -6.88 32.43
C PHE I 29 22.71 -6.33 31.85
N ASN I 30 22.21 -6.98 30.81
CA ASN I 30 21.05 -6.48 30.05
C ASN I 30 19.69 -6.85 30.63
N GLY I 31 19.65 -7.58 31.74
CA GLY I 31 18.34 -7.96 32.28
C GLY I 31 17.83 -7.07 33.41
N PHE I 32 18.58 -6.03 33.76
CA PHE I 32 18.26 -5.18 34.90
C PHE I 32 18.32 -3.68 34.67
N PHE I 33 17.61 -2.95 35.52
CA PHE I 33 17.64 -1.50 35.53
C PHE I 33 18.74 -1.08 36.47
N TRP I 34 19.71 -0.34 35.94
CA TRP I 34 20.85 0.14 36.76
C TRP I 34 20.42 1.37 37.55
N THR I 35 20.54 1.32 38.88
CA THR I 35 20.07 2.42 39.70
C THR I 35 21.09 3.16 40.50
N TRP I 36 21.00 4.48 40.46
CA TRP I 36 21.84 5.30 41.30
C TRP I 36 20.97 5.94 42.39
N ILE I 37 21.42 5.83 43.65
CA ILE I 37 20.70 6.46 44.77
C ILE I 37 21.68 7.29 45.58
N ARG I 38 21.15 8.15 46.43
CA ARG I 38 21.97 8.98 47.30
C ARG I 38 21.47 9.06 48.73
N GLN I 39 22.39 9.18 49.69
CA GLN I 39 22.00 9.40 51.08
C GLN I 39 22.81 10.48 51.79
N PRO I 40 22.37 11.74 51.81
CA PRO I 40 23.04 12.85 52.49
C PRO I 40 22.98 12.55 53.97
N PRO I 41 23.94 12.97 54.79
CA PRO I 41 23.90 12.80 56.22
C PRO I 41 22.64 13.44 56.77
N GLY I 42 21.97 12.75 57.68
CA GLY I 42 20.76 13.26 58.32
C GLY I 42 19.50 13.01 57.49
N LYS I 43 19.65 12.43 56.30
CA LYS I 43 18.54 12.19 55.41
C LYS I 43 18.32 10.71 55.14
N GLY I 44 17.14 10.42 54.55
CA GLY I 44 16.79 9.07 54.17
C GLY I 44 17.33 8.82 52.77
N LEU I 45 16.83 7.82 52.09
CA LEU I 45 17.40 7.52 50.80
C LEU I 45 16.71 8.35 49.73
N GLU I 46 17.47 8.80 48.74
CA GLU I 46 16.94 9.54 47.60
C GLU I 46 17.25 8.80 46.32
N TRP I 47 16.38 8.86 45.34
CA TRP I 47 16.70 8.26 44.06
C TRP I 47 17.28 9.31 43.13
N ILE I 48 18.33 8.96 42.38
CA ILE I 48 18.92 9.90 41.44
C ILE I 48 18.37 9.68 40.06
N GLY I 49 18.39 8.43 39.64
CA GLY I 49 17.96 8.07 38.31
C GLY I 49 18.24 6.62 37.99
N GLU I 50 17.75 6.18 36.83
CA GLU I 50 17.95 4.80 36.42
C GLU I 50 18.21 4.69 34.93
N ILE I 51 18.95 3.65 34.58
CA ILE I 51 19.30 3.37 33.19
C ILE I 51 19.36 1.90 32.79
N ASN I 52 18.92 1.59 31.57
CA ASN I 52 19.07 0.22 31.08
C ASN I 52 20.11 0.12 29.97
N HIS I 53 20.27 -1.06 29.40
CA HIS I 53 21.28 -1.34 28.40
C HIS I 53 21.04 -0.72 27.04
N LEU I 54 19.87 -0.12 26.83
CA LEU I 54 19.59 0.51 25.56
C LEU I 54 19.81 2.00 25.74
N ALA I 55 20.35 2.36 26.90
CA ALA I 55 20.60 3.71 27.35
C ALA I 55 19.31 4.49 27.46
N SER I 56 18.25 3.81 27.85
CA SER I 56 16.99 4.44 28.08
C SER I 56 17.01 4.83 29.53
N THR I 57 16.73 6.10 29.80
CA THR I 57 16.84 6.62 31.15
C THR I 57 15.65 7.36 31.67
N GLY I 58 15.64 7.51 32.99
CA GLY I 58 14.70 8.33 33.75
C GLY I 58 15.47 8.99 34.89
N TYR I 59 15.04 10.19 35.30
CA TYR I 59 15.74 10.92 36.35
C TYR I 59 14.83 11.56 37.36
N ASN I 60 15.37 11.80 38.54
CA ASN I 60 14.68 12.56 39.55
C ASN I 60 14.56 13.97 39.00
N PRO I 61 13.36 14.54 38.80
CA PRO I 61 13.15 15.85 38.23
C PRO I 61 13.98 16.94 38.88
N SER I 62 14.29 16.83 40.18
CA SER I 62 15.04 17.90 40.83
C SER I 62 16.48 17.98 40.34
N LEU I 63 16.96 16.92 39.70
CA LEU I 63 18.30 16.84 39.18
C LEU I 63 18.29 16.88 37.65
N LYS I 64 17.14 17.16 37.04
CA LYS I 64 17.04 17.08 35.59
C LYS I 64 18.06 17.95 34.85
N SER I 65 18.32 19.14 35.39
CA SER I 65 19.25 20.06 34.76
C SER I 65 20.72 19.77 35.06
N ARG I 66 21.01 18.86 36.00
CA ARG I 66 22.39 18.60 36.39
C ARG I 66 22.86 17.17 36.15
N VAL I 67 21.94 16.19 36.11
CA VAL I 67 22.35 14.79 36.01
C VAL I 67 22.07 14.06 34.72
N THR I 68 23.12 13.42 34.20
CA THR I 68 22.99 12.57 32.99
C THR I 68 23.69 11.23 33.26
N ILE I 69 22.96 10.12 33.16
CA ILE I 69 23.47 8.78 33.43
C ILE I 69 23.77 8.10 32.11
N SER I 70 24.98 7.59 31.98
CA SER I 70 25.42 6.91 30.77
C SER I 70 25.74 5.44 30.99
N VAL I 71 25.65 4.69 29.88
CA VAL I 71 25.99 3.28 29.88
C VAL I 71 26.93 2.94 28.74
N ASP I 72 27.87 2.04 29.02
CA ASP I 72 28.76 1.54 28.00
C ASP I 72 28.78 0.04 28.18
N THR I 73 28.06 -0.63 27.30
CA THR I 73 27.85 -2.04 27.45
C THR I 73 29.10 -2.82 27.11
N SER I 74 30.03 -2.21 26.36
CA SER I 74 31.21 -2.94 25.92
C SER I 74 32.19 -3.15 27.05
N LYS I 75 31.84 -2.60 28.21
CA LYS I 75 32.68 -2.83 29.42
C LYS I 75 31.79 -3.07 30.63
N ASN I 76 30.51 -3.35 30.41
CA ASN I 76 29.55 -3.52 31.54
C ASN I 76 29.95 -2.48 32.58
N GLN I 77 29.98 -1.20 32.20
CA GLN I 77 30.31 -0.12 33.16
C GLN I 77 29.37 1.05 32.85
N PHE I 78 28.65 1.55 33.86
CA PHE I 78 27.80 2.76 33.67
C PHE I 78 28.25 3.81 34.69
N SER I 79 28.46 5.06 34.26
CA SER I 79 29.02 6.09 35.17
C SER I 79 27.99 7.16 35.49
N LEU I 80 27.83 7.49 36.77
CA LEU I 80 26.90 8.58 37.18
C LEU I 80 27.53 9.89 36.74
N LYS I 81 26.70 10.87 36.41
CA LYS I 81 27.25 12.21 36.09
C LYS I 81 26.37 13.29 36.75
N LEU I 82 26.98 14.21 37.49
CA LEU I 82 26.22 15.28 38.16
C LEU I 82 27.02 16.55 38.09
N THR I 83 26.58 17.47 37.24
CA THR I 83 27.34 18.70 37.00
C THR I 83 26.99 19.71 38.06
N SER I 84 27.80 20.77 38.15
CA SER I 84 27.55 21.83 39.13
C SER I 84 27.32 21.25 40.52
N VAL I 85 28.22 20.35 40.92
CA VAL I 85 28.14 19.69 42.23
C VAL I 85 28.31 20.73 43.33
N THR I 86 27.47 20.63 44.36
CA THR I 86 27.47 21.58 45.48
C THR I 86 27.36 21.02 46.89
N ALA I 87 27.15 21.91 47.86
CA ALA I 87 27.07 21.62 49.30
C ALA I 87 25.93 20.70 49.66
N ALA I 88 24.92 20.67 48.82
CA ALA I 88 23.75 19.85 49.03
C ALA I 88 23.94 18.43 48.50
N ASP I 89 25.05 18.17 47.80
CA ASP I 89 25.29 16.88 47.18
C ASP I 89 26.30 16.05 47.97
N THR I 90 26.59 16.50 49.17
CA THR I 90 27.56 15.88 50.05
C THR I 90 26.92 14.68 50.69
N ALA I 91 26.95 13.59 49.95
CA ALA I 91 26.22 12.40 50.30
C ALA I 91 26.95 11.14 49.98
N VAL I 92 26.47 10.03 50.54
CA VAL I 92 27.03 8.76 50.16
C VAL I 92 26.26 8.28 48.96
N TYR I 93 26.98 7.90 47.93
CA TYR I 93 26.36 7.44 46.72
C TYR I 93 26.42 5.94 46.61
N TYR I 94 25.35 5.34 46.13
CA TYR I 94 25.32 3.91 45.94
C TYR I 94 24.88 3.54 44.52
N CYS I 95 25.45 2.43 44.02
CA CYS I 95 25.11 1.86 42.69
C CYS I 95 24.46 0.48 42.93
N ALA I 96 23.25 0.25 42.41
CA ALA I 96 22.51 -0.99 42.67
C ALA I 96 21.82 -1.55 41.44
N ARG I 97 21.62 -2.85 41.45
CA ARG I 97 20.91 -3.53 40.38
C ARG I 97 19.43 -3.67 40.71
N GLY I 98 18.53 -3.22 39.81
CA GLY I 98 17.11 -3.34 40.08
C GLY I 98 16.30 -4.15 39.07
N TYR I 99 15.16 -4.62 39.54
CA TYR I 99 14.28 -5.41 38.70
C TYR I 99 12.82 -5.12 38.91
N SER I 100 12.05 -5.05 37.81
CA SER I 100 10.62 -4.83 37.91
C SER I 100 9.80 -5.86 37.17
N TYR I 101 9.02 -6.62 37.93
CA TYR I 101 8.21 -7.70 37.41
C TYR I 101 6.88 -7.22 36.91
N GLY I 102 6.89 -6.55 35.81
CA GLY I 102 5.64 -5.97 35.29
C GLY I 102 4.73 -6.96 34.58
N PHE I 103 4.37 -8.06 35.24
CA PHE I 103 3.54 -9.07 34.61
C PHE I 103 2.35 -9.45 35.47
N ALA I 104 1.19 -9.62 34.86
CA ALA I 104 -0.03 -10.00 35.55
C ALA I 104 -0.23 -9.14 36.78
N TRP I 105 -0.53 -9.76 37.91
CA TRP I 105 -0.75 -9.01 39.13
C TRP I 105 -0.66 -9.97 40.31
N PRO I 106 -0.03 -9.58 41.42
CA PRO I 106 0.66 -8.35 41.75
C PRO I 106 1.98 -8.27 41.05
N ASN I 107 2.44 -7.07 40.79
CA ASN I 107 3.79 -6.87 40.31
C ASN I 107 4.68 -6.38 41.46
N TYR I 108 5.97 -6.20 41.17
CA TYR I 108 6.92 -5.76 42.21
C TYR I 108 8.22 -5.17 41.69
N HIS I 109 8.93 -4.46 42.57
CA HIS I 109 10.25 -3.93 42.25
C HIS I 109 11.18 -3.89 43.42
N TYR I 110 12.43 -4.21 43.14
CA TYR I 110 13.45 -4.15 44.15
C TYR I 110 14.85 -3.95 43.62
N LEU I 111 15.73 -3.55 44.53
CA LEU I 111 17.17 -3.43 44.32
C LEU I 111 17.86 -4.50 45.18
N ASP I 112 18.56 -5.44 44.54
CA ASP I 112 19.13 -6.57 45.27
C ASP I 112 20.63 -6.49 45.52
N VAL I 113 21.42 -6.41 44.46
CA VAL I 113 22.87 -6.34 44.65
C VAL I 113 23.26 -4.89 44.77
N TRP I 114 23.90 -4.56 45.88
CA TRP I 114 24.33 -3.21 46.20
C TRP I 114 25.83 -3.08 46.28
N GLY I 115 26.33 -1.91 45.91
CA GLY I 115 27.73 -1.60 46.09
C GLY I 115 27.94 -1.25 47.56
N LYS I 116 29.17 -0.89 47.93
CA LYS I 116 29.44 -0.63 49.34
C LYS I 116 29.19 0.80 49.77
N GLY I 117 29.14 1.72 48.82
CA GLY I 117 28.93 3.13 49.13
C GLY I 117 30.18 3.97 48.93
N THR I 118 30.02 5.06 48.20
CA THR I 118 31.10 5.98 47.91
C THR I 118 30.81 7.29 48.62
N THR I 119 31.74 7.80 49.41
CA THR I 119 31.45 9.05 50.11
C THR I 119 32.03 10.23 49.38
N VAL I 120 31.18 11.19 49.04
CA VAL I 120 31.63 12.36 48.33
C VAL I 120 31.24 13.63 49.08
N THR I 121 32.21 14.51 49.27
CA THR I 121 31.97 15.79 49.91
C THR I 121 32.48 16.86 48.98
N VAL I 122 32.20 18.13 49.30
CA VAL I 122 32.67 19.23 48.45
C VAL I 122 33.62 20.24 49.15
N SER I 123 34.34 19.81 50.21
CA SER I 123 35.30 20.63 50.97
C SER I 123 36.66 20.64 50.24
N GLU J 1 2.18 12.39 40.21
CA GLU J 1 3.08 11.37 40.75
C GLU J 1 2.57 11.00 42.15
N THR J 2 3.25 10.04 42.83
CA THR J 2 2.90 9.52 44.15
C THR J 2 4.03 9.63 45.15
N THR J 3 3.67 9.66 46.43
CA THR J 3 4.63 9.69 47.52
C THR J 3 4.29 8.67 48.59
N LEU J 4 5.28 8.42 49.46
CA LEU J 4 5.11 7.52 50.58
C LEU J 4 5.33 8.23 51.90
N THR J 5 4.56 7.88 52.91
CA THR J 5 4.74 8.38 54.26
C THR J 5 4.81 7.26 55.28
N GLN J 6 5.81 7.31 56.11
CA GLN J 6 5.94 6.36 57.20
C GLN J 6 5.69 7.07 58.53
N SER J 7 4.55 6.82 59.13
CA SER J 7 4.17 7.50 60.36
C SER J 7 5.03 7.23 61.62
N PRO J 8 5.43 5.99 61.96
CA PRO J 8 6.12 5.68 63.19
C PRO J 8 7.59 6.00 63.11
N ALA J 9 7.92 7.28 63.07
CA ALA J 9 9.32 7.65 62.86
C ALA J 9 10.24 7.02 63.90
N THR J 10 9.79 6.95 65.16
CA THR J 10 10.60 6.29 66.18
C THR J 10 9.71 5.29 66.89
N LEU J 11 10.17 4.05 66.98
CA LEU J 11 9.43 2.99 67.64
C LEU J 11 10.30 2.23 68.64
N SER J 12 9.84 2.08 69.90
CA SER J 12 10.71 1.41 70.85
C SER J 12 10.05 0.36 71.72
N LEU J 13 10.63 -0.83 71.58
CA LEU J 13 10.24 -2.06 72.23
C LEU J 13 11.49 -2.74 72.75
N SER J 14 11.38 -3.60 73.74
CA SER J 14 12.59 -4.32 74.10
C SER J 14 12.77 -5.46 73.06
N PRO J 15 13.96 -6.04 72.89
CA PRO J 15 14.17 -7.19 72.04
C PRO J 15 13.30 -8.30 72.52
N GLY J 16 12.76 -9.07 71.60
CA GLY J 16 11.88 -10.18 71.91
C GLY J 16 10.40 -9.82 71.77
N GLU J 17 10.08 -8.53 71.70
CA GLU J 17 8.70 -8.11 71.52
C GLU J 17 8.35 -8.07 70.04
N ARG J 18 7.09 -8.27 69.69
CA ARG J 18 6.67 -8.15 68.30
C ARG J 18 6.34 -6.72 67.93
N ALA J 19 6.70 -6.30 66.72
CA ALA J 19 6.38 -4.92 66.33
C ALA J 19 6.15 -4.75 64.86
N THR J 20 5.39 -3.71 64.51
CA THR J 20 5.21 -3.39 63.11
C THR J 20 5.48 -1.95 62.79
N LEU J 21 5.84 -1.72 61.54
CA LEU J 21 6.05 -0.39 60.98
C LEU J 21 5.14 -0.18 59.77
N SER J 22 4.21 0.75 59.89
CA SER J 22 3.26 1.01 58.82
C SER J 22 3.86 1.92 57.76
N CYS J 23 3.24 1.96 56.55
CA CYS J 23 3.64 2.81 55.44
C CYS J 23 2.42 3.13 54.57
N ARG J 24 2.18 4.42 54.33
CA ARG J 24 1.02 4.82 53.55
C ARG J 24 1.35 5.56 52.27
N ALA J 25 0.58 5.26 51.23
CA ALA J 25 0.74 5.94 49.95
C ALA J 25 -0.32 7.00 49.74
N SER J 26 0.05 8.01 48.96
CA SER J 26 -0.89 9.08 48.58
C SER J 26 -1.96 8.66 47.57
N GLN J 27 -1.66 7.62 46.80
CA GLN J 27 -2.54 7.08 45.77
C GLN J 27 -2.46 5.60 45.86
N SER J 28 -3.46 4.88 45.34
CA SER J 28 -3.35 3.43 45.35
C SER J 28 -2.01 3.19 44.72
N VAL J 29 -1.24 2.33 45.32
CA VAL J 29 0.09 2.13 44.85
C VAL J 29 0.11 1.37 43.57
N SER J 30 0.83 1.92 42.60
CA SER J 30 1.03 1.21 41.37
C SER J 30 2.11 0.26 41.80
N SER J 31 1.90 -1.04 41.62
CA SER J 31 2.79 -2.07 42.13
C SER J 31 2.69 -2.16 43.65
N TYR J 32 3.66 -2.79 44.26
CA TYR J 32 3.69 -3.05 45.68
C TYR J 32 4.97 -2.52 46.24
N LEU J 33 4.98 -2.22 47.52
CA LEU J 33 6.16 -1.65 48.13
C LEU J 33 7.18 -2.68 48.53
N ALA J 34 8.43 -2.26 48.48
CA ALA J 34 9.53 -3.07 48.96
C ALA J 34 10.05 -2.46 50.25
N TRP J 35 10.61 -3.29 51.09
CA TRP J 35 11.19 -2.80 52.32
C TRP J 35 12.66 -3.06 52.36
N TYR J 36 13.38 -2.09 52.88
CA TYR J 36 14.81 -2.19 53.07
C TYR J 36 15.22 -2.01 54.50
N GLN J 37 16.24 -2.75 54.89
CA GLN J 37 16.83 -2.61 56.20
C GLN J 37 18.15 -1.93 56.01
N HIS J 38 18.46 -0.97 56.84
CA HIS J 38 19.70 -0.25 56.72
C HIS J 38 20.44 -0.17 58.04
N LYS J 39 21.75 -0.34 57.97
CA LYS J 39 22.57 -0.27 59.16
C LYS J 39 23.44 0.98 59.11
N PRO J 40 23.79 1.55 60.26
CA PRO J 40 24.57 2.75 60.40
C PRO J 40 26.02 2.56 60.05
N GLY J 41 26.30 2.58 58.75
CA GLY J 41 27.66 2.35 58.28
C GLY J 41 27.82 1.29 57.21
N GLN J 42 26.72 0.69 56.73
CA GLN J 42 26.88 -0.31 55.68
C GLN J 42 26.20 0.11 54.37
N ALA J 43 25.18 -0.64 53.98
CA ALA J 43 24.47 -0.41 52.74
C ALA J 43 23.08 -0.95 52.98
N PRO J 44 22.05 -0.48 52.29
CA PRO J 44 20.73 -1.01 52.42
C PRO J 44 20.68 -2.44 51.90
N ARG J 45 19.85 -3.25 52.55
CA ARG J 45 19.60 -4.63 52.17
C ARG J 45 18.13 -4.90 51.92
N LEU J 46 17.82 -5.57 50.82
CA LEU J 46 16.43 -5.88 50.56
C LEU J 46 15.93 -6.83 51.57
N LEU J 47 14.82 -6.46 52.20
CA LEU J 47 14.26 -7.26 53.25
C LEU J 47 13.03 -7.99 52.72
N ILE J 48 12.12 -7.23 52.14
CA ILE J 48 10.86 -7.78 51.58
C ILE J 48 10.48 -7.11 50.26
N TYR J 49 9.97 -7.86 49.28
CA TYR J 49 9.50 -7.19 48.06
C TYR J 49 8.11 -7.64 47.66
N GLY J 50 7.39 -6.79 46.94
CA GLY J 50 6.07 -7.20 46.50
C GLY J 50 5.14 -7.30 47.71
N ALA J 51 5.40 -6.49 48.73
CA ALA J 51 4.68 -6.48 50.02
C ALA J 51 4.98 -7.72 50.88
N SER J 52 4.84 -8.94 50.32
CA SER J 52 5.01 -10.17 51.08
C SER J 52 6.17 -11.15 50.73
N LYS J 53 7.02 -10.90 49.74
CA LYS J 53 8.05 -11.89 49.41
C LYS J 53 9.30 -11.65 50.24
N ARG J 54 9.83 -12.70 50.86
CA ARG J 54 10.99 -12.54 51.75
C ARG J 54 12.34 -12.74 51.08
N ALA J 55 12.35 -12.92 49.77
CA ALA J 55 13.56 -13.16 49.01
C ALA J 55 14.26 -14.45 49.45
N THR J 56 15.54 -14.38 49.81
CA THR J 56 16.32 -15.58 50.13
C THR J 56 16.92 -15.68 51.54
N GLY J 57 17.94 -14.86 51.79
CA GLY J 57 18.73 -14.92 53.02
C GLY J 57 18.10 -14.22 54.22
N ILE J 58 16.94 -13.63 54.03
CA ILE J 58 16.24 -12.94 55.07
C ILE J 58 15.51 -13.93 55.97
N PRO J 59 15.69 -13.90 57.29
CA PRO J 59 15.11 -14.81 58.24
C PRO J 59 13.60 -14.63 58.31
N SER J 60 12.93 -15.69 58.76
CA SER J 60 11.47 -15.80 58.90
C SER J 60 10.85 -14.81 59.85
N ARG J 61 11.69 -14.15 60.62
CA ARG J 61 11.28 -13.12 61.54
C ARG J 61 10.63 -11.97 60.78
N PHE J 62 11.02 -11.77 59.53
CA PHE J 62 10.47 -10.66 58.76
C PHE J 62 9.40 -11.06 57.78
N SER J 63 8.25 -10.42 57.90
CA SER J 63 7.16 -10.68 56.99
C SER J 63 6.39 -9.41 56.73
N GLY J 64 5.33 -9.52 55.98
CA GLY J 64 4.56 -8.33 55.67
C GLY J 64 3.47 -8.54 54.65
N SER J 65 2.66 -7.49 54.51
CA SER J 65 1.54 -7.48 53.59
C SER J 65 1.11 -6.06 53.28
N GLY J 66 0.19 -5.92 52.32
CA GLY J 66 -0.38 -4.63 52.02
C GLY J 66 -1.10 -4.62 50.70
N SER J 67 -1.90 -3.57 50.50
CA SER J 67 -2.68 -3.38 49.28
C SER J 67 -3.16 -1.96 49.20
N GLY J 68 -3.66 -1.53 48.04
CA GLY J 68 -4.24 -0.20 48.02
C GLY J 68 -3.17 0.80 48.37
N THR J 69 -3.45 1.57 49.42
CA THR J 69 -2.59 2.62 49.96
C THR J 69 -1.95 2.27 51.28
N ASP J 70 -2.26 1.10 51.84
CA ASP J 70 -1.81 0.76 53.19
C ASP J 70 -1.02 -0.54 53.29
N PHE J 71 0.24 -0.37 53.66
CA PHE J 71 1.21 -1.44 53.77
C PHE J 71 1.83 -1.52 55.15
N SER J 72 2.27 -2.73 55.52
CA SER J 72 2.95 -2.88 56.80
C SER J 72 4.04 -3.96 56.88
N LEU J 73 5.14 -3.60 57.54
CA LEU J 73 6.28 -4.46 57.83
C LEU J 73 6.18 -5.05 59.21
N THR J 74 6.21 -6.37 59.31
CA THR J 74 6.12 -7.01 60.62
C THR J 74 7.38 -7.73 61.01
N ILE J 75 7.88 -7.44 62.21
CA ILE J 75 9.03 -8.14 62.70
C ILE J 75 8.51 -8.97 63.86
N SER J 76 8.55 -10.28 63.72
CA SER J 76 7.88 -11.15 64.68
C SER J 76 8.39 -11.14 66.12
N SER J 77 9.67 -10.86 66.33
CA SER J 77 10.22 -10.87 67.69
C SER J 77 11.36 -9.88 67.95
N LEU J 78 11.65 -8.99 67.03
CA LEU J 78 12.73 -8.03 67.23
C LEU J 78 14.02 -8.57 67.83
N GLU J 79 14.80 -9.28 67.04
CA GLU J 79 16.08 -9.78 67.50
C GLU J 79 16.93 -8.52 67.70
N PRO J 80 17.83 -8.40 68.69
CA PRO J 80 18.67 -7.23 68.91
C PRO J 80 19.38 -6.72 67.64
N GLU J 81 19.73 -7.63 66.74
CA GLU J 81 20.42 -7.33 65.50
C GLU J 81 19.58 -6.51 64.52
N ASP J 82 18.27 -6.51 64.71
CA ASP J 82 17.35 -5.85 63.81
C ASP J 82 16.98 -4.44 64.25
N PHE J 83 17.56 -3.94 65.33
CA PHE J 83 17.19 -2.60 65.76
C PHE J 83 17.94 -1.48 65.07
N ALA J 84 17.55 -1.23 63.82
CA ALA J 84 18.19 -0.19 63.01
C ALA J 84 17.15 0.62 62.22
N VAL J 85 17.40 0.88 60.93
CA VAL J 85 16.51 1.78 60.18
C VAL J 85 15.83 1.11 59.01
N TYR J 86 14.55 1.36 58.87
CA TYR J 86 13.81 0.75 57.78
C TYR J 86 13.25 1.77 56.82
N TYR J 87 13.24 1.42 55.54
CA TYR J 87 12.69 2.30 54.49
C TYR J 87 11.69 1.60 53.58
N CYS J 88 10.69 2.37 53.07
CA CYS J 88 9.73 1.91 52.06
C CYS J 88 10.27 2.33 50.70
N GLN J 89 10.10 1.48 49.70
CA GLN J 89 10.45 1.79 48.32
C GLN J 89 9.33 1.56 47.34
N HIS J 90 9.07 2.56 46.50
CA HIS J 90 8.00 2.48 45.50
C HIS J 90 8.39 2.89 44.09
N ARG J 91 8.17 2.01 43.10
CA ARG J 91 8.51 2.36 41.72
C ARG J 91 7.35 2.35 40.75
N SER J 92 7.24 3.46 40.02
CA SER J 92 6.30 3.76 38.96
C SER J 92 7.10 3.66 37.67
N ASP J 93 6.45 3.69 36.52
CA ASP J 93 7.26 3.61 35.31
C ASP J 93 8.26 4.79 35.27
N TRP J 94 9.55 4.43 35.23
CA TRP J 94 10.72 5.32 35.23
C TRP J 94 10.87 6.31 36.38
N ARG J 95 10.14 6.10 37.47
CA ARG J 95 10.23 6.98 38.63
C ARG J 95 10.16 6.22 39.94
N THR J 96 10.94 6.60 40.91
CA THR J 96 10.80 5.91 42.18
C THR J 96 11.13 6.78 43.36
N THR J 97 10.50 6.45 44.46
CA THR J 97 10.75 7.16 45.68
C THR J 97 10.93 6.29 46.89
N PHE J 98 11.26 6.96 47.97
CA PHE J 98 11.48 6.34 49.25
C PHE J 98 10.73 7.05 50.34
N GLY J 99 10.44 6.33 51.40
CA GLY J 99 9.81 6.93 52.56
C GLY J 99 10.85 7.68 53.35
N GLN J 100 10.45 8.25 54.48
CA GLN J 100 11.32 9.07 55.29
C GLN J 100 12.30 8.25 56.08
N GLY J 101 11.90 7.07 56.45
CA GLY J 101 12.71 6.20 57.25
C GLY J 101 12.20 6.16 58.67
N THR J 102 12.14 4.96 59.22
CA THR J 102 11.71 4.78 60.60
C THR J 102 12.79 4.05 61.35
N ARG J 103 12.90 4.33 62.62
CA ARG J 103 13.96 3.73 63.40
C ARG J 103 13.49 2.96 64.60
N LEU J 104 14.13 1.83 64.84
CA LEU J 104 13.83 1.06 66.02
C LEU J 104 14.84 1.36 67.10
N GLU J 105 14.37 1.39 68.32
CA GLU J 105 15.24 1.63 69.45
C GLU J 105 14.99 0.69 70.63
N ILE J 106 16.09 0.27 71.25
CA ILE J 106 16.07 -0.57 72.44
C ILE J 106 15.99 0.28 73.68
N LYS J 107 15.03 0.00 74.54
CA LYS J 107 14.86 0.74 75.78
C LYS J 107 15.03 -0.19 76.98
N LYS J 108 15.37 0.39 78.15
CA LYS J 108 15.56 -0.30 79.43
C LYS J 108 15.00 0.61 80.53
N GLN K 3 33.48 9.55 -42.39
CA GLN K 3 32.12 10.05 -42.59
C GLN K 3 31.79 11.25 -41.67
N LEU K 4 32.10 11.12 -40.37
CA LEU K 4 31.82 12.11 -39.32
C LEU K 4 33.09 12.80 -38.89
N GLN K 5 32.97 14.07 -38.51
CA GLN K 5 34.13 14.77 -37.99
C GLN K 5 33.78 15.74 -36.88
N GLU K 6 34.37 15.53 -35.71
CA GLU K 6 34.15 16.38 -34.57
C GLU K 6 35.07 17.60 -34.67
N SER K 7 34.62 18.75 -34.19
CA SER K 7 35.47 19.94 -34.26
C SER K 7 35.25 20.93 -33.13
N GLY K 8 36.33 21.46 -32.57
CA GLY K 8 36.18 22.41 -31.48
C GLY K 8 36.82 23.76 -31.72
N ALA K 9 36.95 24.49 -30.63
CA ALA K 9 37.51 25.82 -30.63
C ALA K 9 38.17 26.13 -29.29
N GLY K 10 39.13 27.05 -29.32
CA GLY K 10 39.82 27.45 -28.11
C GLY K 10 40.80 28.57 -28.40
N LEU K 11 41.60 28.90 -27.40
CA LEU K 11 42.53 30.00 -27.50
C LEU K 11 43.67 29.81 -26.53
N LEU K 12 44.77 30.57 -26.71
CA LEU K 12 45.84 30.50 -25.73
C LEU K 12 45.28 31.24 -24.53
N LYS K 13 45.49 30.71 -23.33
CA LYS K 13 44.85 31.28 -22.16
C LYS K 13 45.73 31.37 -20.90
N PRO K 14 46.53 32.46 -20.75
CA PRO K 14 47.49 32.69 -19.66
C PRO K 14 46.95 32.55 -18.23
N SER K 15 45.69 32.85 -18.02
CA SER K 15 45.10 32.73 -16.69
C SER K 15 43.64 32.45 -16.82
N GLU K 16 42.90 32.68 -15.75
CA GLU K 16 41.47 32.44 -15.72
C GLU K 16 41.10 30.96 -15.96
N THR K 17 40.23 30.72 -16.96
CA THR K 17 39.68 29.41 -17.27
C THR K 17 39.89 29.01 -18.73
N LEU K 18 40.25 27.74 -18.93
CA LEU K 18 40.51 27.16 -20.25
C LEU K 18 39.38 27.31 -21.28
N SER K 19 38.14 27.03 -20.87
CA SER K 19 36.95 27.18 -21.72
C SER K 19 36.97 26.62 -23.15
N LEU K 20 37.21 25.32 -23.34
CA LEU K 20 37.21 24.80 -24.72
C LEU K 20 35.85 24.29 -25.11
N SER K 21 35.55 24.41 -26.41
CA SER K 21 34.23 23.98 -26.92
C SER K 21 34.38 22.92 -28.02
N CYS K 22 33.45 21.98 -28.11
CA CYS K 22 33.41 20.93 -29.13
C CYS K 22 32.01 20.83 -29.71
N THR K 23 31.92 20.95 -31.03
CA THR K 23 30.65 20.83 -31.70
C THR K 23 30.62 19.47 -32.32
N VAL K 24 29.54 18.78 -32.03
CA VAL K 24 29.32 17.42 -32.43
C VAL K 24 28.74 17.35 -33.81
N ASP K 25 29.08 16.30 -34.55
CA ASP K 25 28.54 16.17 -35.89
C ASP K 25 27.07 15.74 -35.75
N GLY K 26 26.36 15.57 -36.83
CA GLY K 26 24.91 15.34 -36.69
C GLY K 26 24.46 13.92 -36.40
N GLU K 27 25.38 12.98 -36.33
CA GLU K 27 25.01 11.59 -36.15
C GLU K 27 25.11 11.06 -34.70
N SER K 28 23.98 10.58 -34.18
CA SER K 28 23.84 9.90 -32.89
C SER K 28 24.43 10.55 -31.63
N PHE K 29 24.11 11.79 -31.36
CA PHE K 29 24.65 12.51 -30.19
C PHE K 29 24.46 11.72 -28.89
N ASN K 30 23.28 11.15 -28.72
CA ASN K 30 22.89 10.50 -27.47
C ASN K 30 23.35 9.05 -27.31
N GLY K 31 24.04 8.49 -28.30
CA GLY K 31 24.45 7.09 -28.17
C GLY K 31 25.88 6.89 -27.68
N PHE K 32 26.59 7.98 -27.39
CA PHE K 32 28.00 7.92 -27.04
C PHE K 32 28.43 8.72 -25.82
N PHE K 33 29.56 8.31 -25.25
CA PHE K 33 30.18 9.02 -24.15
C PHE K 33 31.15 10.02 -24.75
N TRP K 34 30.91 11.30 -24.43
CA TRP K 34 31.77 12.38 -24.96
C TRP K 34 33.04 12.47 -24.12
N THR K 35 34.21 12.34 -24.75
CA THR K 35 35.45 12.32 -24.00
C THR K 35 36.42 13.43 -24.25
N TRP K 36 36.95 13.98 -23.17
CA TRP K 36 38.01 14.96 -23.29
C TRP K 36 39.32 14.34 -22.82
N ILE K 37 40.38 14.48 -23.62
CA ILE K 37 41.70 13.98 -23.23
C ILE K 37 42.72 15.10 -23.40
N ARG K 38 43.89 14.90 -22.82
CA ARG K 38 44.97 15.87 -22.93
C ARG K 38 46.34 15.24 -23.20
N GLN K 39 47.18 15.96 -23.95
CA GLN K 39 48.56 15.50 -24.14
C GLN K 39 49.62 16.59 -24.00
N PRO K 40 50.18 16.82 -22.81
CA PRO K 40 51.22 17.81 -22.55
C PRO K 40 52.45 17.38 -23.36
N PRO K 41 53.30 18.28 -23.83
CA PRO K 41 54.52 17.94 -24.53
C PRO K 41 55.38 17.06 -23.64
N GLY K 42 55.95 16.02 -24.21
CA GLY K 42 56.82 15.10 -23.47
C GLY K 42 56.05 14.02 -22.71
N LYS K 43 54.72 14.07 -22.75
CA LYS K 43 53.89 13.13 -22.03
C LYS K 43 53.03 12.28 -22.95
N GLY K 44 52.46 11.22 -22.37
CA GLY K 44 51.56 10.35 -23.08
C GLY K 44 50.17 10.91 -22.98
N LEU K 45 49.16 10.10 -23.23
CA LEU K 45 47.83 10.67 -23.22
C LEU K 45 47.26 10.62 -21.81
N GLU K 46 46.51 11.65 -21.44
CA GLU K 46 45.83 11.71 -20.14
C GLU K 46 44.35 11.84 -20.35
N TRP K 47 43.54 11.27 -19.48
CA TRP K 47 42.11 11.47 -19.59
C TRP K 47 41.68 12.61 -18.70
N ILE K 48 40.78 13.47 -19.17
CA ILE K 48 40.30 14.57 -18.36
C ILE K 48 39.00 14.21 -17.71
N GLY K 49 38.09 13.70 -18.51
CA GLY K 49 36.75 13.37 -18.04
C GLY K 49 35.83 12.98 -19.16
N GLU K 50 34.62 12.53 -18.79
CA GLU K 50 33.66 12.11 -19.80
C GLU K 50 32.25 12.53 -19.42
N ILE K 51 31.43 12.73 -20.44
CA ILE K 51 30.05 13.13 -20.27
C ILE K 51 29.05 12.54 -21.26
N ASN K 52 27.85 12.21 -20.80
CA ASN K 52 26.81 11.77 -21.73
C ASN K 52 25.69 12.80 -21.88
N HIS K 53 24.67 12.47 -22.63
CA HIS K 53 23.58 13.38 -22.95
C HIS K 53 22.63 13.67 -21.80
N LEU K 54 22.78 12.97 -20.69
CA LEU K 54 21.92 13.23 -19.55
C LEU K 54 22.70 14.10 -18.58
N ALA K 55 23.86 14.55 -19.03
CA ALA K 55 24.83 15.33 -18.28
C ALA K 55 25.35 14.56 -17.09
N SER K 56 25.48 13.25 -17.26
CA SER K 56 26.04 12.42 -16.24
C SER K 56 27.52 12.40 -16.54
N THR K 57 28.33 12.72 -15.54
CA THR K 57 29.76 12.84 -15.73
C THR K 57 30.62 12.08 -14.77
N GLY K 58 31.88 11.93 -15.20
CA GLY K 58 32.98 11.38 -14.40
C GLY K 58 34.23 12.18 -14.73
N TYR K 59 35.14 12.31 -13.76
CA TYR K 59 36.35 13.09 -13.96
C TYR K 59 37.60 12.46 -13.42
N ASN K 60 38.74 12.84 -13.99
CA ASN K 60 40.02 12.45 -13.45
C ASN K 60 40.14 13.09 -12.09
N PRO K 61 40.27 12.35 -10.98
CA PRO K 61 40.33 12.88 -9.64
C PRO K 61 41.33 14.01 -9.46
N SER K 62 42.43 14.02 -10.22
CA SER K 62 43.42 15.09 -10.03
C SER K 62 42.91 16.45 -10.48
N LEU K 63 41.87 16.45 -11.28
CA LEU K 63 41.27 17.66 -11.79
C LEU K 63 39.91 17.91 -11.14
N LYS K 64 39.55 17.14 -10.12
CA LYS K 64 38.21 17.26 -9.54
C LYS K 64 37.85 18.66 -9.08
N SER K 65 38.82 19.37 -8.51
CA SER K 65 38.59 20.70 -8.00
C SER K 65 38.64 21.79 -9.06
N ARG K 66 39.07 21.47 -10.28
CA ARG K 66 39.21 22.48 -11.32
C ARG K 66 38.35 22.25 -12.56
N VAL K 67 37.96 21.00 -12.85
CA VAL K 67 37.25 20.71 -14.08
C VAL K 67 35.80 20.32 -13.99
N THR K 68 34.98 21.02 -14.80
CA THR K 68 33.53 20.70 -14.90
C THR K 68 33.16 20.62 -16.38
N ILE K 69 32.64 19.49 -16.85
CA ILE K 69 32.29 19.26 -18.24
C ILE K 69 30.78 19.40 -18.38
N SER K 70 30.37 20.23 -19.32
CA SER K 70 28.95 20.49 -19.57
C SER K 70 28.49 20.03 -20.94
N VAL K 71 27.19 19.78 -21.04
CA VAL K 71 26.56 19.40 -22.30
C VAL K 71 25.32 20.25 -22.56
N ASP K 72 25.13 20.59 -23.82
CA ASP K 72 23.93 21.28 -24.24
C ASP K 72 23.44 20.57 -25.49
N THR K 73 22.43 19.76 -25.29
CA THR K 73 21.96 18.90 -26.34
C THR K 73 21.24 19.67 -27.41
N SER K 74 20.76 20.88 -27.10
CA SER K 74 19.98 21.62 -28.07
C SER K 74 20.84 22.21 -29.17
N LYS K 75 22.15 21.97 -29.03
CA LYS K 75 23.08 22.40 -30.12
C LYS K 75 24.13 21.33 -30.35
N ASN K 76 23.90 20.12 -29.84
CA ASN K 76 24.90 19.03 -29.96
C ASN K 76 26.27 19.70 -29.78
N GLN K 77 26.46 20.39 -28.65
CA GLN K 77 27.77 21.03 -28.36
C GLN K 77 28.06 20.82 -26.88
N PHE K 78 29.23 20.27 -26.54
CA PHE K 78 29.63 20.13 -25.12
C PHE K 78 30.97 20.86 -24.94
N SER K 79 31.09 21.71 -23.90
CA SER K 79 32.33 22.53 -23.75
C SER K 79 33.14 22.09 -22.54
N LEU K 80 34.45 21.90 -22.72
CA LEU K 80 35.33 21.56 -21.59
C LEU K 80 35.46 22.78 -20.71
N LYS K 81 35.64 22.58 -19.42
CA LYS K 81 35.89 23.74 -18.53
C LYS K 81 37.00 23.37 -17.52
N LEU K 82 38.02 24.22 -17.41
CA LEU K 82 39.13 23.96 -16.48
C LEU K 82 39.55 25.27 -15.86
N THR K 83 39.21 25.46 -14.60
CA THR K 83 39.48 26.72 -13.93
C THR K 83 40.88 26.74 -13.40
N SER K 84 41.36 27.93 -13.02
CA SER K 84 42.70 28.05 -12.47
C SER K 84 43.73 27.36 -13.36
N VAL K 85 43.65 27.65 -14.67
CA VAL K 85 44.55 27.07 -15.65
C VAL K 85 45.98 27.53 -15.38
N THR K 86 46.93 26.60 -15.47
CA THR K 86 48.34 26.86 -15.18
C THR K 86 49.38 26.28 -16.13
N ALA K 87 50.64 26.37 -15.73
CA ALA K 87 51.83 25.94 -16.49
C ALA K 87 51.83 24.46 -16.79
N ALA K 88 51.13 23.71 -15.97
CA ALA K 88 51.05 22.26 -16.12
C ALA K 88 49.96 21.84 -17.09
N ASP K 89 49.14 22.80 -17.56
CA ASP K 89 48.00 22.50 -18.42
C ASP K 89 48.29 22.85 -19.87
N THR K 90 49.56 23.13 -20.15
CA THR K 90 50.02 23.54 -21.46
C THR K 90 50.12 22.33 -22.34
N ALA K 91 49.00 21.95 -22.89
CA ALA K 91 48.85 20.70 -23.60
C ALA K 91 47.96 20.79 -24.80
N VAL K 92 48.03 19.77 -25.64
CA VAL K 92 47.12 19.71 -26.74
C VAL K 92 45.87 19.00 -26.25
N TYR K 93 44.74 19.61 -26.48
CA TYR K 93 43.49 19.04 -26.04
C TYR K 93 42.75 18.41 -27.19
N TYR K 94 42.14 17.27 -26.93
CA TYR K 94 41.35 16.60 -27.94
C TYR K 94 39.95 16.27 -27.44
N CYS K 95 38.99 16.31 -28.38
CA CYS K 95 37.57 15.96 -28.12
C CYS K 95 37.24 14.71 -28.95
N ALA K 96 36.75 13.64 -28.34
CA ALA K 96 36.51 12.36 -29.03
C ALA K 96 35.21 11.70 -28.62
N ARG K 97 34.68 10.91 -29.53
CA ARG K 97 33.47 10.13 -29.28
C ARG K 97 33.80 8.74 -28.79
N GLY K 98 33.25 8.32 -27.64
CA GLY K 98 33.54 6.97 -27.14
C GLY K 98 32.35 6.05 -26.97
N TYR K 99 32.64 4.77 -26.95
CA TYR K 99 31.60 3.77 -26.79
C TYR K 99 32.02 2.60 -25.94
N SER K 100 31.12 2.14 -25.06
CA SER K 100 31.39 0.98 -24.22
C SER K 100 30.35 -0.10 -24.32
N TYR K 101 30.76 -1.25 -24.83
CA TYR K 101 29.88 -2.38 -25.06
C TYR K 101 29.73 -3.23 -23.83
N GLY K 102 29.02 -2.73 -22.87
CA GLY K 102 28.88 -3.47 -21.60
C GLY K 102 27.89 -4.61 -21.63
N PHE K 103 28.03 -5.54 -22.56
CA PHE K 103 27.09 -6.64 -22.68
C PHE K 103 27.80 -7.99 -22.74
N ALA K 104 27.24 -8.98 -22.05
CA ALA K 104 27.79 -10.33 -22.02
C ALA K 104 29.28 -10.28 -21.75
N TRP K 105 30.06 -11.02 -22.53
CA TRP K 105 31.49 -11.05 -22.34
C TRP K 105 32.14 -11.61 -23.59
N PRO K 106 33.26 -11.05 -24.05
CA PRO K 106 34.03 -9.92 -23.59
C PRO K 106 33.35 -8.63 -23.88
N ASN K 107 33.60 -7.62 -23.08
CA ASN K 107 33.16 -6.28 -23.40
C ASN K 107 34.33 -5.46 -23.93
N TYR K 108 34.08 -4.21 -24.31
CA TYR K 108 35.13 -3.34 -24.85
C TYR K 108 34.83 -1.86 -24.83
N HIS K 109 35.87 -1.04 -24.97
CA HIS K 109 35.72 0.40 -25.09
C HIS K 109 36.72 1.05 -26.00
N TYR K 110 36.24 2.02 -26.74
CA TYR K 110 37.12 2.79 -27.61
C TYR K 110 36.63 4.17 -27.93
N LEU K 111 37.56 4.98 -28.42
CA LEU K 111 37.32 6.32 -28.95
C LEU K 111 37.59 6.28 -30.45
N ASP K 112 36.57 6.55 -31.28
CA ASP K 112 36.70 6.40 -32.72
C ASP K 112 36.85 7.70 -33.50
N VAL K 113 35.89 8.59 -33.41
CA VAL K 113 35.99 9.84 -34.13
C VAL K 113 36.69 10.84 -33.25
N TRP K 114 37.79 11.38 -33.76
CA TRP K 114 38.63 12.34 -33.06
C TRP K 114 38.65 13.69 -33.72
N GLY K 115 38.78 14.73 -32.92
CA GLY K 115 38.97 16.07 -33.44
C GLY K 115 40.43 16.19 -33.87
N LYS K 116 40.84 17.36 -34.35
CA LYS K 116 42.20 17.50 -34.85
C LYS K 116 43.22 17.89 -33.79
N GLY K 117 42.76 18.43 -32.68
CA GLY K 117 43.65 18.86 -31.61
C GLY K 117 43.76 20.37 -31.50
N THR K 118 43.56 20.86 -30.29
CA THR K 118 43.61 22.29 -30.00
C THR K 118 44.84 22.54 -29.13
N THR K 119 45.70 23.46 -29.50
CA THR K 119 46.89 23.69 -28.68
C THR K 119 46.69 24.86 -27.76
N VAL K 120 46.85 24.63 -26.46
CA VAL K 120 46.69 25.69 -25.50
C VAL K 120 47.92 25.83 -24.62
N THR K 121 48.40 27.05 -24.50
CA THR K 121 49.55 27.35 -23.65
C THR K 121 49.14 28.44 -22.70
N VAL K 122 49.99 28.74 -21.72
CA VAL K 122 49.65 29.81 -20.76
C VAL K 122 50.65 30.99 -20.73
N SER K 123 51.38 31.25 -21.83
CA SER K 123 52.34 32.36 -21.98
C SER K 123 51.60 33.65 -22.35
N GLU L 1 41.39 1.42 -7.71
CA GLU L 1 41.39 1.63 -9.14
C GLU L 1 42.52 0.79 -9.75
N THR L 2 42.68 0.83 -11.09
CA THR L 2 43.68 0.07 -11.86
C THR L 2 44.55 0.94 -12.73
N THR L 3 45.74 0.44 -13.05
CA THR L 3 46.66 1.12 -13.94
C THR L 3 47.22 0.18 -15.00
N LEU L 4 47.82 0.79 -16.02
CA LEU L 4 48.48 0.03 -17.09
C LEU L 4 49.95 0.35 -17.18
N THR L 5 50.77 -0.64 -17.47
CA THR L 5 52.18 -0.46 -17.72
C THR L 5 52.63 -1.09 -19.02
N GLN L 6 53.32 -0.32 -19.82
CA GLN L 6 53.90 -0.84 -21.05
C GLN L 6 55.40 -0.93 -20.91
N SER L 7 55.91 -2.13 -20.79
CA SER L 7 57.34 -2.33 -20.57
C SER L 7 58.31 -1.91 -21.72
N PRO L 8 58.06 -2.20 -23.00
CA PRO L 8 58.98 -1.94 -24.09
C PRO L 8 58.95 -0.50 -24.52
N ALA L 9 59.43 0.40 -23.68
CA ALA L 9 59.30 1.82 -24.01
C ALA L 9 59.92 2.15 -25.36
N THR L 10 61.04 1.55 -25.69
CA THR L 10 61.64 1.76 -27.01
C THR L 10 61.91 0.42 -27.64
N LEU L 11 61.42 0.22 -28.86
CA LEU L 11 61.63 -1.03 -29.58
C LEU L 11 62.14 -0.79 -30.99
N SER L 12 63.24 -1.45 -31.39
CA SER L 12 63.75 -1.16 -32.72
C SER L 12 64.12 -2.37 -33.55
N LEU L 13 63.47 -2.41 -34.69
CA LEU L 13 63.56 -3.43 -35.72
C LEU L 13 63.64 -2.75 -37.07
N SER L 14 64.17 -3.40 -38.09
CA SER L 14 64.11 -2.75 -39.38
C SER L 14 62.67 -2.97 -39.92
N PRO L 15 62.19 -2.17 -40.90
CA PRO L 15 60.92 -2.40 -41.54
C PRO L 15 60.95 -3.76 -42.16
N GLY L 16 59.81 -4.45 -42.12
CA GLY L 16 59.69 -5.78 -42.67
C GLY L 16 59.81 -6.88 -41.60
N GLU L 17 60.32 -6.53 -40.42
CA GLU L 17 60.43 -7.51 -39.34
C GLU L 17 59.14 -7.56 -38.54
N ARG L 18 58.83 -8.69 -37.95
CA ARG L 18 57.65 -8.78 -37.08
C ARG L 18 57.95 -8.34 -35.66
N ALA L 19 57.02 -7.64 -35.04
CA ALA L 19 57.27 -7.20 -33.66
C ALA L 19 56.03 -7.09 -32.81
N THR L 20 56.22 -7.21 -31.50
CA THR L 20 55.10 -6.99 -30.60
C THR L 20 55.42 -6.03 -29.48
N LEU L 21 54.36 -5.41 -28.98
CA LEU L 21 54.41 -4.51 -27.84
C LEU L 21 53.47 -5.01 -26.75
N SER L 22 54.04 -5.40 -25.61
CA SER L 22 53.25 -5.94 -24.51
C SER L 22 52.64 -4.82 -23.68
N CYS L 23 51.60 -5.15 -22.86
CA CYS L 23 50.94 -4.22 -21.95
C CYS L 23 50.38 -5.00 -20.75
N ARG L 24 50.73 -4.56 -19.55
CA ARG L 24 50.27 -5.25 -18.36
C ARG L 24 49.41 -4.42 -17.42
N ALA L 25 48.40 -5.06 -16.87
CA ALA L 25 47.53 -4.40 -15.90
C ALA L 25 47.86 -4.79 -14.48
N SER L 26 47.56 -3.87 -13.56
CA SER L 26 47.75 -4.13 -12.12
C SER L 26 46.72 -5.09 -11.51
N GLN L 27 45.57 -5.20 -12.15
CA GLN L 27 44.47 -6.06 -11.72
C GLN L 27 43.91 -6.70 -12.94
N SER L 28 43.20 -7.83 -12.79
CA SER L 28 42.58 -8.41 -13.96
C SER L 28 41.83 -7.27 -14.56
N VAL L 29 41.95 -7.10 -15.85
CA VAL L 29 41.34 -5.97 -16.46
C VAL L 29 39.86 -6.10 -16.54
N SER L 30 39.18 -5.07 -16.08
CA SER L 30 37.75 -5.03 -16.24
C SER L 30 37.65 -4.61 -17.67
N SER L 31 36.95 -5.38 -18.49
CA SER L 31 36.92 -5.17 -19.94
C SER L 31 38.25 -5.54 -20.56
N TYR L 32 38.46 -5.08 -21.77
CA TYR L 32 39.63 -5.41 -22.56
C TYR L 32 40.28 -4.14 -23.02
N LEU L 33 41.56 -4.18 -23.30
CA LEU L 33 42.27 -2.99 -23.68
C LEU L 33 42.12 -2.65 -25.15
N ALA L 34 42.16 -1.37 -25.42
CA ALA L 34 42.19 -0.87 -26.78
C ALA L 34 43.57 -0.34 -27.08
N TRP L 35 43.94 -0.38 -28.34
CA TRP L 35 45.22 0.17 -28.74
C TRP L 35 45.04 1.32 -29.68
N TYR L 36 45.87 2.32 -29.48
CA TYR L 36 45.91 3.48 -30.35
C TYR L 36 47.24 3.70 -30.99
N GLN L 37 47.21 4.17 -32.23
CA GLN L 37 48.40 4.55 -32.94
C GLN L 37 48.43 6.05 -32.99
N HIS L 38 49.57 6.63 -32.73
CA HIS L 38 49.69 8.07 -32.73
C HIS L 38 50.86 8.54 -33.57
N LYS L 39 50.63 9.61 -34.31
CA LYS L 39 51.68 10.17 -35.14
C LYS L 39 52.10 11.53 -34.59
N PRO L 40 53.37 11.91 -34.78
CA PRO L 40 53.96 13.13 -34.29
C PRO L 40 53.46 14.35 -35.02
N GLY L 41 52.27 14.81 -34.62
CA GLY L 41 51.66 15.96 -35.27
C GLY L 41 50.23 15.76 -35.73
N GLN L 42 49.62 14.60 -35.47
CA GLN L 42 48.23 14.43 -35.89
C GLN L 42 47.27 14.25 -34.71
N ALA L 43 46.67 13.07 -34.62
CA ALA L 43 45.70 12.75 -33.60
C ALA L 43 45.79 11.25 -33.43
N PRO L 44 45.42 10.70 -32.29
CA PRO L 44 45.42 9.27 -32.10
C PRO L 44 44.34 8.64 -32.96
N ARG L 45 44.63 7.44 -33.44
CA ARG L 45 43.72 6.63 -34.24
C ARG L 45 43.48 5.27 -33.62
N LEU L 46 42.22 4.85 -33.54
CA LEU L 46 41.95 3.54 -32.98
C LEU L 46 42.50 2.50 -33.88
N LEU L 47 43.30 1.62 -33.31
CA LEU L 47 43.93 0.59 -34.07
C LEU L 47 43.23 -0.73 -33.82
N ILE L 48 43.10 -1.09 -32.54
CA ILE L 48 42.45 -2.34 -32.13
C ILE L 48 41.57 -2.15 -30.90
N TYR L 49 40.41 -2.80 -30.82
CA TYR L 49 39.63 -2.70 -29.58
C TYR L 49 39.16 -4.05 -29.08
N GLY L 50 38.92 -4.16 -27.78
CA GLY L 50 38.44 -5.43 -27.28
C GLY L 50 39.55 -6.47 -27.38
N ALA L 51 40.81 -6.03 -27.30
CA ALA L 51 42.02 -6.85 -27.45
C ALA L 51 42.25 -7.32 -28.90
N SER L 52 41.23 -7.91 -29.55
CA SER L 52 41.38 -8.47 -30.89
C SER L 52 40.56 -7.88 -32.08
N LYS L 53 39.72 -6.86 -31.89
CA LYS L 53 38.93 -6.38 -33.04
C LYS L 53 39.69 -5.32 -33.80
N ARG L 54 39.77 -5.45 -35.13
CA ARG L 54 40.56 -4.50 -35.93
C ARG L 54 39.77 -3.32 -36.48
N ALA L 55 38.52 -3.20 -36.09
CA ALA L 55 37.64 -2.13 -36.57
C ALA L 55 37.44 -2.20 -38.08
N THR L 56 37.71 -1.12 -38.81
CA THR L 56 37.44 -1.06 -40.25
C THR L 56 38.62 -0.80 -41.18
N GLY L 57 39.12 0.43 -41.16
CA GLY L 57 40.16 0.89 -42.09
C GLY L 57 41.58 0.49 -41.73
N ILE L 58 41.74 -0.21 -40.62
CA ILE L 58 43.02 -0.66 -40.15
C ILE L 58 43.46 -1.90 -40.93
N PRO L 59 44.65 -1.93 -41.53
CA PRO L 59 45.15 -3.02 -42.32
C PRO L 59 45.40 -4.25 -41.47
N SER L 60 45.40 -5.41 -42.14
CA SER L 60 45.57 -6.75 -41.56
C SER L 60 46.90 -6.97 -40.88
N ARG L 61 47.81 -6.04 -41.09
CA ARG L 61 49.12 -6.07 -40.46
C ARG L 61 48.97 -5.97 -38.95
N PHE L 62 47.91 -5.33 -38.48
CA PHE L 62 47.72 -5.17 -37.06
C PHE L 62 46.74 -6.14 -36.44
N SER L 63 47.19 -6.85 -35.43
CA SER L 63 46.34 -7.77 -34.72
C SER L 63 46.71 -7.81 -33.26
N GLY L 64 46.05 -8.66 -32.52
CA GLY L 64 46.34 -8.71 -31.10
C GLY L 64 45.40 -9.60 -30.31
N SER L 65 45.77 -9.78 -29.05
CA SER L 65 45.02 -10.61 -28.12
C SER L 65 45.39 -10.26 -26.68
N GLY L 66 44.64 -10.84 -25.74
CA GLY L 66 44.95 -10.67 -24.33
C GLY L 66 43.81 -11.10 -23.43
N SER L 67 44.15 -11.26 -22.17
CA SER L 67 43.18 -11.66 -21.14
C SER L 67 43.75 -11.39 -19.77
N GLY L 68 42.92 -11.44 -18.73
CA GLY L 68 43.51 -11.32 -17.41
C GLY L 68 44.18 -9.98 -17.31
N THR L 69 45.47 -10.02 -16.99
CA THR L 69 46.33 -8.85 -16.83
C THR L 69 47.35 -8.67 -17.95
N ASP L 70 47.36 -9.59 -18.92
CA ASP L 70 48.41 -9.57 -19.95
C ASP L 70 47.90 -9.51 -21.38
N PHE L 71 48.21 -8.39 -22.02
CA PHE L 71 47.78 -8.07 -23.36
C PHE L 71 48.95 -7.79 -24.29
N SER L 72 48.75 -8.04 -25.59
CA SER L 72 49.79 -7.72 -26.56
C SER L 72 49.32 -7.29 -27.96
N LEU L 73 50.00 -6.28 -28.48
CA LEU L 73 49.80 -5.74 -29.82
C LEU L 73 50.81 -6.31 -30.79
N THR L 74 50.34 -6.93 -31.87
CA THR L 74 51.25 -7.51 -32.84
C THR L 74 51.21 -6.83 -34.18
N ILE L 75 52.38 -6.44 -34.67
CA ILE L 75 52.44 -5.85 -35.98
C ILE L 75 53.17 -6.87 -36.83
N SER L 76 52.49 -7.44 -37.80
CA SER L 76 53.02 -8.58 -38.53
C SER L 76 54.29 -8.35 -39.36
N SER L 77 54.52 -7.14 -39.85
CA SER L 77 55.69 -6.88 -40.69
C SER L 77 56.28 -5.48 -40.58
N LEU L 78 55.80 -4.66 -39.66
CA LEU L 78 56.32 -3.30 -39.54
C LEU L 78 56.55 -2.54 -40.84
N GLU L 79 55.48 -2.06 -41.45
CA GLU L 79 55.58 -1.26 -42.65
C GLU L 79 56.25 0.04 -42.18
N PRO L 80 57.13 0.72 -42.93
CA PRO L 80 57.77 1.97 -42.52
C PRO L 80 56.80 3.02 -41.96
N GLU L 81 55.57 3.04 -42.48
CA GLU L 81 54.54 3.97 -42.09
C GLU L 81 54.06 3.79 -40.65
N ASP L 82 54.31 2.62 -40.08
CA ASP L 82 53.85 2.27 -38.75
C ASP L 82 54.87 2.55 -37.67
N PHE L 83 56.03 3.12 -38.00
CA PHE L 83 57.01 3.36 -36.96
C PHE L 83 56.81 4.65 -36.17
N ALA L 84 55.81 4.63 -35.30
CA ALA L 84 55.49 5.79 -34.48
C ALA L 84 55.20 5.40 -33.02
N VAL L 85 54.12 5.94 -32.42
CA VAL L 85 53.89 5.71 -30.99
C VAL L 85 52.59 5.00 -30.70
N TYR L 86 52.66 4.01 -29.82
CA TYR L 86 51.48 3.26 -29.49
C TYR L 86 51.08 3.41 -28.04
N TYR L 87 49.78 3.43 -27.79
CA TYR L 87 49.25 3.54 -26.42
C TYR L 87 48.19 2.49 -26.10
N CYS L 88 48.13 2.06 -24.81
CA CYS L 88 47.09 1.16 -24.28
C CYS L 88 46.00 2.04 -23.67
N GLN L 89 44.75 1.65 -23.84
CA GLN L 89 43.61 2.33 -23.22
C GLN L 89 42.71 1.39 -22.45
N HIS L 90 42.40 1.77 -21.22
CA HIS L 90 41.54 0.96 -20.35
C HIS L 90 40.41 1.72 -19.66
N ARG L 91 39.16 1.26 -19.83
CA ARG L 91 38.05 1.95 -19.18
C ARG L 91 37.24 1.09 -18.22
N SER L 92 37.07 1.63 -17.02
CA SER L 92 36.31 1.13 -15.89
C SER L 92 35.04 1.97 -15.84
N ASP L 93 34.05 1.61 -15.03
CA ASP L 93 32.88 2.46 -15.00
C ASP L 93 33.27 3.88 -14.57
N TRP L 94 33.01 4.84 -15.48
CA TRP L 94 33.30 6.28 -15.36
C TRP L 94 34.75 6.69 -15.14
N ARG L 95 35.70 5.79 -15.37
CA ARG L 95 37.11 6.10 -15.21
C ARG L 95 37.97 5.47 -16.28
N THR L 96 38.96 6.18 -16.77
CA THR L 96 39.81 5.54 -17.75
C THR L 96 41.22 6.04 -17.71
N THR L 97 42.12 5.17 -18.10
CA THR L 97 43.51 5.53 -18.16
C THR L 97 44.21 5.08 -19.41
N PHE L 98 45.45 5.52 -19.50
CA PHE L 98 46.33 5.22 -20.59
C PHE L 98 47.67 4.73 -20.11
N GLY L 99 48.33 3.98 -20.97
CA GLY L 99 49.67 3.53 -20.65
C GLY L 99 50.65 4.66 -20.89
N GLN L 100 51.93 4.39 -20.72
CA GLN L 100 52.95 5.42 -20.84
C GLN L 100 53.25 5.76 -22.27
N GLY L 101 53.10 4.79 -23.14
CA GLY L 101 53.40 4.96 -24.53
C GLY L 101 54.70 4.28 -24.89
N THR L 102 54.69 3.57 -26.00
CA THR L 102 55.88 2.90 -26.48
C THR L 102 56.17 3.37 -27.89
N ARG L 103 57.43 3.40 -28.23
CA ARG L 103 57.80 3.92 -29.54
C ARG L 103 58.59 2.95 -30.38
N LEU L 104 58.28 2.94 -31.66
CA LEU L 104 59.03 2.14 -32.58
C LEU L 104 60.06 2.99 -33.28
N GLU L 105 61.21 2.40 -33.53
CA GLU L 105 62.29 3.08 -34.21
C GLU L 105 62.95 2.25 -35.29
N ILE L 106 63.26 2.90 -36.41
CA ILE L 106 63.97 2.30 -37.53
C ILE L 106 65.46 2.43 -37.33
N LYS L 107 66.18 1.34 -37.42
CA LYS L 107 67.63 1.34 -37.27
C LYS L 107 68.30 0.86 -38.55
N LYS L 108 69.58 1.24 -38.74
CA LYS L 108 70.43 0.89 -39.87
C LYS L 108 71.85 0.66 -39.35
C1 NAG M . 11.85 -27.85 11.33
C2 NAG M . 12.10 -28.62 12.70
C3 NAG M . 13.12 -29.77 12.41
C4 NAG M . 12.58 -30.76 11.32
C5 NAG M . 12.26 -29.92 10.02
C6 NAG M . 11.42 -30.69 9.00
C7 NAG M . 11.96 -27.17 14.70
C8 NAG M . 12.49 -26.01 15.49
N2 NAG M . 12.65 -27.62 13.65
O3 NAG M . 13.32 -30.48 13.64
O4 NAG M . 13.71 -31.64 11.04
O5 NAG M . 11.36 -28.78 10.33
O6 NAG M . 10.99 -29.85 7.93
O7 NAG M . 10.89 -27.71 15.06
C1 NAG M . 13.44 -33.07 10.61
C2 NAG M . 14.47 -33.43 9.45
C3 NAG M . 14.18 -34.90 9.00
C4 NAG M . 14.33 -35.88 10.21
C5 NAG M . 13.32 -35.43 11.34
C6 NAG M . 13.49 -36.20 12.64
C7 NAG M . 15.18 -31.59 7.90
C8 NAG M . 14.83 -30.67 6.76
N2 NAG M . 14.28 -32.52 8.29
O3 NAG M . 15.12 -35.25 7.96
O4 NAG M . 13.95 -37.24 9.79
O5 NAG M . 13.59 -34.01 11.72
O6 NAG M . 14.64 -35.78 13.36
O7 NAG M . 16.28 -31.47 8.45
C1 BMA M . 15.06 -38.16 9.29
C2 BMA M . 15.46 -39.14 10.46
C3 BMA M . 16.60 -40.08 9.93
C4 BMA M . 16.11 -40.86 8.67
C5 BMA M . 15.69 -39.81 7.56
C6 BMA M . 15.11 -40.48 6.31
O2 BMA M . 14.35 -39.90 10.91
O3 BMA M . 16.94 -41.01 10.96
O4 BMA M . 17.18 -41.68 8.19
O5 BMA M . 14.64 -38.91 8.10
O6 BMA M . 16.06 -41.33 5.68
C1 NAG N . 5.32 -16.49 31.74
C2 NAG N . 5.47 -15.80 33.06
C3 NAG N . 6.75 -15.02 33.13
C4 NAG N . 7.93 -15.90 32.80
C5 NAG N . 7.64 -16.65 31.54
C6 NAG N . 8.74 -17.64 31.23
C7 NAG N . 3.48 -15.19 34.15
C8 NAG N . 2.05 -14.88 33.84
N2 NAG N . 4.37 -14.89 33.23
O3 NAG N . 6.88 -14.56 34.46
O4 NAG N . 9.10 -15.12 32.57
O5 NAG N . 6.42 -17.37 31.67
O6 NAG N . 8.53 -18.78 32.08
O7 NAG N . 3.81 -15.68 35.21
C1 NAG N . 10.07 -15.02 33.64
C2 NAG N . 10.82 -13.70 33.19
C3 NAG N . 11.90 -13.36 34.26
C4 NAG N . 11.22 -13.22 35.67
C5 NAG N . 10.54 -14.60 36.04
C6 NAG N . 9.88 -14.61 37.42
C7 NAG N . 11.72 -12.98 30.99
C8 NAG N . 12.35 -13.34 29.66
N2 NAG N . 11.47 -13.96 31.87
O3 NAG N . 12.49 -12.08 33.91
O4 NAG N . 12.08 -12.62 36.68
O5 NAG N . 9.53 -14.90 34.99
O6 NAG N . 8.94 -15.67 37.54
O7 NAG N . 11.47 -11.80 31.23
C1 BMA N . 13.32 -13.35 37.14
C2 BMA N . 14.59 -12.63 36.56
C3 BMA N . 15.85 -13.41 37.02
C4 BMA N . 15.87 -13.43 38.57
C5 BMA N . 14.57 -14.11 39.08
C6 BMA N . 14.46 -14.09 40.59
O2 BMA N . 14.63 -11.27 37.01
O3 BMA N . 17.06 -12.81 36.51
O4 BMA N . 17.01 -14.16 39.00
O5 BMA N . 13.39 -13.39 38.58
O6 BMA N . 15.55 -14.74 41.22
C1 MAN N . 15.35 -14.97 42.68
C2 MAN N . 16.44 -14.22 43.46
C3 MAN N . 17.80 -14.84 43.11
C4 MAN N . 17.73 -16.33 43.49
C5 MAN N . 16.61 -17.00 42.69
C6 MAN N . 16.54 -18.46 43.04
O2 MAN N . 16.16 -14.38 44.84
O3 MAN N . 18.91 -13.99 43.60
O4 MAN N . 18.95 -17.00 43.19
O5 MAN N . 15.33 -16.36 43.00
O6 MAN N . 17.84 -19.03 43.03
C1 MAN N . 19.61 -14.25 44.93
C2 MAN N . 19.12 -13.23 46.04
C3 MAN N . 19.59 -11.80 45.64
C4 MAN N . 21.15 -11.78 45.51
C5 MAN N . 21.58 -12.82 44.40
C6 MAN N . 23.08 -12.94 44.23
O2 MAN N . 19.65 -13.59 47.31
O3 MAN N . 19.18 -10.87 46.66
O4 MAN N . 21.57 -10.47 45.15
O5 MAN N . 21.07 -14.17 44.78
O6 MAN N . 23.69 -11.69 43.91
C1 NAG O . 19.04 -25.71 12.37
C2 NAG O . 20.29 -26.09 13.29
C3 NAG O . 21.58 -26.09 12.40
C4 NAG O . 21.42 -27.12 11.22
C5 NAG O . 20.16 -26.69 10.38
C6 NAG O . 19.87 -27.62 9.20
C7 NAG O . 19.87 -25.17 15.58
C8 NAG O . 19.99 -24.04 16.56
N2 NAG O . 20.43 -25.06 14.36
O3 NAG O . 22.70 -26.47 13.23
O4 NAG O . 22.62 -27.07 10.41
O5 NAG O . 18.95 -26.66 11.25
O6 NAG O . 18.64 -27.31 8.57
O7 NAG O . 19.26 -26.20 15.92
C1 NAG O . 23.24 -28.40 10.07
C2 NAG O . 24.42 -28.14 9.05
C3 NAG O . 25.05 -29.53 8.67
C4 NAG O . 25.55 -30.27 9.96
C5 NAG O . 24.33 -30.47 10.93
C6 NAG O . 24.71 -31.12 12.25
C7 NAG O . 24.42 -26.38 7.28
C8 NAG O . 23.78 -25.78 6.06
N2 NAG O . 23.87 -27.47 7.84
O3 NAG O . 26.18 -29.33 7.79
O4 NAG O . 26.11 -31.52 9.58
O5 NAG O . 23.72 -29.13 11.24
O6 NAG O . 23.57 -31.46 13.03
O7 NAG O . 25.45 -25.86 7.73
C1 NAG P . -0.63 -1.71 35.56
C2 NAG P . -1.41 -2.95 36.17
C3 NAG P . -2.84 -2.54 36.53
C4 NAG P . -2.81 -1.38 37.59
C5 NAG P . -2.07 -0.16 36.91
C6 NAG P . -1.95 1.06 37.82
C7 NAG P . -0.67 -5.10 35.23
C8 NAG P . -0.88 -6.24 34.29
N2 NAG P . -1.50 -4.05 35.20
O3 NAG P . -3.51 -3.73 37.01
O4 NAG P . -4.15 -1.00 38.07
O5 NAG P . -0.68 -0.59 36.53
O6 NAG P . -1.41 2.18 37.11
O7 NAG P . 0.28 -5.15 36.03
C1 NAG P . -4.64 -1.74 39.31
C2 NAG P . -5.76 -0.91 40.04
C3 NAG P . -6.20 -1.72 41.31
C4 NAG P . -6.72 -3.15 40.90
C5 NAG P . -5.56 -3.88 40.14
C6 NAG P . -5.93 -5.27 39.62
C7 NAG P . -5.45 1.58 39.97
C8 NAG P . -4.78 2.82 40.50
N2 NAG P . -5.15 0.39 40.50
O3 NAG P . -7.26 -1.00 41.97
O4 NAG P . -6.99 -3.91 42.12
O5 NAG P . -5.14 -3.07 38.97
O6 NAG P . -7.02 -5.24 38.69
O7 NAG P . -6.27 1.70 39.04
C1 BMA P . -8.43 -4.24 42.38
C2 BMA P . -8.50 -5.31 43.55
C3 BMA P . -10.00 -5.63 43.83
C4 BMA P . -10.77 -4.32 44.20
C5 BMA P . -10.65 -3.31 43.01
C6 BMA P . -11.29 -1.94 43.31
O2 BMA P . -7.83 -4.83 44.71
O3 BMA P . -10.07 -6.56 44.93
O4 BMA P . -12.14 -4.66 44.42
O5 BMA P . -9.20 -3.04 42.73
O6 BMA P . -12.68 -2.07 43.59
C1 NAG Q . 17.55 8.94 16.42
C2 NAG Q . 18.06 8.41 17.83
C3 NAG Q . 18.13 9.62 18.81
C4 NAG Q . 19.11 10.71 18.26
C5 NAG Q . 18.59 11.16 16.83
C6 NAG Q . 19.50 12.15 16.12
C7 NAG Q . 17.34 6.06 18.28
C8 NAG Q . 16.28 5.09 18.68
N2 NAG Q . 17.10 7.39 18.32
O3 NAG Q . 18.57 9.16 20.10
O4 NAG Q . 19.09 11.79 19.25
O5 NAG Q . 18.48 9.98 15.93
O6 NAG Q . 19.28 12.13 14.70
O7 NAG Q . 18.45 5.62 17.92
C1 NAG Q . 20.30 12.69 19.49
C2 NAG Q . 21.72 11.96 19.41
C3 NAG Q . 22.82 13.03 19.79
C4 NAG Q . 22.72 14.26 18.80
C5 NAG Q . 21.29 14.89 18.92
C6 NAG Q . 21.03 16.03 17.94
C7 NAG Q . 22.32 9.66 20.13
C8 NAG Q . 22.30 8.58 21.19
N2 NAG Q . 21.77 10.85 20.40
O3 NAG Q . 24.12 12.43 19.69
O4 NAG Q . 23.84 15.22 18.97
O5 NAG Q . 20.26 13.85 18.60
O6 NAG Q . 19.69 16.51 18.02
O7 NAG Q . 22.87 9.42 19.04
C1 NAG R . 2.70 6.04 27.59
C2 NAG R . 3.92 6.94 28.09
C3 NAG R . 3.45 7.70 29.39
C4 NAG R . 2.19 8.58 29.07
C5 NAG R . 1.05 7.63 28.54
C6 NAG R . -0.22 8.37 28.10
C7 NAG R . 6.31 6.22 27.97
C8 NAG R . 7.42 5.30 28.39
N2 NAG R . 5.05 6.05 28.45
O3 NAG R . 4.51 8.54 29.84
O4 NAG R . 1.74 9.20 30.31
O5 NAG R . 1.54 6.90 27.35
O6 NAG R . 0.02 9.34 27.10
O7 NAG R . 6.56 7.15 27.18
C1 NAG R . 1.74 10.71 30.36
C2 NAG R . 0.64 11.18 31.41
C3 NAG R . 0.66 12.75 31.44
C4 NAG R . 2.09 13.28 31.82
C5 NAG R . 3.11 12.74 30.76
C6 NAG R . 4.57 13.06 31.09
C7 NAG R . -1.51 9.91 31.66
C8 NAG R . -2.85 9.49 31.10
N2 NAG R . -0.71 10.72 30.95
O3 NAG R . -0.30 13.20 32.41
O4 NAG R . 2.08 14.75 31.76
O5 NAG R . 3.05 11.25 30.72
O6 NAG R . 5.03 12.34 32.22
O7 NAG R . -1.18 9.50 32.79
C1 BMA R . 2.01 15.51 33.08
C2 BMA R . 3.47 15.74 33.63
C3 BMA R . 3.37 16.50 34.99
C4 BMA R . 2.61 17.86 34.78
C5 BMA R . 1.18 17.54 34.21
C6 BMA R . 0.38 18.82 33.90
O2 BMA R . 4.26 16.45 32.69
O3 BMA R . 4.69 16.77 35.48
O4 BMA R . 2.51 18.52 36.04
O5 BMA R . 1.31 16.78 32.93
O6 BMA R . 0.19 19.62 35.06
C1 NAG S . 19.10 -9.92 19.25
C2 NAG S . 19.89 -11.11 19.96
C3 NAG S . 21.34 -10.60 20.26
C4 NAG S . 22.05 -10.20 18.91
C5 NAG S . 21.21 -9.06 18.24
C6 NAG S . 21.69 -8.63 16.85
C7 NAG S . 19.18 -12.63 21.79
C8 NAG S . 18.43 -12.87 23.07
N2 NAG S . 19.18 -11.41 21.23
O3 NAG S . 22.11 -11.62 20.91
O4 NAG S . 23.39 -9.74 19.24
O5 NAG S . 19.83 -9.54 18.03
O6 NAG S . 21.79 -9.73 15.94
O7 NAG S . 19.79 -13.57 21.26
C1 NAG S . 24.48 -10.22 18.32
C2 NAG S . 25.71 -9.22 18.43
C3 NAG S . 26.81 -9.72 17.42
C4 NAG S . 27.21 -11.20 17.75
C5 NAG S . 25.93 -12.11 17.67
C6 NAG S . 26.17 -13.57 18.08
C7 NAG S . 24.69 -6.98 18.93
C8 NAG S . 24.15 -5.66 18.47
N2 NAG S . 25.26 -7.84 18.06
O3 NAG S . 27.96 -8.88 17.52
O4 NAG S . 28.17 -11.60 16.74
O5 NAG S . 24.89 -11.59 18.61
O6 NAG S . 24.98 -14.34 17.98
O7 NAG S . 24.62 -7.27 20.14
C1 BMA S . 29.38 -12.41 17.16
C2 BMA S . 30.64 -11.73 16.49
C3 BMA S . 31.90 -12.57 16.88
C4 BMA S . 32.05 -12.66 18.43
C5 BMA S . 30.74 -13.32 19.02
C6 BMA S . 30.76 -13.39 20.54
O2 BMA S . 30.74 -10.37 16.90
O3 BMA S . 33.07 -11.93 16.32
O4 BMA S . 33.19 -13.46 18.73
O5 BMA S . 29.56 -12.51 18.62
O6 BMA S . 31.84 -14.17 21.04
C1 NAG T . -2.49 -4.62 -31.89
C2 NAG T . -1.60 -4.98 -33.16
C3 NAG T . -2.41 -4.60 -34.43
C4 NAG T . -3.78 -5.36 -34.49
C5 NAG T . -4.58 -5.04 -33.16
C6 NAG T . -5.77 -5.97 -32.92
C7 NAG T . 0.84 -4.74 -32.77
C8 NAG T . 2.01 -3.87 -32.45
N2 NAG T . -0.35 -4.19 -33.04
O3 NAG T . -1.63 -4.95 -35.58
O4 NAG T . -4.49 -4.76 -35.61
O5 NAG T . -3.75 -5.33 -31.97
O6 NAG T . -6.34 -5.78 -31.64
O7 NAG T . 1.01 -5.98 -32.81
C1 NAG T . -5.47 -5.59 -36.41
C2 NAG T . -6.73 -4.69 -36.73
C3 NAG T . -7.75 -5.56 -37.53
C4 NAG T . -7.09 -6.08 -38.86
C5 NAG T . -5.81 -6.92 -38.47
C6 NAG T . -4.98 -7.35 -39.67
C7 NAG T . -7.40 -2.96 -35.03
C8 NAG T . -8.02 -2.65 -33.70
N2 NAG T . -7.39 -4.24 -35.46
O3 NAG T . -8.90 -4.75 -37.85
O4 NAG T . -8.02 -6.98 -39.54
O5 NAG T . -4.89 -6.08 -37.65
O6 NAG T . -4.22 -6.27 -40.19
O7 NAG T . -6.93 -2.03 -35.69
C1 BMA T . -8.94 -6.39 -40.60
C2 BMA T . -8.34 -6.67 -42.03
C3 BMA T . -9.29 -6.05 -43.10
C4 BMA T . -10.73 -6.64 -42.95
C5 BMA T . -11.25 -6.34 -41.49
C6 BMA T . -12.63 -6.96 -41.22
O2 BMA T . -8.17 -8.07 -42.25
O3 BMA T . -8.78 -6.36 -44.40
O4 BMA T . -11.58 -6.03 -43.92
O5 BMA T . -10.31 -6.91 -40.50
O6 BMA T . -13.62 -6.44 -42.09
C1 NAG U . 21.21 -8.15 -28.13
C2 NAG U . 22.69 -7.89 -28.20
C3 NAG U . 23.00 -6.43 -28.26
C4 NAG U . 22.25 -5.77 -29.39
C5 NAG U . 20.80 -6.17 -29.30
C6 NAG U . 20.04 -5.64 -30.50
C7 NAG U . 24.07 -9.51 -27.19
C8 NAG U . 24.03 -10.56 -26.12
N2 NAG U . 23.31 -8.45 -27.03
O3 NAG U . 24.39 -6.30 -28.51
O4 NAG U . 22.30 -4.35 -29.26
O5 NAG U . 20.70 -7.59 -29.31
O6 NAG U . 20.32 -6.49 -31.61
O7 NAG U . 24.79 -9.61 -28.15
C1 NAG U . 23.23 -3.62 -30.10
C2 NAG U . 23.34 -2.28 -29.27
C3 NAG U . 24.38 -1.35 -29.96
C4 NAG U . 25.76 -2.10 -30.09
C5 NAG U . 25.54 -3.40 -30.97
C6 NAG U . 26.83 -4.19 -31.21
C7 NAG U . 21.59 -0.81 -28.27
C8 NAG U . 20.20 -0.23 -28.32
N2 NAG U . 22.00 -1.64 -29.25
O3 NAG U . 24.57 -0.18 -29.13
O4 NAG U . 26.86 -1.23 -30.46
O5 NAG U . 24.54 -4.25 -30.27
O6 NAG U . 26.55 -5.53 -31.62
O7 NAG U . 22.33 -0.51 -27.33
C1 BMA U . 26.88 -0.57 -31.82
C2 BMA U . 26.58 0.96 -31.64
C3 BMA U . 26.56 1.62 -33.05
C4 BMA U . 27.95 1.38 -33.71
C5 BMA U . 28.22 -0.15 -33.81
C6 BMA U . 29.60 -0.47 -34.33
O2 BMA U . 27.56 1.57 -30.81
O3 BMA U . 26.28 3.03 -32.98
O4 BMA U . 27.96 1.96 -35.01
O5 BMA U . 28.16 -0.75 -32.46
O6 BMA U . 29.81 0.07 -35.63
C1 MAN U . 31.04 -0.44 -36.29
C2 MAN U . 31.99 0.74 -36.57
C3 MAN U . 31.32 1.68 -37.58
C4 MAN U . 31.03 0.85 -38.85
C5 MAN U . 30.10 -0.31 -38.48
C6 MAN U . 29.79 -1.11 -39.72
O2 MAN U . 33.18 0.20 -37.11
O3 MAN U . 32.04 2.96 -37.66
O4 MAN U . 30.38 1.65 -39.84
O5 MAN U . 30.74 -1.17 -37.49
O6 MAN U . 29.45 -0.25 -40.80
C1 MAN U . 33.09 3.24 -38.75
C2 MAN U . 34.55 3.13 -38.16
C3 MAN U . 34.77 4.27 -37.13
C4 MAN U . 34.55 5.65 -37.83
C5 MAN U . 33.08 5.71 -38.40
C6 MAN U . 32.77 6.99 -39.17
O2 MAN U . 35.51 3.22 -39.22
O3 MAN U . 36.12 4.19 -36.63
O4 MAN U . 34.76 6.70 -36.88
O5 MAN U . 32.88 4.58 -39.34
O6 MAN U . 32.98 8.15 -38.36
C1 NAG V . -1.13 2.46 -34.20
C2 NAG V . -0.54 3.22 -35.47
C3 NAG V . -1.43 4.47 -35.75
C4 NAG V . -2.92 4.03 -35.98
C5 NAG V . -3.42 3.29 -34.69
C6 NAG V . -4.86 2.78 -34.80
C7 NAG V . 1.94 2.93 -35.48
C8 NAG V . 3.30 3.41 -35.06
N2 NAG V . 0.85 3.66 -35.17
O3 NAG V . -0.93 5.14 -36.92
O4 NAG V . -3.71 5.23 -36.22
O5 NAG V . -2.54 2.11 -34.44
O6 NAG V . -5.22 1.96 -33.70
O7 NAG V . 1.85 1.86 -36.11
C1 NAG V . -4.64 5.20 -37.42
C2 NAG V . -5.52 6.51 -37.38
C3 NAG V . -6.51 6.46 -38.61
C4 NAG V . -5.69 6.34 -39.93
C5 NAG V . -4.82 5.03 -39.88
C6 NAG V . -3.93 4.85 -41.12
C7 NAG V . -6.38 7.61 -35.31
C8 NAG V . -7.18 7.53 -34.03
N2 NAG V . -6.30 6.53 -36.11
O3 NAG V . -7.30 7.67 -38.65
O4 NAG V . -6.61 6.30 -41.04
O5 NAG V . -3.92 5.08 -38.69
O6 NAG V . -3.30 3.57 -41.12
O7 NAG V . -5.81 8.68 -35.59
C1 NAG W . 31.37 -6.94 -15.33
C2 NAG W . 31.45 -8.29 -16.16
C3 NAG W . 32.06 -9.41 -15.28
C4 NAG W . 33.50 -9.00 -14.83
C5 NAG W . 33.36 -7.67 -13.97
C6 NAG W . 34.69 -7.13 -13.46
C7 NAG W . 29.64 -8.52 -17.80
C8 NAG W . 28.31 -9.09 -18.20
N2 NAG W . 30.11 -8.74 -16.57
O3 NAG W . 32.01 -10.61 -16.06
O4 NAG W . 34.18 -10.05 -14.07
O5 NAG W . 32.73 -6.61 -14.84
O6 NAG W . 34.49 -6.02 -12.58
O7 NAG W . 30.28 -7.85 -18.63
C1 NAG W . 35.02 -11.02 -14.90
C2 NAG W . 36.11 -11.71 -13.99
C3 NAG W . 36.94 -12.68 -14.91
C4 NAG W . 36.00 -13.74 -15.60
C5 NAG W . 34.92 -12.96 -16.43
C6 NAG W . 33.88 -13.85 -17.11
C7 NAG W . 37.09 -10.26 -12.19
C8 NAG W . 38.06 -9.18 -11.78
N2 NAG W . 37.03 -10.65 -13.47
O3 NAG W . 37.93 -13.37 -14.11
O4 NAG W . 36.78 -14.52 -16.54
O5 NAG W . 34.18 -12.03 -15.54
O6 NAG W . 33.14 -14.64 -16.18
O7 NAG W . 36.36 -10.77 -11.32
C1 BMA W . 36.99 -15.97 -16.19
C2 BMA W . 37.59 -16.72 -17.45
C3 BMA W . 37.81 -18.21 -17.08
C4 BMA W . 38.75 -18.33 -15.84
C5 BMA W . 38.10 -17.56 -14.63
C6 BMA W . 39.00 -17.52 -13.39
O2 BMA W . 38.79 -16.10 -17.88
O3 BMA W . 38.40 -18.89 -18.20
O4 BMA W . 38.91 -19.71 -15.51
O5 BMA W . 37.87 -16.13 -15.03
O6 BMA W . 39.29 -18.83 -12.92
C1 NAG X . 17.42 16.87 -8.36
C2 NAG X . 18.42 16.83 -9.58
C3 NAG X . 19.83 17.32 -9.08
C4 NAG X . 19.72 18.77 -8.49
C5 NAG X . 18.67 18.75 -7.31
C6 NAG X . 18.37 20.12 -6.71
C7 NAG X . 17.88 15.04 -11.23
C8 NAG X . 17.89 13.59 -11.60
N2 NAG X . 18.50 15.45 -10.10
O3 NAG X . 20.76 17.28 -10.17
O4 NAG X . 21.08 19.10 -8.04
O5 NAG X . 17.36 18.24 -7.81
O6 NAG X . 17.11 20.14 -6.05
O7 NAG X . 17.29 15.84 -11.96
C1 NAG X . 21.60 20.54 -8.04
C2 NAG X . 21.12 21.44 -9.28
C3 NAG X . 21.84 22.83 -9.15
C4 NAG X . 21.48 23.49 -7.76
C5 NAG X . 21.96 22.52 -6.60
C6 NAG X . 21.57 22.99 -5.20
C7 NAG X . 20.74 20.76 -11.64
C8 NAG X . 21.23 20.07 -12.89
N2 NAG X . 21.54 20.80 -10.55
O3 NAG X . 21.40 23.70 -10.21
O4 NAG X . 21.96 24.88 -7.63
O5 NAG X . 21.30 21.19 -6.78
O6 NAG X . 21.94 22.04 -4.21
O7 NAG X . 19.62 21.29 -11.65
C1 NAG Y . 27.27 0.86 -7.78
C2 NAG Y . 28.02 2.26 -7.89
C3 NAG Y . 29.55 2.01 -7.59
C4 NAG Y . 29.73 1.38 -6.17
C5 NAG Y . 28.92 0.02 -6.12
C6 NAG Y . 28.92 -0.66 -4.76
C7 NAG Y . 27.44 4.01 -9.57
C8 NAG Y . 27.35 4.47 -11.00
N2 NAG Y . 27.88 2.77 -9.28
O3 NAG Y . 30.24 3.26 -7.65
O4 NAG Y . 31.15 1.09 -5.97
O5 NAG Y . 27.50 0.29 -6.45
O6 NAG Y . 28.42 0.17 -3.71
O7 NAG Y . 27.12 4.80 -8.66
C1 NAG Y . 31.83 1.79 -4.81
C2 NAG Y . 33.05 0.90 -4.33
C3 NAG Y . 33.74 1.65 -3.15
C4 NAG Y . 34.22 3.08 -3.60
C5 NAG Y . 32.95 3.87 -4.09
C6 NAG Y . 33.29 5.24 -4.68
C7 NAG Y . 32.88 -1.61 -4.36
C8 NAG Y . 32.28 -2.88 -3.80
N2 NAG Y . 32.53 -0.42 -3.84
O3 NAG Y . 34.87 0.87 -2.72
O4 NAG Y . 34.79 3.77 -2.43
O5 NAG Y . 32.29 3.12 -5.19
O6 NAG Y . 33.97 5.12 -5.93
O7 NAG Y . 33.70 -1.70 -5.29
C1 BMA Y . 36.31 3.86 -2.35
C2 BMA Y . 36.81 5.15 -3.11
C3 BMA Y . 38.36 5.21 -3.01
C4 BMA Y . 38.81 5.22 -1.51
C5 BMA Y . 38.25 3.92 -0.81
C6 BMA Y . 38.57 3.88 0.68
O2 BMA Y . 36.20 6.32 -2.57
O3 BMA Y . 38.82 6.40 -3.66
O4 BMA Y . 40.23 5.25 -1.46
O5 BMA Y . 36.77 3.87 -0.95
O6 BMA Y . 39.98 3.91 0.93
C1 NAG Z . 11.80 8.88 -24.82
C2 NAG Z . 11.90 8.88 -26.40
C3 NAG Z . 12.27 10.34 -26.84
C4 NAG Z . 11.18 11.36 -26.34
C5 NAG Z . 11.12 11.27 -24.78
C6 NAG Z . 10.03 12.11 -24.13
C7 NAG Z . 12.94 7.27 -27.96
C8 NAG Z . 14.04 6.30 -28.30
N2 NAG Z . 12.96 7.93 -26.80
O3 NAG Z . 12.38 10.42 -28.28
O4 NAG Z . 11.59 12.68 -26.77
O5 NAG Z . 10.83 9.88 -24.38
O6 NAG Z . 8.73 11.82 -24.66
O7 NAG Z . 12.02 7.43 -28.78
C1 NAG Z . 10.48 13.55 -27.32
C2 NAG Z . 10.92 15.07 -27.19
C3 NAG Z . 9.72 15.94 -27.71
C4 NAG Z . 9.36 15.55 -29.19
C5 NAG Z . 8.99 14.01 -29.22
C6 NAG Z . 8.71 13.48 -30.63
C7 NAG Z . 12.39 15.16 -25.16
C8 NAG Z . 12.58 15.39 -23.69
N2 NAG Z . 11.19 15.39 -25.75
O3 NAG Z . 10.09 17.33 -27.67
O4 NAG Z . 8.20 16.35 -29.56
O5 NAG Z . 10.12 13.22 -28.69
O6 NAG Z . 8.37 12.09 -30.60
O7 NAG Z . 13.37 14.77 -25.84
C1 BMA Z . 8.16 16.95 -30.94
C2 BMA Z . 7.76 18.46 -30.78
C3 BMA Z . 7.66 19.11 -32.20
C4 BMA Z . 9.02 18.95 -32.97
C5 BMA Z . 9.35 17.41 -33.07
C6 BMA Z . 10.70 17.15 -33.74
O2 BMA Z . 8.69 19.13 -29.93
O3 BMA Z . 7.36 20.51 -32.06
O4 BMA Z . 8.87 19.52 -34.27
O5 BMA Z . 9.42 16.83 -31.70
O6 BMA Z . 10.73 17.65 -35.08
C1 NAG AA . -6.56 -25.23 19.48
C2 NAG AA . -4.98 -25.18 19.69
C3 NAG AA . -4.59 -26.36 20.62
C4 NAG AA . -5.32 -26.27 22.00
C5 NAG AA . -6.86 -26.26 21.71
C6 NAG AA . -7.72 -26.12 22.97
C7 NAG AA . -3.89 -24.36 17.62
C8 NAG AA . -3.20 -24.66 16.33
N2 NAG AA . -4.29 -25.36 18.41
O3 NAG AA . -3.16 -26.28 20.79
O4 NAG AA . -5.04 -27.48 22.77
O5 NAG AA . -7.21 -25.14 20.80
O6 NAG AA . -7.39 -24.98 23.75
O7 NAG AA . -4.08 -23.18 17.95
C1 NAG AA . -4.00 -27.39 23.85
C2 NAG AA . -4.14 -28.66 24.76
C3 NAG AA . -3.07 -28.57 25.91
C4 NAG AA . -1.64 -28.46 25.29
C5 NAG AA . -1.58 -27.21 24.36
C6 NAG AA . -0.22 -27.11 23.68
C7 NAG AA . -6.40 -29.67 25.04
C8 NAG AA . -7.79 -29.59 25.60
N2 NAG AA . -5.52 -28.70 25.31
O3 NAG AA . -3.14 -29.74 26.74
O4 NAG AA . -0.66 -28.24 26.34
O5 NAG AA . -2.63 -27.30 23.32
O6 NAG AA . 0.03 -28.17 22.76
O7 NAG AA . -6.10 -30.65 24.33
C1 BMA AA . 0.33 -29.29 26.45
C2 BMA AA . 1.60 -28.77 27.11
C3 BMA AA . 2.63 -29.85 27.38
C4 BMA AA . 1.94 -30.77 28.35
C5 BMA AA . 0.71 -31.34 27.69
C6 BMA AA . 0.02 -32.27 28.68
O2 BMA AA . 1.25 -28.24 28.38
O3 BMA AA . 3.82 -29.38 28.02
O4 BMA AA . 2.81 -31.82 28.76
O5 BMA AA . -0.20 -30.32 27.27
O6 BMA AA . 0.06 -31.65 29.98
C1 MAN AA . 5.01 -30.15 27.68
C2 MAN AA . 6.21 -29.64 28.53
C3 MAN AA . 6.44 -28.17 28.20
C4 MAN AA . 6.75 -28.07 26.71
C5 MAN AA . 5.56 -28.62 25.91
C6 MAN AA . 5.91 -28.57 24.44
O2 MAN AA . 7.40 -30.37 28.14
O3 MAN AA . 7.53 -27.64 28.96
O4 MAN AA . 6.88 -26.70 26.41
O5 MAN AA . 5.30 -30.00 26.27
O6 MAN AA . 6.64 -27.40 24.15
C1 MAN AA . 7.91 -31.46 29.06
C2 MAN AA . 9.43 -31.16 29.40
C3 MAN AA . 10.26 -31.32 28.10
C4 MAN AA . 10.08 -32.76 27.51
C5 MAN AA . 8.55 -33.00 27.21
C6 MAN AA . 8.25 -34.40 26.71
O2 MAN AA . 9.89 -32.02 30.45
O3 MAN AA . 11.65 -31.09 28.40
O4 MAN AA . 10.85 -32.87 26.31
O5 MAN AA . 7.77 -32.80 28.47
O6 MAN AA . 6.89 -34.51 26.30
C1 MAN AA . -0.79 -30.49 29.93
C2 MAN AA . -0.34 -29.46 30.95
C3 MAN AA . -0.68 -29.93 32.35
C4 MAN AA . -2.12 -30.37 32.43
C5 MAN AA . -2.43 -31.39 31.33
C6 MAN AA . -3.88 -31.82 31.33
O2 MAN AA . -1.01 -28.24 30.67
O3 MAN AA . -0.47 -28.81 33.22
O4 MAN AA . -2.36 -30.97 33.70
O5 MAN AA . -2.16 -30.80 30.06
O6 MAN AA . -4.68 -30.76 30.80
C1 MAN AA . 0.34 -29.21 34.34
C2 MAN AA . 0.35 -28.03 35.29
C3 MAN AA . 0.99 -26.85 34.58
C4 MAN AA . 2.40 -27.23 34.17
C5 MAN AA . 2.39 -28.51 33.35
C6 MAN AA . 3.84 -28.96 33.15
O2 MAN AA . 1.13 -28.35 36.44
O3 MAN AA . 1.03 -25.72 35.46
O4 MAN AA . 2.94 -26.19 33.37
O5 MAN AA . 1.68 -29.55 34.01
O6 MAN AA . 4.61 -27.88 32.61
C1 NAG BA . -8.75 -47.04 8.88
C2 NAG BA . -7.29 -46.41 8.88
C3 NAG BA . -6.27 -47.53 8.48
C4 NAG BA . -6.35 -48.73 9.50
C5 NAG BA . -7.83 -49.27 9.47
C6 NAG BA . -8.10 -50.37 10.49
C7 NAG BA . -6.99 -44.02 8.21
C8 NAG BA . -6.85 -42.94 7.17
N2 NAG BA . -7.20 -45.30 7.88
O3 NAG BA . -4.94 -47.00 8.48
O4 NAG BA . -5.42 -49.75 9.04
O5 NAG BA . -8.78 -48.18 9.80
O6 NAG BA . -7.79 -49.99 11.83
O7 NAG BA . -6.91 -43.68 9.39
C1 NAG BA . -4.54 -50.40 10.09
C2 NAG BA . -4.12 -51.84 9.56
C3 NAG BA . -3.23 -52.52 10.67
C4 NAG BA . -1.99 -51.63 10.97
C5 NAG BA . -2.47 -50.22 11.46
C6 NAG BA . -1.32 -49.25 11.70
C7 NAG BA . -5.89 -52.83 8.11
C8 NAG BA . -7.14 -53.66 7.98
N2 NAG BA . -5.33 -52.67 9.33
O3 NAG BA . -2.81 -53.81 10.22
O4 NAG BA . -1.20 -52.26 11.99
O5 NAG BA . -3.35 -49.60 10.41
O6 NAG BA . -0.42 -49.72 12.71
O7 NAG BA . -5.41 -52.31 7.10
C1 NAG CA . -30.55 0.67 10.50
C2 NAG CA . -31.91 1.47 10.30
C3 NAG CA . -32.85 1.15 11.51
C4 NAG CA . -33.13 -0.39 11.62
C5 NAG CA . -31.74 -1.14 11.73
C6 NAG CA . -31.84 -2.65 11.49
C7 NAG CA . -31.64 3.64 9.13
C8 NAG CA . -31.05 5.02 9.10
N2 NAG CA . -31.56 2.91 10.25
O3 NAG CA . -34.08 1.85 11.31
O4 NAG CA . -33.84 -0.54 12.88
O5 NAG CA . -30.84 -0.75 10.61
O6 NAG CA . -30.56 -3.26 11.40
O7 NAG CA . -32.21 3.21 8.11
C1 NAG CA . -34.84 -1.67 13.05
C2 NAG CA . -34.65 -2.28 14.49
C3 NAG CA . -35.69 -3.46 14.64
C4 NAG CA . -37.15 -2.92 14.44
C5 NAG CA . -37.24 -2.27 13.01
C6 NAG CA . -38.56 -1.56 12.76
C7 NAG CA . -32.35 -2.31 15.46
C8 NAG CA . -30.97 -2.91 15.47
N2 NAG CA . -33.28 -2.84 14.65
O3 NAG CA . -35.54 -4.02 15.96
O4 NAG CA . -38.09 -4.04 14.48
O5 NAG CA . -36.21 -1.19 12.87
O6 NAG CA . -38.63 -0.31 13.43
O7 NAG CA . -32.58 -1.37 16.22
C1 BMA CA . -38.71 -4.40 15.83
C2 BMA CA . -40.18 -3.78 15.88
C3 BMA CA . -40.81 -4.14 17.27
C4 BMA CA . -40.83 -5.69 17.46
C5 BMA CA . -39.35 -6.24 17.35
C6 BMA CA . -39.27 -7.76 17.45
O2 BMA CA . -40.98 -4.26 14.81
O3 BMA CA . -42.15 -3.65 17.30
O4 BMA CA . -41.38 -5.99 18.74
O5 BMA CA . -38.76 -5.84 16.05
O6 BMA CA . -39.77 -8.24 18.69
C1 NAG DA . -30.30 18.98 -5.39
C2 NAG DA . -30.36 20.40 -5.90
C3 NAG DA . -29.80 21.37 -4.90
C4 NAG DA . -30.49 21.21 -3.56
C5 NAG DA . -30.49 19.75 -3.20
C6 NAG DA . -31.28 19.52 -1.93
C7 NAG DA . -30.23 20.68 -8.23
C8 NAG DA . -29.71 19.98 -9.45
N2 NAG DA . -29.58 20.49 -7.10
O3 NAG DA . -30.07 22.67 -5.38
O4 NAG DA . -29.77 21.90 -2.55
O5 NAG DA . -31.09 18.99 -4.24
O6 NAG DA . -32.67 19.54 -2.27
O7 NAG DA . -31.20 21.40 -8.28
C1 NAG DA . -30.28 23.17 -2.10
C2 NAG DA . -28.97 23.78 -1.46
C3 NAG DA . -29.27 25.22 -0.97
C4 NAG DA . -29.80 26.09 -2.18
C5 NAG DA . -31.13 25.43 -2.72
C6 NAG DA . -31.77 26.21 -3.87
C7 NAG DA . -27.32 22.79 0.14
C8 NAG DA . -27.02 21.87 1.28
N2 NAG DA . -28.59 22.91 -0.31
O3 NAG DA . -28.04 25.81 -0.49
O4 NAG DA . -29.84 27.52 -1.91
O5 NAG DA . -30.80 24.05 -3.17
O6 NAG DA . -32.69 25.40 -4.60
O7 NAG DA . -26.39 23.44 -0.38
C1 BMA DA . -30.78 28.06 -0.85
C2 BMA DA . -29.95 28.48 0.41
C3 BMA DA . -30.94 29.01 1.49
C4 BMA DA . -31.73 30.20 0.89
C5 BMA DA . -32.49 29.73 -0.38
C6 BMA DA . -33.19 30.85 -1.11
O2 BMA DA . -29.01 29.50 0.06
O3 BMA DA . -30.25 29.42 2.69
O4 BMA DA . -32.65 30.69 1.85
O5 BMA DA . -31.53 29.18 -1.36
O6 BMA DA . -34.15 31.49 -0.26
C1 MAN DA . -35.05 32.43 -1.00
C2 MAN DA . -34.86 33.86 -0.45
C3 MAN DA . -35.32 33.87 1.02
C4 MAN DA . -36.80 33.44 1.04
C5 MAN DA . -36.90 32.03 0.45
C6 MAN DA . -38.34 31.57 0.48
O2 MAN DA . -35.66 34.72 -1.23
O3 MAN DA . -34.90 35.12 1.69
O4 MAN DA . -37.30 33.40 2.36
O5 MAN DA . -36.42 32.01 -0.93
O6 MAN DA . -38.92 31.85 1.75
C1 MAN DA . -35.82 36.32 1.83
C2 MAN DA . -35.45 37.45 0.78
C3 MAN DA . -34.05 38.02 1.13
C4 MAN DA . -34.07 38.59 2.59
C5 MAN DA . -34.46 37.43 3.59
C6 MAN DA . -34.58 37.89 5.03
O2 MAN DA . -36.42 38.49 0.80
O3 MAN DA . -33.72 39.07 0.22
O4 MAN DA . -32.79 39.12 2.91
O5 MAN DA . -35.79 36.88 3.19
O6 MAN DA . -33.38 38.49 5.52
C1 NAG EA . -29.71 5.55 16.23
C2 NAG EA . -30.57 6.62 17.03
C3 NAG EA . -30.23 6.48 18.56
C4 NAG EA . -30.53 5.02 19.05
C5 NAG EA . -29.65 4.03 18.20
C6 NAG EA . -29.87 2.56 18.55
C7 NAG EA . -30.87 8.64 15.59
C8 NAG EA . -30.38 9.98 15.12
N2 NAG EA . -30.21 7.99 16.57
O3 NAG EA . -31.03 7.41 19.30
O4 NAG EA . -30.17 4.93 20.45
O5 NAG EA . -29.98 4.20 16.75
O6 NAG EA . -29.20 1.69 17.65
O7 NAG EA . -31.89 8.16 15.07
C1 NAG EA . -31.20 4.30 21.37
C2 NAG EA . -30.55 4.15 22.80
C3 NAG EA . -31.61 3.46 23.73
C4 NAG EA . -32.92 4.32 23.78
C5 NAG EA . -33.48 4.45 22.32
C6 NAG EA . -34.73 5.33 22.24
C7 NAG EA . -28.15 3.60 23.23
C8 NAG EA . -26.98 2.67 23.05
N2 NAG EA . -29.34 3.28 22.69
O3 NAG EA . -31.08 3.36 25.07
O4 NAG EA . -33.86 3.68 24.64
O5 NAG EA . -32.45 5.07 21.44
O6 NAG EA . -35.33 5.28 20.95
O7 NAG EA . -27.99 4.64 23.89
C1 NAG FA . -18.94 26.37 -14.63
C2 NAG FA . -20.27 25.92 -15.37
C3 NAG FA . -19.99 25.78 -16.89
C4 NAG FA . -19.51 27.15 -17.46
C5 NAG FA . -18.17 27.53 -16.71
C6 NAG FA . -17.56 28.86 -17.15
C7 NAG FA . -21.72 24.50 -13.99
C8 NAG FA . -22.23 23.14 -13.62
N2 NAG FA . -20.73 24.61 -14.89
O3 NAG FA . -21.21 25.31 -17.48
O4 NAG FA . -19.32 27.13 -18.92
O5 NAG FA . -18.45 27.62 -15.23
O6 NAG FA . -16.28 29.07 -16.56
O7 NAG FA . -22.22 25.50 -13.45
C1 NAG FA . -20.54 27.54 -19.74
C2 NAG FA . -20.09 28.02 -21.18
C3 NAG FA . -21.39 28.42 -21.97
C4 NAG FA . -22.40 27.22 -22.04
C5 NAG FA . -22.74 26.77 -20.57
C6 NAG FA . -23.66 25.56 -20.48
C7 NAG FA . -17.92 29.26 -21.26
C8 NAG FA . -17.16 30.55 -21.07
N2 NAG FA . -19.24 29.24 -21.02
O3 NAG FA . -21.03 28.82 -23.30
O4 NAG FA . -23.64 27.67 -22.65
O5 NAG FA . -21.49 26.43 -19.84
O6 NAG FA . -23.11 24.39 -21.09
O7 NAG FA . -17.31 28.26 -21.65
C1 BMA FA . -23.96 27.11 -24.01
C2 BMA FA . -25.45 27.47 -24.37
C3 BMA FA . -25.77 26.91 -25.78
C4 BMA FA . -24.76 27.47 -26.84
C5 BMA FA . -23.30 27.09 -26.41
C6 BMA FA . -22.23 27.69 -27.32
O2 BMA FA . -25.66 28.88 -24.31
O3 BMA FA . -27.11 27.28 -26.14
O4 BMA FA . -25.07 26.90 -28.12
O5 BMA FA . -23.04 27.62 -25.03
O6 BMA FA . -22.38 27.25 -28.67
C1 NAG GA . -1.53 24.38 7.80
C2 NAG GA . -2.72 25.43 7.79
C3 NAG GA . -2.15 26.80 7.26
C4 NAG GA . -1.01 27.30 8.20
C5 NAG GA . 0.13 26.19 8.22
C6 NAG GA . 1.28 26.49 9.18
C7 NAG GA . -4.93 24.36 7.32
C8 NAG GA . -5.89 23.76 6.35
N2 NAG GA . -3.78 24.92 6.88
O3 NAG GA . -3.22 27.76 7.21
O4 NAG GA . -0.55 28.57 7.60
O5 NAG GA . -0.45 24.89 8.68
O6 NAG GA . 1.97 25.30 9.56
O7 NAG GA . -5.21 24.35 8.54
C1 NAG GA . 0.03 29.69 8.46
C2 NAG GA . -0.67 29.90 9.89
C3 NAG GA . 0.00 31.15 10.56
C4 NAG GA . 1.55 30.94 10.68
C5 NAG GA . 2.16 30.71 9.23
C6 NAG GA . 3.64 30.38 9.22
C7 NAG GA . -3.06 29.62 10.50
C8 NAG GA . -4.52 29.92 10.23
N2 NAG GA . -2.12 30.15 9.71
O3 NAG GA . -0.56 31.35 11.87
O4 NAG GA . 2.23 31.99 11.47
O5 NAG GA . 1.47 29.54 8.60
O6 NAG GA . 4.10 30.09 7.91
O7 NAG GA . -2.76 28.89 11.46
C1 NAG HA . -8.52 25.30 -9.62
C2 NAG HA . -8.08 26.63 -8.87
C3 NAG HA . -8.01 27.78 -9.93
C4 NAG HA . -7.01 27.41 -11.08
C5 NAG HA . -7.49 26.07 -11.75
C6 NAG HA . -6.56 25.54 -12.83
C7 NAG HA . -8.80 27.21 -6.55
C8 NAG HA . -9.88 27.57 -5.58
N2 NAG HA . -9.10 26.96 -7.84
O3 NAG HA . -7.59 28.98 -9.28
O4 NAG HA . -7.05 28.48 -12.09
O5 NAG HA . -7.58 25.01 -10.71
O6 NAG HA . -5.23 25.32 -12.36
O7 NAG HA . -7.62 27.15 -6.16
C1 NAG HA . -5.77 29.22 -12.35
C2 NAG HA . -5.80 29.78 -13.83
C3 NAG HA . -4.45 30.55 -14.07
C4 NAG HA . -4.28 31.70 -13.01
C5 NAG HA . -4.30 31.07 -11.57
C6 NAG HA . -4.27 32.10 -10.45
C7 NAG HA . -6.88 28.47 -15.67
C8 NAG HA . -6.88 27.26 -16.58
N2 NAG HA . -5.88 28.64 -14.78
O3 NAG HA . -4.47 31.10 -15.40
O4 NAG HA . -2.97 32.35 -13.23
O5 NAG HA . -5.56 30.31 -11.39
O6 NAG HA . -5.50 32.83 -10.38
O7 NAG HA . -7.81 29.28 -15.76
C1 BMA HA . -2.96 33.70 -13.95
C2 BMA HA . -3.14 34.86 -12.89
C3 BMA HA . -3.13 36.22 -13.65
C4 BMA HA . -1.80 36.38 -14.47
C5 BMA HA . -1.69 35.17 -15.47
C6 BMA HA . -0.38 35.19 -16.26
O2 BMA HA . -2.11 34.80 -11.91
O3 BMA HA . -3.24 37.29 -12.69
O4 BMA HA . -1.83 37.62 -15.16
O5 BMA HA . -1.74 33.88 -14.72
O6 BMA HA . -0.24 36.39 -17.03
C1 NAG IA . -19.39 18.33 11.04
C2 NAG IA . -20.83 18.66 11.63
C3 NAG IA . -20.64 19.74 12.76
C4 NAG IA . -19.68 19.20 13.87
C5 NAG IA . -18.29 18.86 13.20
C6 NAG IA . -17.27 18.20 14.13
C7 NAG IA . -23.00 19.04 10.50
C8 NAG IA . -23.79 19.60 9.35
N2 NAG IA . -21.67 19.19 10.54
O3 NAG IA . -21.90 20.10 13.34
O4 NAG IA . -19.53 20.23 14.87
O5 NAG IA . -18.51 17.88 12.11
O6 NAG IA . -17.78 17.02 14.75
O7 NAG IA . -23.60 18.45 11.41
C1 NAG IA . -19.56 19.77 16.31
C2 NAG IA . -18.83 20.85 17.21
C3 NAG IA . -18.85 20.31 18.68
C4 NAG IA . -20.33 20.04 19.15
C5 NAG IA . -20.99 19.00 18.16
C6 NAG IA . -22.47 18.73 18.45
C7 NAG IA . -17.07 21.85 15.74
C8 NAG IA . -15.66 21.89 15.23
N2 NAG IA . -17.42 21.01 16.74
O3 NAG IA . -18.25 21.27 19.56
O4 NAG IA . -20.23 19.46 20.48
O5 NAG IA . -20.92 19.52 16.77
O6 NAG IA . -23.01 17.77 17.54
O7 NAG IA . -17.91 22.62 15.23
C1 BMA IA . -21.23 19.93 21.53
C2 BMA IA . -20.40 20.28 22.83
C3 BMA IA . -21.40 20.71 23.95
C4 BMA IA . -22.26 21.93 23.47
C5 BMA IA . -23.03 21.52 22.16
C6 BMA IA . -23.84 22.67 21.56
O2 BMA IA . -19.42 21.27 22.54
O3 BMA IA . -20.66 21.09 25.12
O4 BMA IA . -23.18 22.28 24.50
O5 BMA IA . -22.05 21.09 21.12
O6 BMA IA . -24.83 23.15 22.46
C1 NAG JA . 7.25 -20.65 -24.09
C2 NAG JA . 7.35 -19.29 -24.91
C3 NAG JA . 7.65 -19.64 -26.39
C4 NAG JA . 8.99 -20.46 -26.52
C5 NAG JA . 8.84 -21.74 -25.64
C6 NAG JA . 10.09 -22.62 -25.61
C7 NAG JA . 5.76 -17.63 -23.98
C8 NAG JA . 4.42 -16.96 -24.03
N2 NAG JA . 6.06 -18.56 -24.88
O3 NAG JA . 7.74 -18.40 -27.09
O4 NAG JA . 9.14 -20.90 -27.90
O5 NAG JA . 8.52 -21.38 -24.23
O6 NAG JA . 11.25 -21.92 -25.20
O7 NAG JA . 6.57 -17.29 -23.11
C1 NAG JA . 10.09 -20.13 -28.78
C2 NAG JA . 10.38 -20.99 -30.05
C3 NAG JA . 11.38 -20.20 -30.97
C4 NAG JA . 10.77 -18.81 -31.34
C5 NAG JA . 10.47 -18.03 -30.04
C6 NAG JA . 9.80 -16.69 -30.35
C7 NAG JA . 10.35 -23.47 -29.83
C8 NAG JA . 10.99 -24.73 -29.31
N2 NAG JA . 10.96 -22.30 -29.63
O3 NAG JA . 11.62 -20.94 -32.17
O4 NAG JA . 11.75 -18.02 -32.08
O5 NAG JA . 9.56 -18.82 -29.16
O6 NAG JA . 8.49 -16.83 -30.92
O7 NAG JA . 9.27 -23.57 -30.44
C1 BMA JA . 11.32 -17.68 -33.42
C2 BMA JA . 12.05 -16.43 -33.91
C3 BMA JA . 11.77 -16.09 -35.36
C4 BMA JA . 12.30 -17.28 -36.11
C5 BMA JA . 11.54 -18.51 -35.69
C6 BMA JA . 12.09 -19.70 -36.46
O2 BMA JA . 13.46 -16.69 -33.84
O3 BMA JA . 12.46 -14.94 -35.84
O4 BMA JA . 12.15 -17.08 -37.52
O5 BMA JA . 11.67 -18.75 -34.28
O6 BMA JA . 13.52 -19.57 -36.53
C1 MAN JA . 11.74 -14.22 -36.88
C2 MAN JA . 12.65 -13.07 -37.41
C3 MAN JA . 12.96 -12.12 -36.27
C4 MAN JA . 11.64 -11.57 -35.74
C5 MAN JA . 10.76 -12.73 -35.26
C6 MAN JA . 9.44 -12.18 -34.81
O2 MAN JA . 11.90 -12.32 -38.40
O3 MAN JA . 13.80 -11.05 -36.70
O4 MAN JA . 11.95 -10.76 -34.63
O5 MAN JA . 10.52 -13.67 -36.34
O6 MAN JA . 9.63 -10.95 -34.15
C1 MAN JA . 12.23 -12.53 -39.89
C2 MAN JA . 12.57 -11.13 -40.52
C3 MAN JA . 11.26 -10.27 -40.54
C4 MAN JA . 10.14 -11.02 -41.33
C5 MAN JA . 9.86 -12.41 -40.64
C6 MAN JA . 8.83 -13.25 -41.37
O2 MAN JA . 13.10 -11.29 -41.84
O3 MAN JA . 11.55 -9.01 -41.17
O4 MAN JA . 8.95 -10.21 -41.31
O5 MAN JA . 11.14 -13.19 -40.60
O6 MAN JA . 8.52 -14.43 -40.62
C1 MAN JA . 14.03 -19.76 -35.21
C2 MAN JA . 15.35 -19.04 -35.03
C3 MAN JA . 16.44 -19.78 -35.80
C4 MAN JA . 16.42 -21.25 -35.46
C5 MAN JA . 15.03 -21.83 -35.65
C6 MAN JA . 14.94 -23.29 -35.27
O2 MAN JA . 15.68 -19.02 -33.65
O3 MAN JA . 17.68 -19.20 -35.39
O4 MAN JA . 17.33 -21.94 -36.31
O5 MAN JA . 14.12 -21.12 -34.82
O6 MAN JA . 14.96 -23.40 -33.85
C1 MAN JA . 18.48 -18.88 -36.54
C2 MAN JA . 19.84 -18.45 -36.02
C3 MAN JA . 19.65 -17.23 -35.13
C4 MAN JA . 19.02 -16.13 -35.96
C5 MAN JA . 17.73 -16.60 -36.61
C6 MAN JA . 17.27 -15.54 -37.59
O2 MAN JA . 20.69 -18.11 -37.11
O3 MAN JA . 20.92 -16.80 -34.64
O4 MAN JA . 18.71 -15.03 -35.10
O5 MAN JA . 17.94 -17.82 -37.33
O6 MAN JA . 17.19 -14.27 -36.92
C1 NAG KA . -11.47 -31.16 -35.57
C2 NAG KA . -11.30 -29.59 -35.80
C3 NAG KA . -12.21 -29.18 -37.01
C4 NAG KA . -11.80 -29.98 -38.30
C5 NAG KA . -11.95 -31.51 -37.99
C6 NAG KA . -11.48 -32.43 -39.11
C7 NAG KA . -10.90 -28.11 -33.83
C8 NAG KA . -11.39 -27.31 -32.66
N2 NAG KA . -11.73 -28.84 -34.59
O3 NAG KA . -12.07 -27.78 -37.25
O4 NAG KA . -12.71 -29.58 -39.37
O5 NAG KA . -11.12 -31.87 -36.81
O6 NAG KA . -10.14 -32.18 -39.51
O7 NAG KA . -9.70 -28.06 -34.09
C1 NAG KA . -12.10 -29.29 -40.73
C2 NAG KA . -13.22 -29.52 -41.83
C3 NAG KA . -12.57 -29.24 -43.23
C4 NAG KA . -12.01 -27.79 -43.29
C5 NAG KA . -10.94 -27.62 -42.15
C6 NAG KA . -10.38 -26.20 -42.07
C7 NAG KA . -14.83 -31.29 -41.14
C8 NAG KA . -15.22 -32.74 -41.11
N2 NAG KA . -13.71 -30.92 -41.78
O3 NAG KA . -13.57 -29.41 -44.26
O4 NAG KA . -11.42 -27.56 -44.57
O5 NAG KA . -11.56 -27.92 -40.82
O6 NAG KA . -9.74 -25.80 -43.28
O7 NAG KA . -15.56 -30.47 -40.57
C1 NAG LA . -31.04 0.34 -9.80
C2 NAG LA . -31.20 1.20 -8.47
C3 NAG LA . -32.71 1.53 -8.30
C4 NAG LA . -33.26 2.33 -9.53
C5 NAG LA . -33.00 1.45 -10.80
C6 NAG LA . -33.44 2.12 -12.10
C7 NAG LA . -29.55 0.46 -6.78
C8 NAG LA . -29.21 -0.39 -5.59
N2 NAG LA . -30.78 0.42 -7.30
O3 NAG LA . -32.81 2.30 -7.09
O4 NAG LA . -34.70 2.46 -9.40
O5 NAG LA . -31.55 1.12 -10.93
O6 NAG LA . -32.85 3.39 -12.31
O7 NAG LA . -28.67 1.18 -7.27
C1 NAG LA . -35.23 3.79 -8.91
C2 NAG LA . -36.78 3.83 -9.20
C3 NAG LA . -37.33 5.22 -8.72
C4 NAG LA . -37.03 5.40 -7.19
C5 NAG LA . -35.50 5.30 -6.96
C6 NAG LA . -35.17 5.40 -5.47
C7 NAG LA . -37.63 2.60 -11.19
C8 NAG LA . -37.74 2.48 -12.69
N2 NAG LA . -36.99 3.65 -10.66
O3 NAG LA . -38.75 5.27 -8.92
O4 NAG LA . -37.42 6.73 -6.77
O5 NAG LA . -34.99 4.01 -7.48
O6 NAG LA . -35.65 4.29 -4.71
O7 NAG LA . -38.15 1.72 -10.49
C1 BMA LA . -38.46 6.75 -5.76
C2 BMA LA . -38.43 8.05 -4.96
C3 BMA LA . -39.56 8.18 -3.97
C4 BMA LA . -40.78 8.20 -4.84
C5 BMA LA . -40.87 6.89 -5.59
C6 BMA LA . -42.12 6.93 -6.46
O2 BMA LA . -38.56 9.13 -5.88
O3 BMA LA . -39.55 9.40 -3.22
O4 BMA LA . -41.96 8.39 -4.05
O5 BMA LA . -39.72 6.67 -6.40
O6 BMA LA . -42.22 8.24 -7.04
C1 MAN LA . -40.13 9.28 -1.90
C2 MAN LA . -40.19 10.69 -1.24
C3 MAN LA . -38.76 11.22 -1.12
C4 MAN LA . -37.97 10.26 -0.27
C5 MAN LA . -37.97 8.88 -0.92
C6 MAN LA . -37.23 7.92 -0.04
O2 MAN LA . -40.70 10.55 0.10
O3 MAN LA . -38.76 12.54 -0.54
O4 MAN LA . -36.64 10.73 -0.23
O5 MAN LA . -39.33 8.40 -1.09
O6 MAN LA . -36.12 8.55 0.57
C1 MAN LA . -42.15 10.97 0.37
C2 MAN LA . -42.15 12.03 1.55
C3 MAN LA . -41.72 11.30 2.85
C4 MAN LA . -42.66 10.09 3.16
C5 MAN LA . -42.62 9.09 1.94
C6 MAN LA . -43.57 7.92 2.09
O2 MAN LA . -43.45 12.62 1.69
O3 MAN LA . -41.76 12.24 3.95
O4 MAN LA . -42.21 9.44 4.35
O5 MAN LA . -43.01 9.82 0.70
O6 MAN LA . -43.37 6.97 1.04
C1 MAN LA . -41.14 8.39 -7.98
C2 MAN LA . -40.78 9.85 -8.14
C3 MAN LA . -41.85 10.57 -8.94
C4 MAN LA . -42.17 9.80 -10.20
C5 MAN LA . -42.49 8.34 -9.87
C6 MAN LA . -42.77 7.52 -11.12
O2 MAN LA . -39.53 9.92 -8.83
O3 MAN LA . -41.33 11.85 -9.27
O4 MAN LA . -43.30 10.40 -10.84
O5 MAN LA . -41.38 7.76 -9.22
O6 MAN LA . -41.53 7.27 -11.79
C1 MAN LA . -42.27 12.88 -8.95
C2 MAN LA . -41.72 14.17 -9.49
C3 MAN LA . -40.39 14.46 -8.83
C4 MAN LA . -40.61 14.55 -7.33
C5 MAN LA . -41.32 13.32 -6.80
C6 MAN LA . -41.71 13.56 -5.34
O2 MAN LA . -42.62 15.24 -9.21
O3 MAN LA . -39.85 15.68 -9.31
O4 MAN LA . -39.35 14.66 -6.67
O5 MAN LA . -42.49 13.03 -7.55
O6 MAN LA . -40.56 13.99 -4.60
C1 NAG MA . -44.59 -19.05 -4.08
C2 NAG MA . -44.14 -18.13 -2.86
C3 NAG MA . -44.99 -18.54 -1.60
C4 NAG MA . -46.52 -18.36 -1.90
C5 NAG MA . -46.89 -19.26 -3.14
C6 NAG MA . -48.32 -19.11 -3.62
C7 NAG MA . -41.76 -17.40 -2.70
C8 NAG MA . -40.32 -17.64 -2.31
N2 NAG MA . -42.70 -18.35 -2.55
O3 NAG MA . -44.62 -17.72 -0.50
O4 NAG MA . -47.25 -18.79 -0.71
O5 NAG MA . -46.03 -18.89 -4.29
O6 NAG MA . -48.67 -17.76 -3.93
O7 NAG MA . -42.05 -16.29 -3.15
C1 NAG MA . -48.40 -17.92 -0.24
C2 NAG MA . -49.40 -18.82 0.58
C3 NAG MA . -50.61 -17.90 1.03
C4 NAG MA . -50.07 -16.72 1.90
C5 NAG MA . -49.05 -15.89 1.04
C6 NAG MA . -48.40 -14.75 1.84
C7 NAG MA . -49.43 -21.16 -0.29
C8 NAG MA . -50.00 -22.19 -1.22
N2 NAG MA . -49.92 -19.91 -0.29
O3 NAG MA . -51.53 -18.69 1.80
O4 NAG MA . -51.17 -15.90 2.29
O5 NAG MA . -47.94 -16.78 0.58
O6 NAG MA . -49.37 -13.82 2.32
O7 NAG MA . -48.52 -21.50 0.48
C1 NAG NA . -18.34 -19.31 26.36
C2 NAG NA . -19.77 -19.66 25.73
C3 NAG NA . -20.72 -18.43 25.97
C4 NAG NA . -20.83 -18.13 27.51
C5 NAG NA . -19.39 -17.82 28.06
C6 NAG NA . -19.36 -17.58 29.57
C7 NAG NA . -19.51 -21.05 23.66
C8 NAG NA . -19.35 -21.12 22.17
N2 NAG NA . -19.64 -19.85 24.25
O3 NAG NA . -22.03 -18.73 25.47
O4 NAG NA . -21.69 -17.01 27.69
O5 NAG NA . -18.50 -18.98 27.78
O6 NAG NA . -20.16 -16.46 29.95
O7 NAG NA . -19.51 -22.11 24.32
C1 NAG OA . -16.92 -33.66 27.48
C2 NAG OA . -18.12 -33.42 28.52
C3 NAG OA . -17.51 -33.21 29.95
C4 NAG OA . -16.67 -34.46 30.35
C5 NAG OA . -15.53 -34.67 29.29
C6 NAG OA . -14.70 -35.93 29.55
C7 NAG OA . -20.09 -32.26 27.53
C8 NAG OA . -20.75 -30.99 27.08
N2 NAG OA . -18.89 -32.20 28.13
O3 NAG OA . -18.57 -33.02 30.91
O4 NAG OA . -16.12 -34.23 31.66
O5 NAG OA . -16.13 -34.82 27.94
O6 NAG OA . -13.69 -36.11 28.57
O7 NAG OA . -20.68 -33.33 27.34
C1 NAG PA . 16.78 -29.15 -16.49
C2 NAG PA . 16.17 -30.47 -15.81
C3 NAG PA . 16.98 -30.75 -14.49
C4 NAG PA . 18.50 -30.94 -14.81
C5 NAG PA . 19.03 -29.64 -15.51
C6 NAG PA . 20.49 -29.73 -15.95
C7 NAG PA . 13.68 -30.57 -16.18
C8 NAG PA . 12.30 -30.23 -15.71
N2 NAG PA . 14.75 -30.21 -15.43
O3 NAG PA . 16.48 -31.95 -13.87
O4 NAG PA . 19.20 -31.20 -13.60
O5 NAG PA . 18.22 -29.37 -16.73
O6 NAG PA . 21.36 -29.95 -14.84
O7 NAG PA . 13.84 -31.18 -17.25
C1 NAG QA . 11.58 -34.87 -28.72
C2 NAG QA . 12.70 -35.96 -28.36
C3 NAG QA . 14.03 -35.56 -29.07
C4 NAG QA . 13.81 -35.48 -30.61
C5 NAG QA . 12.68 -34.42 -30.91
C6 NAG QA . 12.32 -34.34 -32.40
C7 NAG QA . 12.43 -36.96 -26.09
C8 NAG QA . 12.62 -36.88 -24.60
N2 NAG QA . 12.91 -35.99 -26.89
O3 NAG QA . 15.05 -36.53 -28.80
O4 NAG QA . 15.03 -35.09 -31.24
O5 NAG QA . 11.43 -34.80 -30.19
O6 NAG QA . 11.28 -33.38 -32.63
O7 NAG QA . 11.84 -37.95 -26.56
C1 NAG RA . -28.46 3.41 -24.12
C2 NAG RA . -28.36 2.15 -25.10
C3 NAG RA . -27.36 2.52 -26.25
C4 NAG RA . -27.84 3.80 -27.01
C5 NAG RA . -27.94 4.98 -25.99
C6 NAG RA . -28.48 6.27 -26.60
C7 NAG RA . -28.58 0.01 -23.82
C8 NAG RA . -27.91 -1.12 -23.05
N2 NAG RA . -27.82 0.98 -24.35
O3 NAG RA . -27.27 1.42 -27.18
O4 NAG RA . -26.90 4.09 -28.04
O5 NAG RA . -28.87 4.60 -24.89
O6 NAG RA . -27.64 6.75 -27.65
O7 NAG RA . -29.82 0.02 -23.92
C1 NAG SA . -41.58 -1.87 -21.04
C2 NAG SA . -41.79 -1.48 -22.58
C3 NAG SA . -42.36 -0.02 -22.64
C4 NAG SA . -43.70 0.07 -21.84
C5 NAG SA . -43.44 -0.36 -20.36
C6 NAG SA . -44.72 -0.40 -19.51
C7 NAG SA . -40.16 -2.54 -24.14
C8 NAG SA . -38.79 -2.57 -24.76
N2 NAG SA . -40.49 -1.54 -23.30
O3 NAG SA . -42.59 0.36 -24.01
O4 NAG SA . -44.18 1.41 -21.91
O5 NAG SA . -42.86 -1.74 -20.33
O6 NAG SA . -44.45 -0.82 -18.18
O7 NAG SA . -40.96 -3.44 -24.42
C1 MAN TA . -29.61 28.40 3.65
C2 MAN TA . -30.05 26.86 3.60
C3 MAN TA . -31.50 26.70 4.17
C4 MAN TA . -31.57 27.28 5.61
C5 MAN TA . -31.13 28.79 5.57
C6 MAN TA . -31.20 29.46 6.93
O2 MAN TA . -29.14 26.06 4.34
O3 MAN TA . -31.83 25.32 4.19
O4 MAN TA . -32.91 27.15 6.08
O5 MAN TA . -29.72 28.90 5.04
O6 MAN TA . -32.55 29.60 7.35
C1 MAN UA . 17.45 -12.88 35.01
C2 MAN UA . 16.77 -13.98 34.08
C3 MAN UA . 17.32 -15.41 34.44
C4 MAN UA . 18.86 -15.42 34.33
C5 MAN UA . 19.45 -14.31 35.29
C6 MAN UA . 20.96 -14.28 35.30
O2 MAN UA . 17.04 -13.69 32.70
O3 MAN UA . 16.77 -16.35 33.52
O4 MAN UA . 19.33 -16.72 34.71
O5 MAN UA . 18.91 -12.96 34.90
O6 MAN UA . 21.50 -15.45 35.91
C1 MAN VA . 24.87 3.57 -32.63
C2 MAN VA . 23.61 2.61 -32.77
C3 MAN VA . 23.29 2.36 -34.28
C4 MAN VA . 23.08 3.71 -35.01
C5 MAN VA . 24.38 4.58 -34.83
C6 MAN VA . 24.30 5.91 -35.55
O2 MAN VA . 22.48 3.20 -32.12
O3 MAN VA . 22.09 1.58 -34.37
O4 MAN VA . 22.83 3.44 -36.39
O5 MAN VA . 24.64 4.82 -33.37
O6 MAN VA . 24.31 5.73 -36.96
#